data_8XLR
#
_entry.id   8XLR
#
_cell.length_a   1.00
_cell.length_b   1.00
_cell.length_c   1.00
_cell.angle_alpha   90.00
_cell.angle_beta   90.00
_cell.angle_gamma   90.00
#
_symmetry.space_group_name_H-M   'P 1'
#
loop_
_entity.id
_entity.type
_entity.pdbx_description
1 polymer Anoctamin-1
2 non-polymer 2-acetamido-2-deoxy-beta-D-glucopyranose
3 non-polymer TETRADECANE
4 non-polymer 'CALCIUM ION'
5 non-polymer Tamsulosin
6 non-polymer HEXANE
#
_entity_poly.entity_id   1
_entity_poly.type   'polypeptide(L)'
_entity_poly.pdbx_seq_one_letter_code
;MRVPEKYSTLPAEDRSVHIVNICAIEDLGYLPSEGTLLNSLSVDPDAECKYGLYFRDGKRKVDYILVYHHKRASGSRTLA
RRGLQNDMVLGTRSVRQDQPLPGKGSPVDAGSPEVPMDYHEDDKRFRREEYEGNLLEAGLELENDEDTKIHGVGFVKIHA
PWHVLCREAEFLKLKMPTKKVYHISETRGLLKTINSVLQKITDPIQPKVAEHRPQTTKRLSYPFSREKQHLFDLTDRDSF
FDSKTRSTIVYEILKRTTCTKAKYSMGITSLLANGVYSAAYPLHDGDYEGDNVEFNDRKLLYEEWASYGVFYKYQPIDLV
RKYFGEKVGLYFAWLGAYTQMLIPASIVGVIVFLYGCATVDENIPSMEMCDQRYNITMCPLCDKTCSYWKMSSACATARA
SHLFDNPATVFFSVFMALWAATFMEHWKRKQMRLNYRWDLTGFEEEEEAVKDHPRAEYEARVLEKSLRKESRNKETDKVK
LTWRDRFPAYFTNLVSIIFMIAVTFAIVLGVIIYRISTAAALAMNSSPSVRSNIRVTVTATAVIINLVVIILLDEVYGCI
ARWLTKIEVPKTEKSFEERLTFKAFLLKFVNSYTPIFYVAFFKGRFVGRPGDYVYIFRSFRMEECAPGGCLMELCIQLSI
IMLGKQLIQNNLFEIGIPKMKKFIRYLKLRRQSPSDREEYVKRKQRYEVDFNLEPFAGLTPEYMEMIIQFGFVTLFVASF
PLAPLFALLNNIIEIRLDAKKFVTELRRPVAIRAKDIGIWYNILRGVGKLAVIINAFVISFTSDFIPRLVYLYMYSQNGT
MHGFVNHTLSSFNVSDFQNGTAPNDPLDLGYEVQICRYKDYREPPWSEHKYDISKDFWAVLAARLAFVIVFQNLVMFMSD
FVDWVIPDIPKDISQQIHKEKVLMVELFMREEQGKQQLLDTWMEKEKPRDVPCNNHSPTTHPEAGDGSPVPSYEYHGDAL
;
_entity_poly.pdbx_strand_id   A,B
#
loop_
_chem_comp.id
_chem_comp.type
_chem_comp.name
_chem_comp.formula
C14 non-polymer TETRADECANE 'C14 H30'
CA non-polymer 'CALCIUM ION' 'Ca 2'
HEX non-polymer HEXANE 'C6 H14'
JGX non-polymer Tamsulosin 'C20 H28 N2 O5 S'
NAG D-saccharide, beta linking 2-acetamido-2-deoxy-beta-D-glucopyranose 'C8 H15 N O6'
#
# COMPACT_ATOMS: atom_id res chain seq x y z
N ALA A 47 47.73 -38.12 -15.79
CA ALA A 47 48.86 -37.80 -16.64
C ALA A 47 48.43 -37.04 -17.89
N GLU A 48 48.07 -37.79 -18.93
CA GLU A 48 47.62 -37.20 -20.19
C GLU A 48 46.16 -36.79 -20.15
N CYS A 49 45.42 -37.17 -19.12
CA CYS A 49 44.01 -36.81 -18.99
C CYS A 49 43.79 -35.58 -18.12
N LYS A 50 44.86 -34.93 -17.68
CA LYS A 50 44.78 -33.81 -16.73
C LYS A 50 43.95 -34.17 -15.51
N TYR A 51 44.14 -35.40 -15.02
CA TYR A 51 43.58 -35.86 -13.75
C TYR A 51 42.06 -35.84 -13.76
N GLY A 52 41.48 -36.49 -14.77
CA GLY A 52 40.05 -36.72 -14.82
C GLY A 52 39.20 -35.61 -15.38
N LEU A 53 39.79 -34.47 -15.76
CA LEU A 53 38.99 -33.38 -16.32
C LEU A 53 38.48 -33.72 -17.70
N TYR A 54 39.28 -34.40 -18.51
CA TYR A 54 38.91 -34.80 -19.86
C TYR A 54 38.73 -36.31 -19.92
N PHE A 55 38.23 -36.78 -21.05
CA PHE A 55 38.04 -38.22 -21.27
C PHE A 55 39.39 -38.90 -21.53
N ARG A 56 39.34 -40.20 -21.80
CA ARG A 56 40.56 -40.93 -22.07
C ARG A 56 41.23 -40.45 -23.35
N ASP A 57 40.44 -40.11 -24.37
CA ASP A 57 41.03 -39.61 -25.61
C ASP A 57 41.65 -38.22 -25.43
N GLY A 58 41.16 -37.46 -24.46
CA GLY A 58 41.71 -36.15 -24.18
C GLY A 58 41.07 -34.98 -24.90
N LYS A 59 39.88 -35.19 -25.50
CA LYS A 59 39.21 -34.12 -26.22
C LYS A 59 37.76 -33.91 -25.82
N ARG A 60 37.26 -34.67 -24.84
CA ARG A 60 35.88 -34.54 -24.39
C ARG A 60 35.86 -34.12 -22.92
N LYS A 61 35.16 -33.03 -22.63
CA LYS A 61 35.14 -32.44 -21.30
C LYS A 61 33.95 -32.97 -20.52
N VAL A 62 34.21 -33.36 -19.26
CA VAL A 62 33.14 -33.87 -18.41
C VAL A 62 32.29 -32.70 -17.93
N ASP A 63 30.98 -32.80 -18.15
CA ASP A 63 30.04 -31.76 -17.75
C ASP A 63 29.18 -32.14 -16.55
N TYR A 64 29.08 -33.42 -16.23
CA TYR A 64 28.30 -33.87 -15.08
C TYR A 64 28.81 -35.26 -14.67
N ILE A 65 28.56 -35.60 -13.41
CA ILE A 65 29.06 -36.85 -12.85
C ILE A 65 27.94 -37.50 -12.03
N LEU A 66 27.66 -38.77 -12.31
CA LEU A 66 26.67 -39.55 -11.58
C LEU A 66 27.37 -40.71 -10.89
N VAL A 67 27.03 -40.93 -9.62
CA VAL A 67 27.64 -41.99 -8.83
C VAL A 67 26.55 -42.92 -8.31
N TYR A 68 26.76 -44.22 -8.46
CA TYR A 68 25.85 -45.23 -7.97
C TYR A 68 26.58 -46.16 -7.00
N HIS A 69 25.80 -46.82 -6.13
CA HIS A 69 26.35 -47.72 -5.13
C HIS A 69 26.32 -49.14 -5.67
N HIS A 70 27.37 -49.49 -6.42
CA HIS A 70 27.48 -50.82 -7.02
C HIS A 70 28.30 -51.71 -6.07
N LYS A 71 27.60 -52.27 -5.09
CA LYS A 71 28.24 -53.14 -4.13
C LYS A 71 28.68 -54.44 -4.80
N ARG A 72 29.84 -54.95 -4.38
CA ARG A 72 30.39 -56.18 -4.94
C ARG A 72 29.59 -57.40 -4.47
N ASP A 118 18.75 -60.20 -3.54
CA ASP A 118 19.42 -59.29 -4.46
C ASP A 118 18.51 -58.93 -5.64
N TYR A 119 17.23 -59.30 -5.52
CA TYR A 119 16.28 -59.01 -6.59
C TYR A 119 16.09 -57.51 -6.77
N HIS A 120 16.01 -56.76 -5.66
CA HIS A 120 15.88 -55.32 -5.76
C HIS A 120 17.11 -54.69 -6.38
N GLU A 121 18.30 -55.24 -6.11
CA GLU A 121 19.50 -54.74 -6.75
C GLU A 121 19.45 -54.95 -8.26
N ASP A 122 18.96 -56.12 -8.70
CA ASP A 122 18.82 -56.37 -10.13
C ASP A 122 17.80 -55.42 -10.75
N ASP A 123 16.71 -55.16 -10.04
CA ASP A 123 15.71 -54.21 -10.54
C ASP A 123 16.30 -52.81 -10.69
N LYS A 124 17.08 -52.37 -9.70
CA LYS A 124 17.73 -51.06 -9.78
C LYS A 124 18.73 -51.02 -10.92
N ARG A 125 19.46 -52.12 -11.13
CA ARG A 125 20.39 -52.19 -12.24
C ARG A 125 19.67 -52.08 -13.58
N PHE A 126 18.53 -52.77 -13.70
CA PHE A 126 17.74 -52.69 -14.94
C PHE A 126 17.22 -51.28 -15.16
N ARG A 127 16.75 -50.63 -14.09
CA ARG A 127 16.26 -49.26 -14.22
C ARG A 127 17.37 -48.31 -14.64
N ARG A 128 18.52 -48.41 -13.98
CA ARG A 128 19.68 -47.58 -14.40
C ARG A 128 19.93 -47.83 -15.87
N GLU A 129 20.08 -49.10 -16.28
CA GLU A 129 20.42 -49.41 -17.66
C GLU A 129 19.42 -48.77 -18.62
N GLU A 130 18.13 -48.82 -18.29
CA GLU A 130 17.12 -48.17 -19.11
C GLU A 130 17.32 -46.66 -19.14
N TYR A 131 17.67 -46.07 -18.00
CA TYR A 131 17.95 -44.64 -17.96
C TYR A 131 19.16 -44.28 -18.82
N GLU A 132 20.21 -45.09 -18.76
CA GLU A 132 21.39 -44.85 -19.60
C GLU A 132 21.04 -45.00 -21.07
N GLY A 133 20.19 -45.97 -21.42
CA GLY A 133 19.75 -46.09 -22.81
C GLY A 133 18.97 -44.88 -23.27
N ASN A 134 18.08 -44.36 -22.42
CA ASN A 134 17.35 -43.15 -22.77
C ASN A 134 18.30 -41.97 -22.94
N LEU A 135 19.30 -41.85 -22.07
CA LEU A 135 20.28 -40.77 -22.21
C LEU A 135 21.07 -40.91 -23.50
N LEU A 136 21.43 -42.13 -23.88
CA LEU A 136 22.10 -42.35 -25.16
C LEU A 136 21.21 -41.99 -26.33
N GLU A 137 19.92 -42.29 -26.24
CA GLU A 137 18.98 -41.85 -27.27
C GLU A 137 18.90 -40.33 -27.33
N ALA A 138 19.05 -39.66 -26.19
CA ALA A 138 19.03 -38.20 -26.18
C ALA A 138 20.22 -37.61 -26.94
N GLY A 139 21.39 -38.26 -26.89
CA GLY A 139 22.55 -37.77 -27.61
C GLY A 139 23.74 -37.45 -26.73
N LEU A 140 23.86 -38.15 -25.60
CA LEU A 140 24.93 -37.90 -24.64
C LEU A 140 25.90 -39.08 -24.62
N GLU A 141 27.19 -38.75 -24.63
CA GLU A 141 28.23 -39.77 -24.52
C GLU A 141 28.34 -40.27 -23.08
N LEU A 142 28.58 -41.57 -22.94
CA LEU A 142 28.53 -42.25 -21.65
C LEU A 142 29.83 -43.00 -21.39
N GLU A 143 30.23 -43.08 -20.13
CA GLU A 143 31.46 -43.75 -19.75
C GLU A 143 31.35 -44.18 -18.30
N ASN A 144 32.02 -45.29 -17.96
CA ASN A 144 31.98 -45.83 -16.61
C ASN A 144 33.39 -46.11 -16.11
N ASP A 145 33.58 -45.96 -14.80
CA ASP A 145 34.84 -46.28 -14.14
C ASP A 145 34.54 -47.05 -12.86
N GLU A 146 35.22 -48.19 -12.70
CA GLU A 146 34.93 -49.12 -11.61
C GLU A 146 36.14 -49.46 -10.76
N ASP A 147 37.31 -48.91 -11.05
CA ASP A 147 38.55 -49.22 -10.33
C ASP A 147 38.93 -48.00 -9.49
N THR A 148 38.48 -47.98 -8.24
CA THR A 148 38.80 -46.91 -7.30
C THR A 148 39.15 -47.53 -5.95
N LYS A 149 39.88 -46.76 -5.14
CA LYS A 149 40.24 -47.22 -3.81
C LYS A 149 39.02 -47.38 -2.92
N ILE A 150 38.05 -46.47 -3.04
CA ILE A 150 36.83 -46.54 -2.25
C ILE A 150 36.04 -47.78 -2.65
N HIS A 151 35.43 -48.44 -1.68
CA HIS A 151 34.75 -49.70 -1.91
C HIS A 151 33.31 -49.48 -2.36
N GLY A 152 32.91 -50.23 -3.40
CA GLY A 152 31.53 -50.25 -3.83
C GLY A 152 30.99 -48.94 -4.36
N VAL A 153 31.75 -48.27 -5.23
CA VAL A 153 31.34 -47.00 -5.82
C VAL A 153 31.69 -47.01 -7.30
N GLY A 154 30.77 -46.53 -8.12
CA GLY A 154 31.01 -46.39 -9.54
C GLY A 154 30.65 -45.00 -10.02
N PHE A 155 31.47 -44.48 -10.93
CA PHE A 155 31.31 -43.12 -11.43
C PHE A 155 30.93 -43.16 -12.91
N VAL A 156 30.07 -42.21 -13.30
CA VAL A 156 29.57 -42.11 -14.67
C VAL A 156 29.86 -40.71 -15.17
N LYS A 157 30.38 -40.62 -16.40
CA LYS A 157 30.74 -39.34 -17.02
C LYS A 157 29.76 -39.00 -18.13
N ILE A 158 29.41 -37.72 -18.22
CA ILE A 158 28.47 -37.21 -19.21
C ILE A 158 29.14 -36.13 -20.04
N HIS A 159 28.91 -36.16 -21.35
CA HIS A 159 29.48 -35.19 -22.27
C HIS A 159 28.41 -34.78 -23.27
N ALA A 160 28.53 -33.55 -23.78
CA ALA A 160 27.54 -32.99 -24.70
C ALA A 160 28.21 -32.50 -25.97
N PRO A 161 27.65 -32.82 -27.13
CA PRO A 161 28.22 -32.38 -28.40
C PRO A 161 27.81 -30.94 -28.71
N TRP A 162 28.29 -30.45 -29.86
CA TRP A 162 28.06 -29.05 -30.24
C TRP A 162 26.62 -28.83 -30.71
N HIS A 163 26.09 -29.73 -31.54
CA HIS A 163 24.75 -29.54 -32.07
C HIS A 163 23.70 -29.59 -30.97
N VAL A 164 23.89 -30.47 -29.99
CA VAL A 164 22.97 -30.54 -28.86
C VAL A 164 22.97 -29.21 -28.10
N LEU A 165 24.17 -28.65 -27.87
CA LEU A 165 24.26 -27.36 -27.19
C LEU A 165 23.56 -26.27 -27.99
N CYS A 166 23.78 -26.24 -29.31
CA CYS A 166 23.14 -25.21 -30.13
C CYS A 166 21.62 -25.33 -30.10
N ARG A 167 21.10 -26.56 -30.22
CA ARG A 167 19.65 -26.76 -30.21
C ARG A 167 19.04 -26.38 -28.88
N GLU A 168 19.68 -26.79 -27.77
CA GLU A 168 19.12 -26.49 -26.46
C GLU A 168 19.27 -25.00 -26.11
N ALA A 169 20.27 -24.33 -26.67
CA ALA A 169 20.39 -22.89 -26.46
C ALA A 169 19.36 -22.13 -27.28
N GLU A 170 19.07 -22.60 -28.50
CA GLU A 170 18.05 -21.94 -29.31
C GLU A 170 16.65 -22.22 -28.78
N PHE A 171 16.47 -23.34 -28.06
CA PHE A 171 15.16 -23.62 -27.48
C PHE A 171 14.79 -22.60 -26.42
N LEU A 172 15.74 -22.24 -25.57
CA LEU A 172 15.53 -21.24 -24.53
C LEU A 172 15.84 -19.84 -25.06
N LYS A 173 15.52 -18.84 -24.24
CA LYS A 173 15.80 -17.44 -24.57
C LYS A 173 17.14 -17.07 -23.96
N LEU A 174 18.21 -17.31 -24.72
CA LEU A 174 19.57 -17.04 -24.29
C LEU A 174 20.16 -15.93 -25.14
N LYS A 175 20.71 -14.91 -24.48
CA LYS A 175 21.27 -13.75 -25.15
C LYS A 175 22.78 -13.83 -25.15
N MET A 176 23.39 -13.48 -26.29
CA MET A 176 24.83 -13.56 -26.47
C MET A 176 25.35 -12.24 -27.02
N PRO A 177 26.61 -11.91 -26.75
CA PRO A 177 27.17 -10.65 -27.27
C PRO A 177 27.25 -10.65 -28.79
N THR A 178 27.20 -9.45 -29.35
CA THR A 178 27.20 -9.24 -30.79
C THR A 178 28.31 -8.25 -31.15
N LYS A 179 28.76 -8.31 -32.41
CA LYS A 179 29.86 -7.47 -32.86
C LYS A 179 29.49 -5.99 -32.88
N LYS A 180 28.20 -5.64 -32.84
CA LYS A 180 27.81 -4.24 -32.87
C LYS A 180 28.28 -3.53 -31.61
N VAL A 181 28.92 -2.37 -31.80
CA VAL A 181 29.50 -1.59 -30.71
C VAL A 181 29.02 -0.15 -30.82
N TYR A 182 28.60 0.42 -29.69
CA TYR A 182 28.19 1.82 -29.63
C TYR A 182 28.92 2.51 -28.49
N HIS A 183 28.99 3.83 -28.57
CA HIS A 183 29.58 4.63 -27.50
C HIS A 183 28.52 4.92 -26.44
N ILE A 184 28.95 4.97 -25.18
CA ILE A 184 28.03 5.22 -24.08
C ILE A 184 27.51 6.64 -24.15
N SER A 185 26.19 6.79 -24.18
CA SER A 185 25.56 8.10 -24.25
C SER A 185 24.16 8.06 -23.65
N LEU A 190 30.76 20.36 -12.77
CA LEU A 190 29.64 20.53 -11.87
C LEU A 190 29.31 19.24 -11.13
N LEU A 191 28.32 18.51 -11.64
CA LEU A 191 27.97 17.23 -11.04
C LEU A 191 28.95 16.13 -11.41
N LYS A 192 29.55 16.21 -12.60
CA LYS A 192 30.48 15.18 -13.05
C LYS A 192 31.84 15.31 -12.38
N THR A 193 32.26 16.53 -12.03
CA THR A 193 33.55 16.70 -11.39
C THR A 193 33.56 16.10 -9.98
N ILE A 194 32.41 16.09 -9.30
CA ILE A 194 32.33 15.44 -8.00
C ILE A 194 32.56 13.93 -8.14
N ASN A 195 31.93 13.32 -9.15
CA ASN A 195 32.16 11.90 -9.41
C ASN A 195 33.62 11.64 -9.79
N SER A 196 34.21 12.53 -10.58
CA SER A 196 35.62 12.37 -10.93
C SER A 196 36.51 12.44 -9.69
N VAL A 197 36.24 13.38 -8.79
CA VAL A 197 37.04 13.51 -7.58
C VAL A 197 36.89 12.27 -6.70
N LEU A 198 35.65 11.79 -6.52
CA LEU A 198 35.46 10.61 -5.69
C LEU A 198 36.07 9.37 -6.33
N GLN A 199 36.10 9.31 -7.66
CA GLN A 199 36.81 8.21 -8.33
C GLN A 199 38.31 8.30 -8.11
N LYS A 200 38.85 9.52 -8.11
CA LYS A 200 40.27 9.70 -7.80
C LYS A 200 40.58 9.26 -6.38
N ILE A 201 39.70 9.60 -5.43
CA ILE A 201 39.96 9.29 -4.02
C ILE A 201 39.81 7.79 -3.77
N THR A 202 38.77 7.18 -4.33
CA THR A 202 38.44 5.78 -4.04
C THR A 202 39.27 4.79 -4.86
N ASP A 203 40.40 5.22 -5.43
CA ASP A 203 41.22 4.31 -6.22
C ASP A 203 41.84 3.19 -5.40
N PRO A 204 42.50 3.43 -4.27
CA PRO A 204 43.23 2.34 -3.59
C PRO A 204 42.32 1.22 -3.05
N ILE A 205 41.02 1.47 -2.89
CA ILE A 205 40.15 0.47 -2.28
C ILE A 205 39.49 -0.45 -3.31
N GLN A 206 39.66 -0.20 -4.60
CA GLN A 206 39.05 -1.05 -5.60
C GLN A 206 39.86 -2.34 -5.80
N PRO A 207 39.19 -3.46 -6.04
CA PRO A 207 39.92 -4.71 -6.30
C PRO A 207 40.59 -4.70 -7.66
N LYS A 208 41.57 -5.58 -7.81
CA LYS A 208 42.39 -5.66 -9.02
C LYS A 208 41.84 -6.78 -9.91
N VAL A 209 40.87 -6.43 -10.75
CA VAL A 209 40.30 -7.36 -11.72
C VAL A 209 40.17 -6.66 -13.07
N ALA A 210 40.02 -7.46 -14.12
CA ALA A 210 39.96 -6.92 -15.47
C ALA A 210 38.68 -6.13 -15.72
N GLU A 211 37.55 -6.61 -15.19
CA GLU A 211 36.28 -5.96 -15.45
C GLU A 211 36.18 -4.58 -14.83
N HIS A 212 36.92 -4.30 -13.75
CA HIS A 212 36.85 -3.01 -13.10
C HIS A 212 37.46 -1.88 -13.93
N ARG A 213 38.18 -2.21 -14.99
CA ARG A 213 38.70 -1.17 -15.88
C ARG A 213 37.54 -0.48 -16.58
N PRO A 214 37.50 0.86 -16.61
CA PRO A 214 36.36 1.55 -17.22
C PRO A 214 36.24 1.22 -18.71
N GLN A 215 35.00 1.11 -19.17
CA GLN A 215 34.68 0.77 -20.55
C GLN A 215 33.67 1.80 -21.07
N THR A 216 34.09 2.59 -22.06
CA THR A 216 33.23 3.59 -22.66
C THR A 216 32.38 3.05 -23.80
N THR A 217 32.59 1.79 -24.20
CA THR A 217 31.83 1.16 -25.27
C THR A 217 31.30 -0.19 -24.79
N LYS A 218 30.05 -0.48 -25.13
CA LYS A 218 29.41 -1.73 -24.73
C LYS A 218 28.79 -2.39 -25.96
N ARG A 219 28.97 -3.70 -26.06
CA ARG A 219 28.49 -4.45 -27.21
C ARG A 219 26.99 -4.74 -27.07
N LEU A 220 26.39 -5.18 -28.18
CA LEU A 220 24.97 -5.50 -28.21
C LEU A 220 24.74 -6.91 -27.69
N SER A 221 23.48 -7.34 -27.73
CA SER A 221 23.11 -8.68 -27.28
C SER A 221 21.77 -9.04 -27.92
N TYR A 222 21.73 -10.17 -28.60
CA TYR A 222 20.53 -10.63 -29.30
C TYR A 222 20.31 -12.11 -29.02
N PRO A 223 19.05 -12.54 -28.98
CA PRO A 223 18.76 -13.97 -28.86
C PRO A 223 19.53 -14.81 -29.87
N PHE A 224 20.04 -15.95 -29.40
CA PHE A 224 20.80 -16.86 -30.24
C PHE A 224 19.87 -17.90 -30.86
N SER A 225 20.05 -18.16 -32.15
CA SER A 225 19.22 -19.12 -32.86
C SER A 225 19.99 -19.69 -34.03
N ARG A 226 19.57 -20.88 -34.49
CA ARG A 226 20.23 -21.52 -35.61
C ARG A 226 19.86 -20.86 -36.94
N GLU A 227 18.74 -20.14 -36.99
CA GLU A 227 18.28 -19.55 -38.24
C GLU A 227 19.24 -18.46 -38.73
N LYS A 228 19.73 -17.62 -37.82
CA LYS A 228 20.60 -16.49 -38.14
C LYS A 228 21.88 -16.62 -37.33
N GLN A 229 22.87 -17.32 -37.87
CA GLN A 229 24.15 -17.50 -37.22
C GLN A 229 25.20 -16.47 -37.65
N HIS A 230 24.86 -15.59 -38.59
CA HIS A 230 25.82 -14.61 -39.06
C HIS A 230 26.01 -13.46 -38.08
N LEU A 231 24.99 -13.16 -37.27
CA LEU A 231 25.09 -12.04 -36.34
C LEU A 231 26.09 -12.32 -35.22
N PHE A 232 26.23 -13.57 -34.82
CA PHE A 232 27.13 -13.96 -33.75
C PHE A 232 28.36 -14.63 -34.33
N ASP A 233 29.55 -14.19 -33.90
CA ASP A 233 30.80 -14.74 -34.39
C ASP A 233 31.03 -16.12 -33.78
N LEU A 234 31.15 -17.13 -34.64
CA LEU A 234 31.41 -18.50 -34.22
C LEU A 234 32.86 -18.90 -34.44
N THR A 235 33.79 -17.98 -34.18
CA THR A 235 35.20 -18.24 -34.46
C THR A 235 35.75 -19.37 -33.60
N ASP A 236 35.42 -19.38 -32.31
CA ASP A 236 35.94 -20.37 -31.37
C ASP A 236 34.79 -21.08 -30.70
N ARG A 237 34.77 -22.42 -30.82
CA ARG A 237 33.72 -23.21 -30.19
C ARG A 237 33.93 -23.32 -28.69
N ASP A 238 35.18 -23.52 -28.26
CA ASP A 238 35.46 -23.78 -26.85
C ASP A 238 35.16 -22.55 -25.99
N SER A 239 35.55 -21.37 -26.44
CA SER A 239 35.39 -20.15 -25.64
C SER A 239 34.01 -19.53 -25.76
N PHE A 240 33.15 -20.05 -26.63
CA PHE A 240 31.82 -19.46 -26.80
C PHE A 240 30.88 -19.80 -25.64
N PHE A 241 31.10 -20.93 -24.96
CA PHE A 241 30.24 -21.38 -23.88
C PHE A 241 31.05 -21.51 -22.61
N ASP A 242 30.54 -20.92 -21.53
CA ASP A 242 31.15 -21.06 -20.21
C ASP A 242 30.80 -22.41 -19.60
N SER A 243 31.53 -22.78 -18.55
CA SER A 243 31.30 -24.06 -17.90
C SER A 243 29.92 -24.11 -17.24
N LYS A 244 29.50 -23.01 -16.64
CA LYS A 244 28.21 -22.97 -15.95
C LYS A 244 27.05 -23.16 -16.93
N THR A 245 27.06 -22.41 -18.04
CA THR A 245 26.00 -22.56 -19.04
C THR A 245 26.12 -23.86 -19.81
N ARG A 246 27.28 -24.51 -19.77
CA ARG A 246 27.41 -25.84 -20.35
C ARG A 246 26.76 -26.89 -19.45
N SER A 247 26.94 -26.75 -18.13
CA SER A 247 26.35 -27.71 -17.21
C SER A 247 24.84 -27.51 -17.06
N THR A 248 24.37 -26.28 -17.23
CA THR A 248 22.94 -26.01 -17.09
C THR A 248 22.14 -26.76 -18.16
N ILE A 249 22.62 -26.78 -19.39
CA ILE A 249 21.93 -27.48 -20.47
C ILE A 249 21.87 -28.98 -20.18
N VAL A 250 22.98 -29.55 -19.69
CA VAL A 250 22.99 -30.97 -19.37
C VAL A 250 22.02 -31.27 -18.23
N TYR A 251 21.93 -30.38 -17.24
CA TYR A 251 20.97 -30.57 -16.16
C TYR A 251 19.54 -30.53 -16.69
N GLU A 252 19.25 -29.60 -17.60
CA GLU A 252 17.92 -29.55 -18.19
C GLU A 252 17.61 -30.82 -18.97
N ILE A 253 18.59 -31.33 -19.72
CA ILE A 253 18.39 -32.56 -20.48
C ILE A 253 18.12 -33.73 -19.53
N LEU A 254 18.86 -33.79 -18.41
CA LEU A 254 18.62 -34.84 -17.43
C LEU A 254 17.23 -34.73 -16.83
N LYS A 255 16.76 -33.51 -16.59
CA LYS A 255 15.41 -33.32 -16.06
C LYS A 255 14.35 -33.73 -17.07
N ARG A 256 14.61 -33.55 -18.37
CA ARG A 256 13.63 -33.92 -19.38
C ARG A 256 13.43 -35.44 -19.43
N THR A 257 14.50 -36.21 -19.25
CA THR A 257 14.46 -37.64 -19.50
C THR A 257 13.47 -38.34 -18.58
N THR A 258 12.73 -39.30 -19.15
CA THR A 258 11.77 -40.11 -18.41
C THR A 258 12.06 -41.58 -18.66
N CYS A 259 11.70 -42.42 -17.68
CA CYS A 259 11.91 -43.85 -17.78
C CYS A 259 10.63 -44.53 -18.25
N THR A 260 10.79 -45.50 -19.15
CA THR A 260 9.63 -46.20 -19.72
C THR A 260 8.90 -47.02 -18.67
N LYS A 261 9.65 -47.71 -17.80
CA LYS A 261 9.02 -48.56 -16.79
C LYS A 261 8.16 -47.75 -15.83
N ALA A 262 8.65 -46.60 -15.39
CA ALA A 262 7.92 -45.69 -14.50
C ALA A 262 7.57 -44.45 -15.32
N LYS A 263 6.40 -44.50 -15.97
CA LYS A 263 5.99 -43.40 -16.84
C LYS A 263 5.78 -42.11 -16.04
N TYR A 264 5.21 -42.23 -14.84
CA TYR A 264 4.99 -41.06 -14.01
C TYR A 264 6.31 -40.44 -13.56
N SER A 265 7.29 -41.27 -13.21
CA SER A 265 8.57 -40.77 -12.74
C SER A 265 9.34 -40.11 -13.87
N MET A 266 9.76 -38.86 -13.66
CA MET A 266 10.49 -38.10 -14.65
C MET A 266 11.65 -37.38 -13.97
N GLY A 267 12.79 -37.32 -14.66
CA GLY A 267 13.95 -36.61 -14.18
C GLY A 267 14.79 -37.41 -13.21
N ILE A 268 15.92 -36.81 -12.82
CA ILE A 268 16.83 -37.47 -11.89
C ILE A 268 16.40 -37.30 -10.44
N THR A 269 15.48 -36.37 -10.17
CA THR A 269 15.05 -36.14 -8.79
C THR A 269 14.35 -37.37 -8.21
N SER A 270 13.45 -37.99 -8.97
CA SER A 270 12.76 -39.17 -8.49
C SER A 270 13.72 -40.34 -8.29
N LEU A 271 14.67 -40.50 -9.22
CA LEU A 271 15.66 -41.57 -9.09
C LEU A 271 16.53 -41.37 -7.85
N LEU A 272 16.92 -40.13 -7.57
CA LEU A 272 17.68 -39.85 -6.36
C LEU A 272 16.85 -40.09 -5.11
N ALA A 273 15.57 -39.72 -5.16
CA ALA A 273 14.70 -39.92 -4.00
C ALA A 273 14.48 -41.39 -3.70
N ASN A 274 14.33 -42.22 -4.74
CA ASN A 274 14.08 -43.64 -4.53
C ASN A 274 15.27 -44.32 -3.85
N GLY A 275 16.48 -44.00 -4.29
CA GLY A 275 17.66 -44.59 -3.70
C GLY A 275 18.52 -45.36 -4.69
N VAL A 276 18.18 -45.25 -5.98
CA VAL A 276 18.96 -45.93 -7.01
C VAL A 276 20.33 -45.26 -7.16
N TYR A 277 20.36 -43.93 -7.14
CA TYR A 277 21.59 -43.17 -7.27
C TYR A 277 21.90 -42.44 -5.97
N SER A 278 23.17 -42.09 -5.80
CA SER A 278 23.65 -41.47 -4.57
C SER A 278 23.65 -39.94 -4.67
N ALA A 279 24.39 -39.39 -5.62
CA ALA A 279 24.52 -37.95 -5.73
C ALA A 279 24.88 -37.57 -7.16
N ALA A 280 24.72 -36.29 -7.48
CA ALA A 280 25.09 -35.74 -8.77
C ALA A 280 25.63 -34.32 -8.55
N TYR A 281 26.73 -34.00 -9.20
CA TYR A 281 27.37 -32.70 -8.99
C TYR A 281 28.27 -32.39 -10.18
N PRO A 282 28.40 -31.12 -10.55
CA PRO A 282 29.41 -30.73 -11.53
C PRO A 282 30.78 -30.66 -10.87
N LEU A 283 31.79 -30.35 -11.68
CA LEU A 283 33.18 -30.36 -11.24
C LEU A 283 33.71 -28.94 -11.07
N HIS A 284 34.69 -28.81 -10.18
CA HIS A 284 35.37 -27.54 -9.97
C HIS A 284 36.43 -27.33 -11.06
N ASP A 285 36.82 -26.07 -11.24
CA ASP A 285 37.79 -25.74 -12.28
C ASP A 285 39.18 -26.24 -11.92
N GLY A 286 39.56 -26.21 -10.65
CA GLY A 286 40.87 -26.66 -10.24
C GLY A 286 41.14 -26.33 -8.80
N ASP A 287 42.43 -26.31 -8.45
CA ASP A 287 42.86 -26.02 -7.09
C ASP A 287 42.86 -24.52 -6.83
N TYR A 288 42.89 -24.17 -5.54
CA TYR A 288 42.98 -22.78 -5.12
C TYR A 288 44.29 -22.44 -4.42
N GLU A 289 45.10 -23.45 -4.08
CA GLU A 289 46.38 -23.25 -3.42
C GLU A 289 47.45 -24.09 -4.09
N GLY A 290 48.69 -23.59 -4.05
CA GLY A 290 49.80 -24.28 -4.65
C GLY A 290 50.72 -23.38 -5.43
N ASP A 291 52.02 -23.66 -5.39
CA ASP A 291 53.00 -22.83 -6.08
C ASP A 291 53.00 -23.08 -7.59
N ASN A 292 52.72 -24.30 -8.02
CA ASN A 292 52.74 -24.67 -9.42
C ASN A 292 51.36 -24.70 -10.05
N VAL A 293 50.34 -24.22 -9.34
CA VAL A 293 48.97 -24.25 -9.85
C VAL A 293 48.81 -23.14 -10.88
N GLU A 294 48.22 -23.48 -12.02
CA GLU A 294 47.98 -22.51 -13.08
C GLU A 294 46.78 -21.62 -12.73
N PHE A 295 46.61 -20.57 -13.52
CA PHE A 295 45.61 -19.55 -13.22
C PHE A 295 44.20 -20.04 -13.54
N ASN A 296 43.27 -19.81 -12.61
CA ASN A 296 41.86 -20.07 -12.83
C ASN A 296 41.05 -19.14 -11.94
N ASP A 297 39.73 -19.15 -12.14
CA ASP A 297 38.87 -18.22 -11.41
C ASP A 297 38.80 -18.53 -9.92
N ARG A 298 38.96 -19.80 -9.55
CA ARG A 298 38.90 -20.17 -8.14
C ARG A 298 40.03 -19.52 -7.35
N LYS A 299 41.25 -19.59 -7.87
CA LYS A 299 42.40 -18.99 -7.19
C LYS A 299 42.27 -17.47 -7.14
N LEU A 300 41.79 -16.85 -8.23
CA LEU A 300 41.62 -15.41 -8.24
C LEU A 300 40.58 -14.96 -7.21
N LEU A 301 39.46 -15.67 -7.12
CA LEU A 301 38.45 -15.33 -6.12
C LEU A 301 38.94 -15.60 -4.71
N TYR A 302 39.80 -16.62 -4.53
CA TYR A 302 40.38 -16.87 -3.22
C TYR A 302 41.30 -15.72 -2.81
N GLU A 303 42.15 -15.25 -3.72
CA GLU A 303 43.11 -14.22 -3.36
C GLU A 303 42.49 -12.84 -3.23
N GLU A 304 41.50 -12.51 -4.07
CA GLU A 304 40.97 -11.15 -4.11
C GLU A 304 39.67 -10.97 -3.34
N TRP A 305 38.90 -12.03 -3.12
CA TRP A 305 37.56 -11.88 -2.57
C TRP A 305 37.39 -12.57 -1.22
N ALA A 306 37.82 -13.82 -1.08
CA ALA A 306 37.59 -14.60 0.14
C ALA A 306 38.87 -14.61 0.98
N SER A 307 39.07 -13.53 1.72
CA SER A 307 40.22 -13.42 2.61
C SER A 307 39.91 -12.42 3.71
N TYR A 308 40.67 -12.51 4.81
CA TYR A 308 40.48 -11.64 5.95
C TYR A 308 41.34 -10.38 5.89
N GLY A 309 42.36 -10.35 5.04
CA GLY A 309 43.23 -9.20 4.91
C GLY A 309 42.78 -8.15 3.92
N VAL A 310 41.63 -8.34 3.28
CA VAL A 310 41.12 -7.39 2.29
C VAL A 310 39.73 -6.95 2.69
N PHE A 311 39.48 -6.83 3.99
CA PHE A 311 38.14 -6.55 4.50
C PHE A 311 37.65 -5.14 4.17
N TYR A 312 38.51 -4.26 3.68
CA TYR A 312 38.14 -2.87 3.44
C TYR A 312 37.90 -2.55 1.97
N LYS A 313 37.88 -3.57 1.10
CA LYS A 313 37.77 -3.36 -0.33
C LYS A 313 36.33 -3.62 -0.81
N TYR A 314 36.11 -3.38 -2.10
CA TYR A 314 34.83 -3.68 -2.73
C TYR A 314 34.79 -5.16 -3.11
N GLN A 315 33.64 -5.59 -3.66
CA GLN A 315 33.54 -6.96 -4.10
C GLN A 315 33.40 -7.03 -5.61
N PRO A 316 34.14 -7.92 -6.28
CA PRO A 316 33.97 -8.12 -7.73
C PRO A 316 32.75 -8.99 -8.04
N ILE A 317 31.59 -8.33 -8.11
CA ILE A 317 30.32 -9.05 -8.22
C ILE A 317 30.21 -9.75 -9.57
N ASP A 318 30.76 -9.15 -10.63
CA ASP A 318 30.64 -9.73 -11.97
C ASP A 318 31.31 -11.10 -12.04
N LEU A 319 32.51 -11.22 -11.46
CA LEU A 319 33.20 -12.51 -11.47
C LEU A 319 32.45 -13.54 -10.63
N VAL A 320 31.87 -13.10 -9.50
CA VAL A 320 31.09 -14.00 -8.66
C VAL A 320 29.89 -14.53 -9.42
N ARG A 321 29.19 -13.67 -10.16
CA ARG A 321 28.06 -14.13 -10.95
C ARG A 321 28.49 -15.04 -12.08
N LYS A 322 29.63 -14.73 -12.72
CA LYS A 322 30.13 -15.56 -13.81
C LYS A 322 30.49 -16.96 -13.33
N TYR A 323 31.07 -17.07 -12.13
CA TYR A 323 31.51 -18.37 -11.65
C TYR A 323 30.37 -19.17 -11.01
N PHE A 324 29.56 -18.52 -10.17
CA PHE A 324 28.57 -19.23 -9.38
C PHE A 324 27.16 -19.12 -9.95
N GLY A 325 26.69 -17.92 -10.26
CA GLY A 325 25.36 -17.74 -10.80
C GLY A 325 24.67 -16.48 -10.36
N GLU A 326 23.42 -16.29 -10.80
CA GLU A 326 22.68 -15.06 -10.51
C GLU A 326 21.88 -15.13 -9.22
N LYS A 327 21.69 -16.33 -8.65
CA LYS A 327 21.00 -16.43 -7.37
C LYS A 327 21.95 -16.14 -6.21
N VAL A 328 23.21 -16.54 -6.34
CA VAL A 328 24.18 -16.29 -5.28
C VAL A 328 24.59 -14.82 -5.24
N GLY A 329 24.72 -14.19 -6.42
CA GLY A 329 25.16 -12.81 -6.48
C GLY A 329 24.22 -11.80 -5.86
N LEU A 330 22.91 -12.02 -5.97
CA LEU A 330 21.95 -11.09 -5.39
C LEU A 330 22.04 -11.07 -3.87
N TYR A 331 22.30 -12.22 -3.24
CA TYR A 331 22.45 -12.26 -1.79
C TYR A 331 23.63 -11.40 -1.34
N PHE A 332 24.77 -11.52 -2.02
CA PHE A 332 25.94 -10.75 -1.64
C PHE A 332 25.75 -9.27 -1.96
N ALA A 333 25.08 -8.95 -3.06
CA ALA A 333 24.80 -7.55 -3.37
C ALA A 333 23.89 -6.92 -2.30
N TRP A 334 22.85 -7.65 -1.89
CA TRP A 334 21.97 -7.15 -0.84
C TRP A 334 22.73 -6.99 0.48
N LEU A 335 23.60 -7.95 0.80
CA LEU A 335 24.38 -7.84 2.03
C LEU A 335 25.28 -6.61 2.02
N GLY A 336 25.97 -6.38 0.90
CA GLY A 336 26.84 -5.21 0.81
C GLY A 336 26.07 -3.90 0.85
N ALA A 337 24.93 -3.83 0.17
CA ALA A 337 24.10 -2.63 0.21
C ALA A 337 23.56 -2.38 1.61
N TYR A 338 23.17 -3.44 2.33
CA TYR A 338 22.71 -3.28 3.70
C TYR A 338 23.86 -2.81 4.61
N THR A 339 25.06 -3.34 4.39
CA THR A 339 26.20 -2.94 5.21
C THR A 339 26.61 -1.50 4.94
N GLN A 340 26.39 -1.00 3.73
CA GLN A 340 26.80 0.37 3.40
C GLN A 340 26.00 1.41 4.17
N MET A 341 24.72 1.16 4.39
CA MET A 341 23.83 2.18 4.96
C MET A 341 23.93 2.30 6.48
N LEU A 342 24.70 1.43 7.14
CA LEU A 342 24.81 1.49 8.59
C LEU A 342 25.86 2.51 9.06
N ILE A 343 26.78 2.90 8.18
CA ILE A 343 27.83 3.83 8.58
C ILE A 343 27.28 5.21 8.96
N PRO A 344 26.42 5.85 8.16
CA PRO A 344 25.85 7.14 8.61
C PRO A 344 25.01 7.02 9.87
N ALA A 345 24.31 5.89 10.05
CA ALA A 345 23.47 5.73 11.23
C ALA A 345 24.26 5.40 12.48
N SER A 346 25.50 4.92 12.35
CA SER A 346 26.30 4.55 13.51
C SER A 346 27.03 5.73 14.14
N ILE A 347 26.94 6.92 13.57
CA ILE A 347 27.61 8.11 14.09
C ILE A 347 26.66 8.99 14.89
N VAL A 348 25.44 9.18 14.39
CA VAL A 348 24.43 9.96 15.11
C VAL A 348 24.11 9.30 16.44
N GLY A 349 24.07 7.97 16.47
CA GLY A 349 23.84 7.28 17.72
C GLY A 349 24.95 7.51 18.73
N VAL A 350 26.20 7.51 18.28
CA VAL A 350 27.32 7.79 19.18
C VAL A 350 27.26 9.21 19.70
N ILE A 351 26.90 10.16 18.83
CA ILE A 351 26.78 11.55 19.27
C ILE A 351 25.66 11.71 20.29
N VAL A 352 24.53 11.03 20.05
CA VAL A 352 23.41 11.09 20.99
C VAL A 352 23.80 10.49 22.34
N PHE A 353 24.51 9.36 22.31
CA PHE A 353 24.95 8.73 23.55
C PHE A 353 25.93 9.63 24.30
N LEU A 354 26.83 10.31 23.58
CA LEU A 354 27.80 11.18 24.22
C LEU A 354 27.17 12.46 24.75
N TYR A 355 26.04 12.90 24.18
CA TYR A 355 25.38 14.09 24.69
C TYR A 355 24.91 13.89 26.12
N GLY A 356 24.44 12.69 26.47
CA GLY A 356 23.94 12.45 27.80
C GLY A 356 24.99 12.32 28.88
N CYS A 357 26.23 12.00 28.50
CA CYS A 357 27.29 11.87 29.49
C CYS A 357 27.79 13.22 29.99
N ALA A 358 27.68 14.26 29.18
CA ALA A 358 28.16 15.58 29.58
C ALA A 358 27.18 16.31 30.49
N THR A 359 25.89 15.99 30.40
CA THR A 359 24.85 16.69 31.15
C THR A 359 24.26 15.84 32.27
N VAL A 360 25.02 14.88 32.79
CA VAL A 360 24.52 14.03 33.87
C VAL A 360 24.79 14.61 35.25
N ASP A 361 25.67 15.59 35.36
CA ASP A 361 26.00 16.19 36.64
C ASP A 361 25.15 17.41 36.97
N GLU A 362 24.22 17.78 36.08
CA GLU A 362 23.32 18.90 36.32
C GLU A 362 21.87 18.47 36.32
N ASN A 363 21.60 17.18 36.54
CA ASN A 363 20.26 16.62 36.46
C ASN A 363 19.61 16.71 37.84
N ILE A 364 18.57 17.53 37.96
CA ILE A 364 17.92 17.72 39.26
C ILE A 364 17.23 16.45 39.76
N PRO A 365 16.44 15.71 38.96
CA PRO A 365 15.80 14.50 39.50
C PRO A 365 16.78 13.47 40.03
N SER A 366 17.92 13.27 39.36
CA SER A 366 18.92 12.33 39.84
C SER A 366 19.72 12.89 41.01
N MET A 367 19.82 14.22 41.13
CA MET A 367 20.52 14.82 42.26
C MET A 367 19.68 14.76 43.53
N GLU A 368 18.35 14.86 43.40
CA GLU A 368 17.50 14.80 44.58
C GLU A 368 17.51 13.40 45.22
N MET A 369 17.60 12.36 44.39
CA MET A 369 17.58 10.99 44.91
C MET A 369 18.87 10.65 45.64
N CYS A 370 20.00 11.18 45.19
CA CYS A 370 21.29 10.87 45.78
C CYS A 370 21.60 11.69 47.02
N ASP A 371 20.77 12.67 47.36
CA ASP A 371 21.01 13.51 48.53
C ASP A 371 20.72 12.74 49.80
N GLN A 372 21.63 12.83 50.77
CA GLN A 372 21.50 12.13 52.03
C GLN A 372 20.93 13.00 53.15
N ARG A 373 20.52 14.24 52.85
CA ARG A 373 19.95 15.10 53.88
C ARG A 373 18.55 14.64 54.29
N TYR A 374 17.76 14.14 53.35
CA TYR A 374 16.45 13.61 53.69
C TYR A 374 16.58 12.23 54.32
N ASN A 375 15.50 11.77 54.94
CA ASN A 375 15.39 10.42 55.49
C ASN A 375 14.08 9.83 54.95
N ILE A 376 14.15 9.25 53.76
CA ILE A 376 12.98 8.68 53.10
C ILE A 376 13.04 7.16 53.25
N THR A 377 12.07 6.61 53.97
CA THR A 377 11.98 5.17 54.20
C THR A 377 10.89 4.60 53.30
N MET A 378 11.20 3.52 52.60
CA MET A 378 10.28 2.88 51.68
C MET A 378 9.78 1.56 52.25
N CYS A 379 8.65 1.11 51.72
CA CYS A 379 8.02 -0.11 52.21
C CYS A 379 8.68 -1.34 51.59
N PRO A 380 8.58 -2.49 52.25
CA PRO A 380 9.25 -3.69 51.74
C PRO A 380 8.66 -4.17 50.42
N LEU A 381 9.48 -4.89 49.65
CA LEU A 381 9.12 -5.34 48.32
C LEU A 381 8.77 -6.83 48.25
N CYS A 382 8.67 -7.51 49.40
CA CYS A 382 8.34 -8.92 49.41
C CYS A 382 7.70 -9.28 50.74
N ASP A 383 7.17 -10.49 50.81
CA ASP A 383 6.35 -10.93 51.92
C ASP A 383 7.20 -11.68 52.95
N LYS A 384 7.25 -11.14 54.17
CA LYS A 384 7.78 -11.76 55.38
C LYS A 384 9.29 -11.97 55.36
N THR A 385 9.99 -11.67 54.27
CA THR A 385 11.42 -11.86 54.20
C THR A 385 12.19 -10.55 54.09
N CYS A 386 11.77 -9.64 53.22
CA CYS A 386 12.43 -8.36 53.06
C CYS A 386 12.03 -7.41 54.18
N SER A 387 12.61 -6.23 54.19
CA SER A 387 12.32 -5.23 55.21
C SER A 387 12.46 -3.84 54.58
N TYR A 388 12.36 -2.81 55.43
CA TYR A 388 12.41 -1.45 54.94
C TYR A 388 13.79 -1.09 54.43
N TRP A 389 13.84 -0.26 53.39
CA TRP A 389 15.11 0.19 52.83
C TRP A 389 15.11 1.71 52.69
N LYS A 390 16.13 2.25 52.02
CA LYS A 390 16.29 3.70 51.88
C LYS A 390 16.43 4.05 50.40
N MET A 391 16.00 5.28 50.07
CA MET A 391 16.03 5.73 48.68
C MET A 391 17.44 6.03 48.20
N SER A 392 18.37 6.36 49.10
CA SER A 392 19.73 6.69 48.70
C SER A 392 20.52 5.48 48.20
N SER A 393 19.95 4.28 48.26
CA SER A 393 20.64 3.07 47.84
C SER A 393 20.48 2.78 46.35
N ALA A 394 19.82 3.66 45.59
CA ALA A 394 19.63 3.48 44.16
C ALA A 394 20.21 4.65 43.37
N CYS A 395 21.20 5.33 43.95
CA CYS A 395 21.78 6.50 43.29
C CYS A 395 22.47 6.14 41.99
N ALA A 396 23.23 5.04 42.00
CA ALA A 396 23.93 4.62 40.78
C ALA A 396 22.96 4.27 39.67
N THR A 397 21.88 3.54 40.01
CA THR A 397 20.88 3.19 39.01
C THR A 397 20.17 4.43 38.49
N ALA A 398 19.87 5.39 39.38
CA ALA A 398 19.21 6.62 38.95
C ALA A 398 20.10 7.40 38.00
N ARG A 399 21.40 7.47 38.30
CA ARG A 399 22.33 8.17 37.41
C ARG A 399 22.48 7.44 36.07
N ALA A 400 22.51 6.12 36.09
CA ALA A 400 22.66 5.35 34.85
C ALA A 400 21.41 5.44 33.98
N SER A 401 20.23 5.58 34.59
CA SER A 401 19.00 5.65 33.80
C SER A 401 18.89 6.93 32.99
N HIS A 402 19.69 7.96 33.31
CA HIS A 402 19.60 9.23 32.59
C HIS A 402 20.14 9.12 31.17
N LEU A 403 21.16 8.29 30.95
CA LEU A 403 21.77 8.16 29.63
C LEU A 403 20.86 7.50 28.60
N PHE A 404 19.73 6.93 29.02
CA PHE A 404 18.87 6.19 28.12
C PHE A 404 17.51 6.84 27.89
N ASP A 405 17.26 8.01 28.47
CA ASP A 405 16.07 8.78 28.12
C ASP A 405 16.30 10.27 28.30
N ASN A 406 16.01 11.02 27.22
CA ASN A 406 16.12 12.47 27.09
C ASN A 406 15.59 12.84 25.71
N PRO A 407 15.36 14.12 25.40
CA PRO A 407 14.80 14.47 24.09
C PRO A 407 15.61 13.97 22.90
N ALA A 408 16.93 13.81 23.06
CA ALA A 408 17.75 13.27 21.98
C ALA A 408 17.31 11.85 21.61
N THR A 409 16.87 11.07 22.58
CA THR A 409 16.39 9.72 22.31
C THR A 409 15.03 9.70 21.60
N VAL A 410 14.30 10.81 21.62
CA VAL A 410 13.08 10.91 20.82
C VAL A 410 13.40 11.38 19.41
N PHE A 411 14.32 12.35 19.29
CA PHE A 411 14.79 12.78 17.98
C PHE A 411 15.41 11.61 17.21
N PHE A 412 16.16 10.75 17.90
CA PHE A 412 16.77 9.61 17.25
C PHE A 412 15.72 8.62 16.76
N SER A 413 14.63 8.44 17.51
CA SER A 413 13.54 7.59 17.05
C SER A 413 12.90 8.16 15.80
N VAL A 414 12.67 9.47 15.78
CA VAL A 414 12.09 10.10 14.59
C VAL A 414 13.02 9.94 13.39
N PHE A 415 14.34 10.01 13.62
CA PHE A 415 15.31 9.82 12.54
C PHE A 415 15.31 8.39 12.01
N MET A 416 15.36 7.41 12.92
CA MET A 416 15.36 6.01 12.52
C MET A 416 14.04 5.60 11.89
N ALA A 417 12.97 6.37 12.10
CA ALA A 417 11.72 6.13 11.38
C ALA A 417 11.88 6.33 9.87
N LEU A 418 12.67 7.33 9.45
CA LEU A 418 12.81 7.62 8.03
C LEU A 418 14.01 6.91 7.41
N TRP A 419 14.98 6.49 8.22
CA TRP A 419 16.14 5.80 7.70
C TRP A 419 15.76 4.56 6.89
N ALA A 420 14.86 3.73 7.43
CA ALA A 420 14.49 2.49 6.75
C ALA A 420 13.69 2.77 5.48
N ALA A 421 12.83 3.79 5.51
CA ALA A 421 12.09 4.17 4.31
C ALA A 421 13.03 4.61 3.20
N THR A 422 14.12 5.30 3.56
CA THR A 422 15.12 5.62 2.54
C THR A 422 15.85 4.37 2.04
N PHE A 423 16.15 3.44 2.96
CA PHE A 423 16.87 2.22 2.57
C PHE A 423 16.07 1.38 1.56
N MET A 424 14.76 1.27 1.78
CA MET A 424 13.94 0.49 0.85
C MET A 424 14.00 1.06 -0.56
N GLU A 425 13.86 2.38 -0.69
CA GLU A 425 13.94 3.00 -2.01
C GLU A 425 15.32 2.82 -2.62
N HIS A 426 16.38 2.90 -1.81
CA HIS A 426 17.72 2.70 -2.32
C HIS A 426 17.87 1.31 -2.93
N TRP A 427 17.42 0.27 -2.21
CA TRP A 427 17.54 -1.08 -2.75
C TRP A 427 16.67 -1.28 -3.99
N LYS A 428 15.47 -0.70 -3.99
CA LYS A 428 14.59 -0.83 -5.15
C LYS A 428 15.23 -0.22 -6.39
N ARG A 429 15.88 0.93 -6.24
CA ARG A 429 16.53 1.55 -7.39
C ARG A 429 17.81 0.83 -7.77
N LYS A 430 18.48 0.19 -6.81
CA LYS A 430 19.73 -0.51 -7.14
C LYS A 430 19.48 -1.81 -7.87
N GLN A 431 18.35 -2.48 -7.60
CA GLN A 431 18.09 -3.76 -8.26
C GLN A 431 17.97 -3.64 -9.77
N MET A 432 17.42 -2.53 -10.27
CA MET A 432 17.13 -2.39 -11.69
C MET A 432 18.41 -2.32 -12.53
N ARG A 433 19.44 -1.65 -12.01
CA ARG A 433 20.70 -1.59 -12.74
C ARG A 433 21.32 -2.97 -12.90
N LEU A 434 21.27 -3.79 -11.84
CA LEU A 434 21.78 -5.16 -11.94
C LEU A 434 20.93 -5.99 -12.89
N ASN A 435 19.62 -5.76 -12.90
CA ASN A 435 18.78 -6.46 -13.87
C ASN A 435 19.15 -6.09 -15.30
N TYR A 436 19.41 -4.82 -15.56
CA TYR A 436 19.74 -4.39 -16.91
C TYR A 436 21.13 -4.89 -17.33
N ARG A 437 22.09 -4.87 -16.41
CA ARG A 437 23.47 -5.21 -16.77
C ARG A 437 23.65 -6.70 -17.01
N TRP A 438 22.88 -7.54 -16.33
CA TRP A 438 23.02 -8.99 -16.43
C TRP A 438 22.11 -9.60 -17.49
N ASP A 439 21.48 -8.77 -18.33
CA ASP A 439 20.62 -9.24 -19.41
C ASP A 439 19.45 -10.07 -18.88
N LEU A 440 18.68 -9.46 -17.98
CA LEU A 440 17.48 -10.07 -17.43
C LEU A 440 16.24 -9.21 -17.61
N THR A 441 16.32 -8.20 -18.47
CA THR A 441 15.18 -7.32 -18.72
C THR A 441 14.10 -8.04 -19.52
N ALA A 489 -7.70 -29.70 0.34
CA ALA A 489 -8.79 -28.87 0.84
C ALA A 489 -8.93 -28.98 2.35
N TYR A 490 -9.45 -30.12 2.80
CA TYR A 490 -9.64 -30.33 4.23
C TYR A 490 -8.30 -30.59 4.95
N PHE A 491 -7.35 -31.22 4.26
CA PHE A 491 -6.00 -31.31 4.82
C PHE A 491 -5.40 -29.92 5.04
N THR A 492 -5.61 -29.01 4.08
CA THR A 492 -5.09 -27.66 4.22
C THR A 492 -5.67 -26.95 5.43
N ASN A 493 -6.99 -27.01 5.59
CA ASN A 493 -7.64 -26.35 6.73
C ASN A 493 -7.18 -26.97 8.05
N LEU A 494 -7.09 -28.29 8.10
CA LEU A 494 -6.65 -28.95 9.32
C LEU A 494 -5.23 -28.56 9.68
N VAL A 495 -4.34 -28.51 8.69
CA VAL A 495 -2.95 -28.12 8.93
C VAL A 495 -2.90 -26.68 9.42
N SER A 496 -3.71 -25.80 8.82
CA SER A 496 -3.74 -24.40 9.28
C SER A 496 -4.18 -24.30 10.73
N ILE A 497 -5.23 -25.03 11.11
CA ILE A 497 -5.71 -24.98 12.49
C ILE A 497 -4.65 -25.51 13.45
N ILE A 498 -4.00 -26.62 13.08
CA ILE A 498 -2.94 -27.17 13.92
C ILE A 498 -1.79 -26.17 14.06
N PHE A 499 -1.49 -25.44 12.98
CA PHE A 499 -0.43 -24.45 13.02
C PHE A 499 -0.77 -23.31 13.98
N MET A 500 -2.02 -22.83 13.95
CA MET A 500 -2.42 -21.80 14.90
C MET A 500 -2.33 -22.31 16.34
N ILE A 501 -2.75 -23.55 16.58
CA ILE A 501 -2.66 -24.12 17.92
C ILE A 501 -1.20 -24.18 18.38
N ALA A 502 -0.31 -24.63 17.49
CA ALA A 502 1.11 -24.70 17.84
C ALA A 502 1.69 -23.33 18.12
N VAL A 503 1.29 -22.32 17.34
CA VAL A 503 1.77 -20.96 17.57
C VAL A 503 1.33 -20.46 18.94
N THR A 504 0.06 -20.72 19.30
CA THR A 504 -0.43 -20.33 20.62
C THR A 504 0.36 -21.00 21.73
N PHE A 505 0.61 -22.31 21.59
CA PHE A 505 1.36 -23.02 22.63
C PHE A 505 2.79 -22.49 22.74
N ALA A 506 3.42 -22.20 21.60
CA ALA A 506 4.78 -21.65 21.61
C ALA A 506 4.82 -20.29 22.29
N ILE A 507 3.78 -19.46 22.07
CA ILE A 507 3.69 -18.19 22.78
C ILE A 507 3.56 -18.43 24.27
N VAL A 508 2.78 -19.44 24.65
CA VAL A 508 2.51 -19.68 26.07
C VAL A 508 3.77 -20.13 26.81
N LEU A 509 4.56 -21.01 26.21
CA LEU A 509 5.64 -21.67 26.96
C LEU A 509 6.76 -20.71 27.38
N GLY A 510 6.95 -19.62 26.63
CA GLY A 510 8.10 -18.76 26.87
C GLY A 510 8.07 -18.05 28.22
N VAL A 511 6.88 -17.59 28.63
CA VAL A 511 6.76 -16.91 29.91
C VAL A 511 7.08 -17.86 31.06
N ILE A 512 6.61 -19.10 30.95
CA ILE A 512 6.92 -20.11 31.96
C ILE A 512 8.43 -20.35 32.02
N ILE A 513 9.07 -20.45 30.86
CA ILE A 513 10.51 -20.68 30.84
C ILE A 513 11.24 -19.51 31.50
N TYR A 514 10.84 -18.28 31.18
CA TYR A 514 11.47 -17.10 31.77
C TYR A 514 11.30 -17.06 33.28
N ARG A 515 10.09 -17.33 33.76
CA ARG A 515 9.84 -17.32 35.20
C ARG A 515 10.66 -18.39 35.91
N ILE A 516 10.74 -19.59 35.32
CA ILE A 516 11.51 -20.66 35.94
C ILE A 516 12.99 -20.30 35.98
N SER A 517 13.51 -19.72 34.90
CA SER A 517 14.92 -19.31 34.88
C SER A 517 15.20 -18.25 35.93
N THR A 518 14.30 -17.27 36.08
CA THR A 518 14.47 -16.24 37.10
C THR A 518 14.46 -16.82 38.49
N ALA A 519 13.52 -17.73 38.76
CA ALA A 519 13.46 -18.35 40.09
C ALA A 519 14.70 -19.18 40.39
N ALA A 520 15.18 -19.94 39.40
CA ALA A 520 16.38 -20.75 39.59
C ALA A 520 17.61 -19.86 39.83
N ALA A 521 17.72 -18.76 39.08
CA ALA A 521 18.85 -17.86 39.27
C ALA A 521 18.81 -17.21 40.64
N LEU A 522 17.62 -16.84 41.12
CA LEU A 522 17.51 -16.28 42.46
C LEU A 522 17.87 -17.31 43.52
N ALA A 523 17.42 -18.55 43.35
CA ALA A 523 17.69 -19.57 44.35
C ALA A 523 19.15 -20.00 44.37
N MET A 524 19.83 -19.92 43.23
CA MET A 524 21.23 -20.38 43.17
C MET A 524 22.14 -19.53 44.06
N ASN A 525 21.96 -18.21 44.03
CA ASN A 525 22.84 -17.33 44.81
C ASN A 525 22.63 -17.55 46.31
N SER A 526 21.37 -17.66 46.74
CA SER A 526 21.08 -17.86 48.15
C SER A 526 19.68 -18.48 48.33
N ASN A 533 27.59 -6.58 42.63
CA ASN A 533 26.30 -6.47 43.29
C ASN A 533 25.45 -7.72 43.06
N ILE A 534 24.47 -7.93 43.95
CA ILE A 534 23.64 -9.14 43.86
C ILE A 534 22.70 -9.05 42.67
N ARG A 535 22.04 -7.91 42.50
CA ARG A 535 20.98 -7.79 41.49
C ARG A 535 21.53 -7.98 40.08
N VAL A 536 22.64 -7.31 39.76
CA VAL A 536 23.20 -7.39 38.41
C VAL A 536 23.62 -8.82 38.09
N THR A 537 24.29 -9.48 39.04
CA THR A 537 24.72 -10.85 38.83
C THR A 537 23.53 -11.79 38.65
N VAL A 538 22.48 -11.60 39.44
CA VAL A 538 21.29 -12.45 39.33
C VAL A 538 20.64 -12.28 37.95
N THR A 539 20.50 -11.03 37.51
CA THR A 539 19.90 -10.78 36.20
C THR A 539 20.74 -11.38 35.08
N ALA A 540 22.06 -11.20 35.13
CA ALA A 540 22.91 -11.77 34.11
C ALA A 540 22.81 -13.29 34.08
N THR A 541 22.80 -13.92 35.28
CA THR A 541 22.67 -15.37 35.34
C THR A 541 21.35 -15.84 34.73
N ALA A 542 20.25 -15.13 35.05
CA ALA A 542 18.96 -15.52 34.49
C ALA A 542 18.95 -15.42 32.97
N VAL A 543 19.50 -14.33 32.42
CA VAL A 543 19.53 -14.18 30.97
C VAL A 543 20.37 -15.28 30.32
N ILE A 544 21.54 -15.57 30.90
CA ILE A 544 22.42 -16.59 30.34
C ILE A 544 21.76 -17.96 30.40
N ILE A 545 21.00 -18.23 31.46
CA ILE A 545 20.31 -19.50 31.58
C ILE A 545 19.20 -19.61 30.53
N ASN A 546 18.45 -18.53 30.31
CA ASN A 546 17.35 -18.58 29.35
C ASN A 546 17.84 -18.75 27.91
N LEU A 547 18.99 -18.15 27.58
CA LEU A 547 19.47 -18.19 26.20
C LEU A 547 19.70 -19.63 25.72
N VAL A 548 20.23 -20.49 26.59
CA VAL A 548 20.53 -21.87 26.21
C VAL A 548 19.25 -22.63 25.86
N VAL A 549 18.20 -22.44 26.66
CA VAL A 549 16.94 -23.12 26.39
C VAL A 549 16.33 -22.62 25.09
N ILE A 550 16.46 -21.32 24.81
CA ILE A 550 15.99 -20.80 23.52
C ILE A 550 16.73 -21.48 22.37
N ILE A 551 18.04 -21.57 22.49
CA ILE A 551 18.86 -22.22 21.46
C ILE A 551 18.42 -23.66 21.25
N LEU A 552 18.12 -24.37 22.34
CA LEU A 552 17.70 -25.76 22.23
C LEU A 552 16.34 -25.89 21.56
N LEU A 553 15.41 -24.98 21.87
CA LEU A 553 14.06 -25.10 21.33
C LEU A 553 13.97 -24.72 19.85
N ASP A 554 14.91 -23.91 19.35
CA ASP A 554 14.87 -23.50 17.95
C ASP A 554 14.83 -24.70 17.00
N GLU A 555 15.68 -25.70 17.23
CA GLU A 555 15.75 -26.84 16.30
C GLU A 555 14.47 -27.67 16.32
N VAL A 556 13.88 -27.87 17.50
CA VAL A 556 12.62 -28.60 17.58
C VAL A 556 11.53 -27.87 16.82
N TYR A 557 11.48 -26.54 16.95
CA TYR A 557 10.49 -25.77 16.19
C TYR A 557 10.71 -25.93 14.70
N GLY A 558 11.96 -25.89 14.24
CA GLY A 558 12.24 -26.08 12.83
C GLY A 558 11.81 -27.44 12.32
N CYS A 559 12.10 -28.49 13.08
CA CYS A 559 11.70 -29.84 12.68
C CYS A 559 10.18 -29.97 12.63
N ILE A 560 9.48 -29.38 13.60
CA ILE A 560 8.02 -29.41 13.59
C ILE A 560 7.49 -28.72 12.34
N ALA A 561 8.06 -27.57 11.98
CA ALA A 561 7.61 -26.87 10.78
C ALA A 561 7.86 -27.72 9.53
N ARG A 562 9.01 -28.37 9.45
CA ARG A 562 9.30 -29.22 8.29
C ARG A 562 8.31 -30.37 8.18
N TRP A 563 8.03 -31.05 9.29
CA TRP A 563 7.08 -32.16 9.23
C TRP A 563 5.68 -31.67 8.87
N LEU A 564 5.27 -30.52 9.41
CA LEU A 564 3.95 -29.98 9.10
C LEU A 564 3.83 -29.63 7.63
N THR A 565 4.91 -29.11 7.04
CA THR A 565 4.89 -28.84 5.59
C THR A 565 4.86 -30.14 4.80
N LYS A 566 5.56 -31.18 5.28
CA LYS A 566 5.62 -32.43 4.54
C LYS A 566 4.28 -33.17 4.53
N ILE A 567 3.55 -33.14 5.65
CA ILE A 567 2.34 -33.95 5.75
C ILE A 567 1.29 -33.47 4.75
N GLU A 568 1.29 -32.19 4.43
CA GLU A 568 0.40 -31.67 3.41
C GLU A 568 1.04 -31.80 2.04
N VAL A 569 0.25 -32.27 1.07
CA VAL A 569 0.76 -32.51 -0.28
C VAL A 569 1.01 -31.18 -0.99
N PRO A 570 2.24 -30.89 -1.41
CA PRO A 570 2.50 -29.64 -2.13
C PRO A 570 2.18 -29.77 -3.61
N LYS A 571 1.68 -28.68 -4.19
CA LYS A 571 1.29 -28.71 -5.60
C LYS A 571 2.51 -28.68 -6.51
N THR A 572 3.51 -27.86 -6.18
CA THR A 572 4.70 -27.71 -7.02
C THR A 572 5.91 -27.55 -6.12
N GLU A 573 7.03 -27.14 -6.71
CA GLU A 573 8.28 -26.99 -5.97
C GLU A 573 8.47 -25.60 -5.38
N LYS A 574 7.95 -24.56 -6.05
CA LYS A 574 8.07 -23.20 -5.53
C LYS A 574 7.18 -22.97 -4.32
N SER A 575 5.94 -23.49 -4.36
CA SER A 575 5.03 -23.34 -3.24
C SER A 575 5.55 -24.02 -1.99
N PHE A 576 6.25 -25.15 -2.15
CA PHE A 576 6.85 -25.83 -1.01
C PHE A 576 7.78 -24.90 -0.24
N GLU A 577 8.72 -24.27 -0.95
CA GLU A 577 9.65 -23.35 -0.31
C GLU A 577 8.93 -22.12 0.23
N GLU A 578 7.98 -21.59 -0.53
CA GLU A 578 7.28 -20.37 -0.11
C GLU A 578 6.45 -20.60 1.15
N ARG A 579 6.00 -21.84 1.37
CA ARG A 579 5.24 -22.13 2.58
C ARG A 579 6.16 -22.47 3.74
N LEU A 580 7.24 -23.22 3.47
CA LEU A 580 8.19 -23.57 4.52
C LEU A 580 8.85 -22.34 5.12
N THR A 581 9.21 -21.37 4.27
CA THR A 581 9.84 -20.15 4.76
C THR A 581 8.94 -19.41 5.73
N PHE A 582 7.66 -19.23 5.36
CA PHE A 582 6.70 -18.55 6.23
C PHE A 582 6.50 -19.31 7.54
N LYS A 583 6.32 -20.63 7.45
CA LYS A 583 6.10 -21.43 8.65
C LYS A 583 7.28 -21.36 9.61
N ALA A 584 8.50 -21.39 9.08
CA ALA A 584 9.68 -21.31 9.94
C ALA A 584 9.85 -19.90 10.51
N PHE A 585 9.59 -18.87 9.69
CA PHE A 585 9.82 -17.50 10.14
C PHE A 585 8.88 -17.12 11.27
N LEU A 586 7.61 -17.52 11.19
CA LEU A 586 6.68 -17.16 12.26
C LEU A 586 7.12 -17.77 13.59
N LEU A 587 7.48 -19.05 13.58
CA LEU A 587 7.91 -19.71 14.81
C LEU A 587 9.20 -19.11 15.35
N LYS A 588 10.15 -18.79 14.47
CA LYS A 588 11.39 -18.17 14.94
C LYS A 588 11.14 -16.78 15.54
N PHE A 589 10.25 -16.00 14.93
CA PHE A 589 9.87 -14.70 15.49
C PHE A 589 9.30 -14.86 16.89
N VAL A 590 8.30 -15.74 17.05
CA VAL A 590 7.65 -15.88 18.34
C VAL A 590 8.60 -16.49 19.37
N ASN A 591 9.57 -17.30 18.93
CA ASN A 591 10.55 -17.84 19.86
C ASN A 591 11.55 -16.78 20.31
N SER A 592 11.93 -15.88 19.41
CA SER A 592 12.99 -14.93 19.73
C SER A 592 12.48 -13.74 20.53
N TYR A 593 11.33 -13.18 20.16
CA TYR A 593 10.93 -11.88 20.70
C TYR A 593 9.96 -11.97 21.88
N THR A 594 9.67 -13.17 22.39
CA THR A 594 8.70 -13.27 23.48
C THR A 594 9.20 -12.65 24.78
N PRO A 595 10.39 -12.99 25.31
CA PRO A 595 10.77 -12.46 26.64
C PRO A 595 10.93 -10.95 26.67
N ILE A 596 11.18 -10.29 25.54
CA ILE A 596 11.38 -8.84 25.54
C ILE A 596 10.06 -8.11 25.78
N PHE A 597 8.98 -8.60 25.17
CA PHE A 597 7.68 -7.93 25.32
C PHE A 597 7.16 -8.01 26.75
N TYR A 598 7.53 -9.05 27.48
CA TYR A 598 7.00 -9.25 28.83
C TYR A 598 7.57 -8.25 29.83
N VAL A 599 8.89 -8.03 29.79
CA VAL A 599 9.52 -7.12 30.73
C VAL A 599 9.14 -5.68 30.43
N ALA A 600 8.94 -5.35 29.15
CA ALA A 600 8.72 -3.97 28.76
C ALA A 600 7.32 -3.49 29.12
N PHE A 601 6.32 -4.36 29.01
CA PHE A 601 4.92 -3.92 29.11
C PHE A 601 4.12 -4.57 30.23
N PHE A 602 4.54 -5.71 30.77
CA PHE A 602 3.69 -6.49 31.65
C PHE A 602 4.24 -6.73 33.05
N LYS A 603 5.54 -6.57 33.26
CA LYS A 603 6.13 -6.92 34.55
C LYS A 603 5.90 -5.83 35.58
N GLY A 604 5.35 -6.10 36.77
CA GLY A 604 5.20 -5.13 37.88
C GLY A 604 4.06 -4.14 37.82
N ARG A 605 3.04 -4.33 36.99
CA ARG A 605 1.99 -3.34 36.71
C ARG A 605 0.64 -3.69 37.31
N PHE A 606 0.36 -4.96 37.62
CA PHE A 606 -0.94 -5.43 38.12
C PHE A 606 -0.68 -6.14 39.44
N VAL A 607 -0.25 -5.40 40.46
CA VAL A 607 0.22 -5.95 41.75
C VAL A 607 -0.62 -5.52 42.98
N GLY A 608 -1.52 -4.54 42.94
CA GLY A 608 -2.23 -4.12 44.17
C GLY A 608 -1.72 -2.88 44.87
N ARG A 609 -1.91 -2.73 46.18
CA ARG A 609 -1.46 -1.57 46.99
C ARG A 609 -1.06 -2.10 48.33
N PRO A 610 -0.15 -1.49 49.12
CA PRO A 610 0.12 -1.97 50.46
C PRO A 610 -1.15 -2.20 51.30
N GLY A 611 -1.45 -3.37 51.84
CA GLY A 611 -2.69 -3.60 52.53
C GLY A 611 -3.75 -4.30 51.70
N ASP A 612 -3.60 -4.32 50.37
CA ASP A 612 -4.52 -5.04 49.49
C ASP A 612 -3.69 -5.52 48.29
N TYR A 613 -3.11 -6.70 48.41
CA TYR A 613 -2.23 -7.24 47.38
C TYR A 613 -3.00 -8.23 46.55
N VAL A 614 -2.53 -8.67 45.40
CA VAL A 614 -3.14 -9.59 44.44
C VAL A 614 -2.38 -10.91 44.51
N TYR A 615 -3.12 -11.99 44.76
CA TYR A 615 -2.56 -13.33 44.84
C TYR A 615 -3.10 -14.20 43.73
N ILE A 616 -2.27 -15.09 43.21
CA ILE A 616 -2.66 -16.09 42.23
C ILE A 616 -2.67 -17.45 42.92
N PHE A 617 -3.75 -18.22 42.71
CA PHE A 617 -3.96 -19.50 43.35
C PHE A 617 -3.99 -19.40 44.88
N ARG A 618 -4.30 -18.21 45.41
CA ARG A 618 -4.47 -17.93 46.82
C ARG A 618 -3.21 -18.15 47.64
N SER A 619 -2.07 -18.40 47.00
CA SER A 619 -0.84 -18.67 47.74
C SER A 619 0.40 -17.98 47.18
N PHE A 620 0.37 -17.42 45.97
CA PHE A 620 1.54 -16.84 45.35
C PHE A 620 1.30 -15.36 45.08
N ARG A 621 2.28 -14.52 45.45
CA ARG A 621 2.20 -13.08 45.25
C ARG A 621 2.92 -12.68 43.97
N MET A 622 2.37 -11.69 43.27
CA MET A 622 2.97 -11.23 42.02
C MET A 622 4.28 -10.49 42.29
N GLU A 623 5.21 -10.63 41.35
CA GLU A 623 6.53 -10.03 41.48
C GLU A 623 6.49 -8.55 41.12
N GLU A 624 7.46 -7.80 41.63
CA GLU A 624 7.53 -6.36 41.39
C GLU A 624 8.76 -6.08 40.53
N CYS A 625 9.03 -4.83 40.17
CA CYS A 625 10.18 -4.42 39.38
C CYS A 625 11.40 -4.26 40.29
N ALA A 626 12.53 -3.86 39.68
CA ALA A 626 13.72 -3.58 40.44
C ALA A 626 13.54 -2.31 41.27
N PRO A 627 14.33 -2.14 42.33
CA PRO A 627 14.18 -0.93 43.16
C PRO A 627 14.35 0.36 42.37
N GLY A 628 15.26 0.38 41.40
CA GLY A 628 15.45 1.58 40.60
C GLY A 628 14.49 1.72 39.44
N GLY A 629 13.91 0.61 38.99
CA GLY A 629 12.99 0.63 37.87
C GLY A 629 13.24 -0.55 36.97
N CYS A 630 12.34 -0.69 35.99
CA CYS A 630 12.40 -1.80 35.03
C CYS A 630 13.00 -1.40 33.70
N LEU A 631 13.59 -0.21 33.60
CA LEU A 631 14.27 0.21 32.37
C LEU A 631 15.71 -0.28 32.31
N MET A 632 16.27 -0.75 33.42
CA MET A 632 17.65 -1.20 33.45
C MET A 632 17.80 -2.66 33.02
N GLU A 633 16.79 -3.49 33.28
CA GLU A 633 16.87 -4.90 32.89
C GLU A 633 16.79 -5.06 31.38
N LEU A 634 15.99 -4.22 30.72
CA LEU A 634 15.87 -4.30 29.27
C LEU A 634 17.20 -4.01 28.58
N CYS A 635 17.93 -3.01 29.06
CA CYS A 635 19.22 -2.68 28.47
C CYS A 635 20.22 -3.82 28.64
N ILE A 636 20.23 -4.45 29.82
CA ILE A 636 21.13 -5.57 30.06
C ILE A 636 20.77 -6.74 29.14
N GLN A 637 19.48 -7.04 29.03
CA GLN A 637 19.05 -8.11 28.15
C GLN A 637 19.49 -7.87 26.71
N LEU A 638 19.21 -6.66 26.20
CA LEU A 638 19.54 -6.35 24.81
C LEU A 638 21.04 -6.39 24.57
N SER A 639 21.82 -5.80 25.49
CA SER A 639 23.27 -5.77 25.33
C SER A 639 23.85 -7.19 25.35
N ILE A 640 23.45 -8.00 26.32
CA ILE A 640 23.97 -9.35 26.43
C ILE A 640 23.63 -10.14 25.17
N ILE A 641 22.36 -10.08 24.73
CA ILE A 641 21.94 -10.80 23.54
C ILE A 641 22.79 -10.39 22.35
N MET A 642 22.76 -9.09 22.02
CA MET A 642 23.40 -8.60 20.80
C MET A 642 24.90 -8.85 20.81
N LEU A 643 25.56 -8.71 21.96
CA LEU A 643 27.01 -8.84 21.99
C LEU A 643 27.44 -10.31 21.99
N GLY A 644 26.79 -11.16 22.77
CA GLY A 644 27.22 -12.54 22.84
C GLY A 644 26.58 -13.46 21.82
N LYS A 645 25.25 -13.57 21.84
CA LYS A 645 24.59 -14.67 21.15
C LYS A 645 24.76 -14.58 19.63
N GLN A 646 24.68 -13.38 19.09
CA GLN A 646 24.72 -13.19 17.64
C GLN A 646 26.13 -13.01 17.09
N LEU A 647 27.13 -12.83 17.96
CA LEU A 647 28.47 -12.48 17.51
C LEU A 647 29.53 -13.53 17.85
N ILE A 648 29.46 -14.16 19.02
CA ILE A 648 30.51 -15.07 19.44
C ILE A 648 30.13 -16.51 19.14
N GLN A 649 29.06 -16.98 19.80
CA GLN A 649 28.69 -18.39 19.72
C GLN A 649 28.27 -18.78 18.30
N ASN A 650 27.52 -17.91 17.62
CA ASN A 650 27.05 -18.23 16.27
C ASN A 650 28.23 -18.44 15.33
N ASN A 651 29.16 -17.48 15.30
CA ASN A 651 30.30 -17.59 14.39
C ASN A 651 31.22 -18.75 14.78
N LEU A 652 31.41 -18.97 16.09
CA LEU A 652 32.25 -20.10 16.51
C LEU A 652 31.66 -21.43 16.07
N PHE A 653 30.34 -21.60 16.24
CA PHE A 653 29.69 -22.83 15.78
C PHE A 653 29.78 -22.97 14.27
N GLU A 654 29.56 -21.87 13.54
CA GLU A 654 29.65 -21.90 12.09
C GLU A 654 31.02 -22.37 11.62
N ILE A 655 32.08 -21.87 12.26
CA ILE A 655 33.42 -22.26 11.87
C ILE A 655 33.73 -23.70 12.29
N GLY A 656 33.28 -24.09 13.49
CA GLY A 656 33.72 -25.35 14.06
C GLY A 656 32.91 -26.58 13.69
N ILE A 657 31.70 -26.41 13.15
CA ILE A 657 30.87 -27.58 12.83
C ILE A 657 31.52 -28.49 11.78
N PRO A 658 32.03 -28.00 10.65
CA PRO A 658 32.60 -28.93 9.66
C PRO A 658 33.79 -29.74 10.17
N LYS A 659 34.52 -29.22 11.16
CA LYS A 659 35.69 -29.93 11.67
C LYS A 659 35.29 -31.25 12.31
N MET A 660 34.18 -31.28 13.04
CA MET A 660 33.74 -32.52 13.66
C MET A 660 33.33 -33.55 12.61
N LYS A 661 32.70 -33.10 11.52
CA LYS A 661 32.37 -34.02 10.44
C LYS A 661 33.62 -34.57 9.78
N LYS A 662 34.62 -33.70 9.56
CA LYS A 662 35.88 -34.17 8.97
C LYS A 662 36.57 -35.19 9.87
N PHE A 663 36.59 -34.93 11.18
CA PHE A 663 37.21 -35.85 12.12
C PHE A 663 36.46 -37.18 12.17
N ILE A 664 35.13 -37.14 12.14
CA ILE A 664 34.33 -38.37 12.15
C ILE A 664 34.61 -39.18 10.88
N ARG A 665 34.67 -38.50 9.73
CA ARG A 665 34.98 -39.21 8.49
C ARG A 665 36.37 -39.82 8.53
N TYR A 666 37.35 -39.09 9.08
CA TYR A 666 38.70 -39.62 9.20
C TYR A 666 38.74 -40.85 10.11
N LEU A 667 38.01 -40.80 11.23
CA LEU A 667 37.98 -41.94 12.14
C LEU A 667 37.30 -43.15 11.52
N LYS A 668 36.21 -42.93 10.78
CA LYS A 668 35.49 -44.06 10.18
C LYS A 668 36.21 -44.64 8.98
N LEU A 669 36.92 -43.82 8.21
CA LEU A 669 37.62 -44.33 7.03
C LEU A 669 38.75 -45.28 7.44
N ARG A 670 39.48 -44.95 8.50
CA ARG A 670 40.58 -45.79 8.96
C ARG A 670 40.07 -46.92 9.85
N GLU A 679 50.08 -41.61 3.45
CA GLU A 679 49.19 -42.70 3.06
C GLU A 679 48.90 -42.67 1.56
N TYR A 680 48.72 -41.47 1.02
CA TYR A 680 48.42 -41.27 -0.40
C TYR A 680 49.63 -40.62 -1.06
N VAL A 681 50.18 -41.28 -2.07
CA VAL A 681 51.27 -40.74 -2.86
C VAL A 681 50.83 -40.39 -4.28
N LYS A 682 50.10 -41.29 -4.92
CA LYS A 682 49.55 -41.02 -6.24
C LYS A 682 48.51 -39.91 -6.18
N ARG A 683 48.38 -39.18 -7.28
CA ARG A 683 47.42 -38.09 -7.36
C ARG A 683 46.02 -38.64 -7.63
N LYS A 684 45.07 -38.29 -6.79
CA LYS A 684 43.69 -38.72 -6.98
C LYS A 684 43.05 -37.95 -8.13
N GLN A 685 42.03 -38.56 -8.73
CA GLN A 685 41.31 -37.93 -9.82
C GLN A 685 40.40 -36.82 -9.28
N ARG A 686 39.80 -36.07 -10.21
CA ARG A 686 38.99 -34.92 -9.83
C ARG A 686 37.71 -35.35 -9.09
N TYR A 687 37.06 -36.41 -9.58
CA TYR A 687 35.81 -36.84 -8.94
C TYR A 687 36.06 -37.38 -7.54
N GLU A 688 37.18 -38.11 -7.34
CA GLU A 688 37.50 -38.61 -6.01
C GLU A 688 37.83 -37.48 -5.06
N VAL A 689 38.44 -36.40 -5.55
CA VAL A 689 38.71 -35.24 -4.71
C VAL A 689 37.42 -34.51 -4.35
N ASP A 690 36.54 -34.31 -5.34
CA ASP A 690 35.28 -33.61 -5.11
C ASP A 690 34.28 -34.44 -4.32
N PHE A 691 34.48 -35.76 -4.21
CA PHE A 691 33.55 -36.61 -3.48
C PHE A 691 33.63 -36.40 -1.97
N ASN A 692 34.72 -35.84 -1.47
CA ASN A 692 34.94 -35.69 -0.04
C ASN A 692 34.49 -34.33 0.50
N LEU A 693 33.85 -33.51 -0.33
CA LEU A 693 33.38 -32.21 0.11
C LEU A 693 31.95 -32.31 0.64
N GLU A 694 31.49 -31.23 1.28
CA GLU A 694 30.15 -31.19 1.87
C GLU A 694 29.16 -30.65 0.86
N PRO A 695 27.99 -31.28 0.70
CA PRO A 695 27.02 -30.80 -0.28
C PRO A 695 26.39 -29.48 0.14
N PHE A 696 25.90 -28.75 -0.87
CA PHE A 696 25.28 -27.45 -0.65
C PHE A 696 23.86 -27.63 -0.11
N ALA A 697 23.50 -26.79 0.86
CA ALA A 697 22.19 -26.86 1.49
C ALA A 697 21.18 -25.90 0.87
N GLY A 698 21.46 -24.60 0.93
CA GLY A 698 20.54 -23.62 0.41
C GLY A 698 20.84 -22.24 0.98
N LEU A 699 19.94 -21.30 0.68
CA LEU A 699 20.10 -19.92 1.07
C LEU A 699 19.08 -19.43 2.08
N THR A 700 18.19 -20.29 2.57
CA THR A 700 17.17 -19.86 3.52
C THR A 700 17.76 -19.45 4.88
N PRO A 701 18.63 -20.24 5.52
CA PRO A 701 19.19 -19.79 6.81
C PRO A 701 19.99 -18.50 6.72
N GLU A 702 20.72 -18.30 5.60
CA GLU A 702 21.51 -17.08 5.44
C GLU A 702 20.63 -15.84 5.43
N TYR A 703 19.48 -15.91 4.74
CA TYR A 703 18.55 -14.80 4.74
C TYR A 703 17.85 -14.66 6.09
N MET A 704 17.52 -15.80 6.72
CA MET A 704 16.77 -15.78 7.97
C MET A 704 17.57 -15.13 9.09
N GLU A 705 18.88 -15.41 9.15
CA GLU A 705 19.73 -14.80 10.17
C GLU A 705 19.72 -13.29 10.08
N MET A 706 19.95 -12.74 8.88
CA MET A 706 19.99 -11.30 8.70
C MET A 706 18.62 -10.67 8.90
N ILE A 707 17.56 -11.37 8.50
CA ILE A 707 16.21 -10.84 8.69
C ILE A 707 15.87 -10.76 10.18
N ILE A 708 16.28 -11.78 10.95
CA ILE A 708 16.09 -11.73 12.39
C ILE A 708 16.91 -10.61 13.02
N GLN A 709 18.14 -10.43 12.54
CA GLN A 709 18.97 -9.32 13.04
C GLN A 709 18.37 -7.97 12.73
N PHE A 710 17.65 -7.84 11.61
CA PHE A 710 17.11 -6.54 11.21
C PHE A 710 16.06 -6.03 12.19
N GLY A 711 15.38 -6.93 12.91
CA GLY A 711 14.30 -6.50 13.78
C GLY A 711 14.77 -5.87 15.08
N PHE A 712 15.95 -6.23 15.56
CA PHE A 712 16.44 -5.67 16.82
C PHE A 712 16.81 -4.20 16.66
N VAL A 713 17.27 -3.80 15.48
CA VAL A 713 17.73 -2.43 15.27
C VAL A 713 16.55 -1.46 15.27
N THR A 714 15.43 -1.84 14.66
CA THR A 714 14.32 -0.93 14.42
C THR A 714 13.24 -0.98 15.48
N LEU A 715 12.93 -2.16 16.02
CA LEU A 715 11.79 -2.28 16.94
C LEU A 715 12.08 -1.68 18.30
N PHE A 716 13.31 -1.85 18.80
CA PHE A 716 13.67 -1.47 20.15
C PHE A 716 14.79 -0.44 20.16
N VAL A 717 14.67 0.61 19.33
CA VAL A 717 15.69 1.63 19.25
C VAL A 717 15.36 2.87 20.07
N ALA A 718 14.13 2.99 20.58
CA ALA A 718 13.74 4.16 21.36
C ALA A 718 14.42 4.23 22.71
N SER A 719 15.08 3.15 23.16
CA SER A 719 15.75 3.16 24.45
C SER A 719 17.14 2.49 24.38
N PHE A 720 17.74 2.41 23.20
CA PHE A 720 19.06 1.80 23.05
C PHE A 720 19.74 2.43 21.84
N PRO A 721 20.42 3.56 22.02
CA PRO A 721 21.02 4.25 20.86
C PRO A 721 22.20 3.51 20.25
N LEU A 722 22.79 2.54 20.94
CA LEU A 722 23.98 1.87 20.46
C LEU A 722 23.69 0.62 19.66
N ALA A 723 22.42 0.39 19.30
CA ALA A 723 22.08 -0.81 18.52
C ALA A 723 22.70 -0.82 17.13
N PRO A 724 22.63 0.25 16.33
CA PRO A 724 23.22 0.17 14.98
C PRO A 724 24.73 -0.06 14.96
N LEU A 725 25.43 0.31 16.03
CA LEU A 725 26.88 0.15 16.05
C LEU A 725 27.28 -1.32 16.23
N PHE A 726 26.46 -2.11 16.93
CA PHE A 726 26.81 -3.49 17.19
C PHE A 726 26.63 -4.37 15.96
N ALA A 727 25.74 -3.98 15.04
CA ALA A 727 25.49 -4.78 13.84
C ALA A 727 26.55 -4.57 12.77
N LEU A 728 27.15 -3.37 12.71
CA LEU A 728 28.18 -3.11 11.70
C LEU A 728 29.40 -3.99 11.92
N LEU A 729 29.82 -4.16 13.17
CA LEU A 729 30.99 -4.97 13.47
C LEU A 729 30.77 -6.42 13.09
N ASN A 730 29.53 -6.91 13.24
CA ASN A 730 29.23 -8.27 12.84
C ASN A 730 29.15 -8.41 11.33
N ASN A 731 28.54 -7.44 10.65
CA ASN A 731 28.41 -7.51 9.20
C ASN A 731 29.76 -7.35 8.52
N ILE A 732 30.72 -6.70 9.17
CA ILE A 732 32.07 -6.60 8.61
C ILE A 732 32.70 -7.99 8.49
N ILE A 733 32.52 -8.82 9.52
CA ILE A 733 33.13 -10.15 9.52
C ILE A 733 32.29 -11.15 8.72
N GLU A 734 30.98 -10.97 8.67
CA GLU A 734 30.10 -11.97 8.06
C GLU A 734 30.40 -12.16 6.58
N ILE A 735 30.73 -11.09 5.86
CA ILE A 735 30.96 -11.19 4.43
C ILE A 735 32.13 -12.12 4.14
N ARG A 736 33.27 -11.87 4.77
CA ARG A 736 34.45 -12.69 4.56
C ARG A 736 34.35 -14.04 5.25
N LEU A 737 33.44 -14.19 6.22
CA LEU A 737 33.20 -15.51 6.79
C LEU A 737 32.42 -16.39 5.83
N ASP A 738 31.41 -15.82 5.17
CA ASP A 738 30.60 -16.60 4.23
C ASP A 738 31.31 -16.80 2.89
N ALA A 739 32.22 -15.89 2.52
CA ALA A 739 32.89 -16.03 1.23
C ALA A 739 33.78 -17.27 1.19
N LYS A 740 34.44 -17.60 2.32
CA LYS A 740 35.36 -18.73 2.34
C LYS A 740 34.64 -20.06 2.18
N LYS A 741 33.41 -20.16 2.70
CA LYS A 741 32.68 -21.43 2.66
C LYS A 741 32.41 -21.88 1.24
N PHE A 742 31.98 -20.96 0.38
CA PHE A 742 31.66 -21.33 -1.00
C PHE A 742 32.90 -21.78 -1.75
N VAL A 743 34.04 -21.12 -1.50
CA VAL A 743 35.24 -21.39 -2.29
C VAL A 743 35.90 -22.68 -1.83
N THR A 744 36.07 -22.86 -0.51
CA THR A 744 36.96 -23.89 0.01
C THR A 744 36.26 -25.12 0.59
N GLU A 745 34.97 -25.03 0.92
CA GLU A 745 34.30 -26.10 1.66
C GLU A 745 33.23 -26.82 0.87
N LEU A 746 32.23 -26.11 0.36
CA LEU A 746 31.06 -26.74 -0.23
C LEU A 746 31.37 -27.26 -1.63
N ARG A 747 30.45 -28.08 -2.14
CA ARG A 747 30.49 -28.51 -3.53
C ARG A 747 29.96 -27.40 -4.43
N ARG A 748 30.20 -27.54 -5.73
CA ARG A 748 29.77 -26.53 -6.68
C ARG A 748 28.28 -26.65 -6.95
N PRO A 749 27.49 -25.61 -6.70
CA PRO A 749 26.07 -25.65 -7.02
C PRO A 749 25.83 -25.43 -8.51
N VAL A 750 24.59 -25.66 -8.92
CA VAL A 750 24.15 -25.41 -10.29
C VAL A 750 23.51 -24.04 -10.35
N ALA A 751 23.53 -23.43 -11.53
CA ALA A 751 23.07 -22.06 -11.68
C ALA A 751 21.56 -22.00 -11.87
N ILE A 752 20.95 -20.95 -11.30
CA ILE A 752 19.53 -20.69 -11.41
C ILE A 752 19.34 -19.21 -11.73
N ARG A 753 18.47 -18.91 -12.68
CA ARG A 753 18.18 -17.53 -13.06
C ARG A 753 17.09 -16.95 -12.18
N ALA A 754 17.34 -15.77 -11.62
CA ALA A 754 16.37 -15.07 -10.79
C ALA A 754 16.44 -13.58 -11.09
N LYS A 755 15.33 -12.89 -10.85
CA LYS A 755 15.26 -11.45 -11.09
C LYS A 755 14.95 -10.64 -9.83
N ASP A 756 14.75 -11.29 -8.69
CA ASP A 756 14.50 -10.59 -7.44
C ASP A 756 14.83 -11.52 -6.27
N ILE A 757 14.95 -10.93 -5.08
CA ILE A 757 15.23 -11.72 -3.89
C ILE A 757 14.04 -12.61 -3.54
N GLY A 758 12.82 -12.10 -3.73
CA GLY A 758 11.64 -12.93 -3.57
C GLY A 758 10.69 -12.49 -2.47
N ILE A 759 10.47 -13.39 -1.50
CA ILE A 759 9.43 -13.19 -0.49
C ILE A 759 9.91 -12.36 0.70
N TRP A 760 11.20 -12.04 0.79
CA TRP A 760 11.71 -11.34 1.96
C TRP A 760 11.37 -9.85 1.94
N TYR A 761 11.05 -9.30 0.77
CA TYR A 761 10.68 -7.89 0.66
C TYR A 761 9.41 -7.60 1.46
N ASN A 762 8.42 -8.48 1.35
CA ASN A 762 7.17 -8.29 2.09
C ASN A 762 7.39 -8.37 3.59
N ILE A 763 8.26 -9.29 4.02
CA ILE A 763 8.56 -9.41 5.45
C ILE A 763 9.25 -8.16 5.96
N LEU A 764 10.22 -7.64 5.19
CA LEU A 764 10.90 -6.42 5.59
C LEU A 764 9.92 -5.25 5.68
N ARG A 765 9.08 -5.04 4.69
CA ARG A 765 8.04 -3.99 4.71
C ARG A 765 6.98 -4.22 5.78
N GLY A 766 6.68 -5.43 6.25
CA GLY A 766 5.82 -5.64 7.41
C GLY A 766 6.47 -5.26 8.71
N VAL A 767 7.74 -5.64 8.89
CA VAL A 767 8.47 -5.27 10.10
C VAL A 767 8.62 -3.77 10.20
N GLY A 768 8.95 -3.11 9.08
CA GLY A 768 9.07 -1.67 9.08
C GLY A 768 7.78 -0.97 9.44
N LYS A 769 6.64 -1.51 8.97
CA LYS A 769 5.35 -0.93 9.34
C LYS A 769 5.03 -1.20 10.81
N LEU A 770 5.43 -2.36 11.33
CA LEU A 770 5.09 -2.72 12.71
C LEU A 770 5.87 -1.91 13.73
N ALA A 771 7.08 -1.47 13.37
CA ALA A 771 7.96 -0.85 14.37
C ALA A 771 7.35 0.41 15.02
N VAL A 772 6.50 1.13 14.30
CA VAL A 772 6.11 2.48 14.73
C VAL A 772 5.23 2.43 15.98
N ILE A 773 4.24 1.54 15.99
CA ILE A 773 3.33 1.47 17.14
C ILE A 773 4.08 1.08 18.40
N ILE A 774 5.00 0.11 18.26
CA ILE A 774 5.80 -0.32 19.42
C ILE A 774 6.67 0.83 19.91
N ASN A 775 7.28 1.58 18.99
CA ASN A 775 8.08 2.72 19.41
C ASN A 775 7.25 3.75 20.17
N ALA A 776 6.05 4.05 19.66
CA ALA A 776 5.20 5.03 20.32
C ALA A 776 4.79 4.56 21.72
N PHE A 777 4.39 3.28 21.84
CA PHE A 777 3.98 2.78 23.14
C PHE A 777 5.14 2.72 24.13
N VAL A 778 6.34 2.39 23.63
CA VAL A 778 7.52 2.35 24.49
C VAL A 778 7.84 3.75 25.01
N ILE A 779 7.75 4.75 24.14
CA ILE A 779 8.01 6.13 24.58
C ILE A 779 6.94 6.57 25.58
N SER A 780 5.69 6.20 25.34
CA SER A 780 4.59 6.70 26.16
C SER A 780 4.56 6.07 27.55
N PHE A 781 4.55 4.76 27.72
CA PHE A 781 4.31 4.03 29.00
C PHE A 781 5.57 3.49 29.70
N THR A 782 6.76 3.54 29.10
CA THR A 782 7.91 2.97 29.80
C THR A 782 8.82 4.02 30.42
N SER A 783 8.88 5.22 29.88
CA SER A 783 9.76 6.27 30.38
C SER A 783 9.00 7.20 31.32
N ASP A 784 9.69 8.26 31.76
CA ASP A 784 9.13 9.27 32.64
C ASP A 784 9.04 10.63 31.96
N PHE A 785 8.94 10.64 30.63
CA PHE A 785 8.89 11.88 29.87
C PHE A 785 7.57 12.62 30.10
N ILE A 786 6.45 11.93 29.95
CA ILE A 786 5.12 12.50 30.08
C ILE A 786 4.87 12.98 31.52
N PRO A 787 5.19 12.21 32.56
CA PRO A 787 5.02 12.77 33.93
C PRO A 787 5.81 14.04 34.17
N ARG A 788 7.04 14.12 33.65
CA ARG A 788 7.82 15.35 33.82
C ARG A 788 7.18 16.51 33.09
N LEU A 789 6.73 16.28 31.84
CA LEU A 789 6.06 17.33 31.09
C LEU A 789 4.79 17.81 31.79
N VAL A 790 4.04 16.87 32.39
CA VAL A 790 2.82 17.24 33.09
C VAL A 790 3.13 18.04 34.35
N TYR A 791 4.16 17.63 35.09
CA TYR A 791 4.51 18.35 36.31
C TYR A 791 4.99 19.77 36.01
N LEU A 792 5.80 19.94 34.95
CA LEU A 792 6.39 21.24 34.69
C LEU A 792 5.34 22.31 34.39
N TYR A 793 4.31 21.96 33.63
CA TYR A 793 3.35 22.93 33.12
C TYR A 793 2.06 23.00 33.93
N MET A 794 1.92 22.27 35.03
CA MET A 794 0.67 22.28 35.76
C MET A 794 0.83 22.47 37.27
N TYR A 795 1.93 21.98 37.84
CA TYR A 795 2.07 21.90 39.29
C TYR A 795 3.25 22.66 39.86
N SER A 796 4.10 23.25 39.04
CA SER A 796 5.28 23.95 39.51
C SER A 796 4.99 25.43 39.72
N GLN A 797 5.48 25.96 40.84
CA GLN A 797 5.37 27.39 41.08
C GLN A 797 6.52 28.16 40.47
N ASN A 798 7.74 27.60 40.55
CA ASN A 798 8.92 28.21 39.98
C ASN A 798 8.84 28.27 38.47
N GLY A 799 8.40 27.19 37.84
CA GLY A 799 8.65 26.94 36.44
C GLY A 799 9.84 26.04 36.18
N THR A 800 10.38 25.40 37.21
CA THR A 800 11.55 24.53 37.09
C THR A 800 11.20 23.14 37.59
N MET A 801 12.22 22.29 37.78
CA MET A 801 12.03 20.90 38.14
C MET A 801 12.34 20.63 39.62
N HIS A 802 11.99 21.55 40.51
CA HIS A 802 12.24 21.37 41.94
C HIS A 802 11.01 20.78 42.60
N GLY A 803 11.18 19.65 43.29
CA GLY A 803 10.09 19.00 43.98
C GLY A 803 9.41 17.89 43.21
N PHE A 804 10.04 17.33 42.18
CA PHE A 804 9.38 16.32 41.36
C PHE A 804 9.30 14.98 42.07
N VAL A 805 10.37 14.56 42.75
CA VAL A 805 10.35 13.31 43.50
C VAL A 805 9.37 13.41 44.67
N ASN A 806 9.28 14.60 45.27
CA ASN A 806 8.27 14.88 46.29
C ASN A 806 6.87 14.61 45.76
N HIS A 807 6.65 14.81 44.46
CA HIS A 807 5.31 14.73 43.89
C HIS A 807 4.84 13.30 43.69
N THR A 808 5.76 12.37 43.41
CA THR A 808 5.39 11.05 42.90
C THR A 808 5.32 9.98 43.98
N LEU A 809 5.45 10.34 45.26
CA LEU A 809 5.46 9.37 46.35
C LEU A 809 4.22 9.53 47.23
N SER A 810 3.64 8.40 47.62
CA SER A 810 2.48 8.33 48.48
C SER A 810 2.89 7.87 49.88
N SER A 811 1.92 7.80 50.79
CA SER A 811 2.17 7.45 52.18
C SER A 811 1.24 6.33 52.61
N PHE A 812 1.66 5.61 53.65
CA PHE A 812 0.91 4.45 54.14
C PHE A 812 1.16 4.29 55.63
N ASN A 813 0.12 3.85 56.34
CA ASN A 813 0.21 3.60 57.78
C ASN A 813 0.65 2.15 57.99
N VAL A 814 1.75 1.95 58.69
CA VAL A 814 2.34 0.63 58.85
C VAL A 814 1.51 -0.20 59.83
N SER A 815 0.54 0.43 60.48
CA SER A 815 -0.33 -0.26 61.42
C SER A 815 -1.54 -0.90 60.76
N ASP A 816 -1.72 -0.71 59.46
CA ASP A 816 -2.83 -1.29 58.72
C ASP A 816 -2.43 -2.52 57.92
N PHE A 817 -1.26 -3.09 58.20
CA PHE A 817 -0.79 -4.24 57.44
C PHE A 817 -1.67 -5.47 57.70
N GLN A 818 -1.89 -6.25 56.65
CA GLN A 818 -2.68 -7.47 56.76
C GLN A 818 -1.93 -8.50 57.62
N ASN A 819 -2.71 -9.42 58.19
CA ASN A 819 -2.12 -10.48 59.00
C ASN A 819 -1.23 -11.38 58.14
N GLY A 820 -0.02 -11.62 58.62
CA GLY A 820 0.93 -12.43 57.88
C GLY A 820 1.63 -11.71 56.75
N THR A 821 1.76 -10.38 56.83
CA THR A 821 2.45 -9.61 55.80
C THR A 821 3.48 -8.64 56.34
N ALA A 822 3.49 -8.37 57.65
CA ALA A 822 4.46 -7.44 58.21
C ALA A 822 5.85 -8.06 58.23
N PRO A 823 6.90 -7.24 58.17
CA PRO A 823 8.26 -7.78 58.22
C PRO A 823 8.54 -8.45 59.56
N ASN A 824 9.46 -9.41 59.53
CA ASN A 824 9.79 -10.16 60.75
C ASN A 824 10.45 -9.26 61.79
N ASP A 825 11.40 -8.43 61.38
CA ASP A 825 12.12 -7.55 62.30
C ASP A 825 12.12 -6.15 61.74
N PRO A 826 11.50 -5.18 62.41
CA PRO A 826 11.47 -3.80 61.91
C PRO A 826 12.55 -2.88 62.46
N LEU A 827 13.53 -3.40 63.21
CA LEU A 827 14.54 -2.58 63.87
C LEU A 827 15.91 -2.70 63.22
N ASP A 828 15.98 -3.20 61.99
CA ASP A 828 17.27 -3.32 61.32
C ASP A 828 17.86 -1.97 60.94
N LEU A 829 17.00 -1.02 60.55
CA LEU A 829 17.49 0.31 60.18
C LEU A 829 18.04 1.08 61.37
N GLY A 830 17.70 0.69 62.59
CA GLY A 830 18.21 1.33 63.78
C GLY A 830 17.25 2.27 64.47
N TYR A 831 16.08 2.52 63.87
CA TYR A 831 15.10 3.43 64.46
C TYR A 831 13.70 2.92 64.15
N GLU A 832 12.74 3.37 64.96
CA GLU A 832 11.35 2.96 64.78
C GLU A 832 10.76 3.59 63.52
N VAL A 833 9.88 2.84 62.85
CA VAL A 833 9.24 3.26 61.61
C VAL A 833 7.74 3.31 61.84
N GLN A 834 7.12 4.42 61.47
CA GLN A 834 5.67 4.59 61.58
C GLN A 834 4.99 4.86 60.25
N ILE A 835 5.69 5.43 59.27
CA ILE A 835 5.12 5.71 57.96
C ILE A 835 6.15 5.38 56.89
N CYS A 836 5.76 4.55 55.93
CA CYS A 836 6.60 4.23 54.78
C CYS A 836 5.98 4.82 53.52
N ARG A 837 6.80 4.97 52.49
CA ARG A 837 6.39 5.62 51.26
C ARG A 837 6.52 4.67 50.08
N TYR A 838 5.68 4.79 49.08
CA TYR A 838 5.57 3.93 47.89
C TYR A 838 5.33 4.82 46.69
N LYS A 839 5.48 4.36 45.49
CA LYS A 839 5.22 5.13 44.27
C LYS A 839 3.84 4.81 43.72
N ASP A 840 2.91 5.74 43.73
CA ASP A 840 1.55 5.64 43.19
C ASP A 840 0.87 6.99 43.30
N TYR A 841 -0.35 7.14 42.78
CA TYR A 841 -1.18 8.34 42.87
C TYR A 841 -2.43 7.96 43.68
N ARG A 842 -2.45 8.10 44.98
CA ARG A 842 -3.54 7.65 45.84
C ARG A 842 -3.65 8.70 46.91
N GLU A 843 -4.64 8.67 47.77
CA GLU A 843 -4.99 9.66 48.78
C GLU A 843 -4.21 9.44 50.07
N PRO A 844 -3.98 10.50 50.84
CA PRO A 844 -3.19 10.38 52.07
C PRO A 844 -3.98 9.68 53.16
N PRO A 845 -3.29 9.13 54.18
CA PRO A 845 -4.02 8.52 55.30
C PRO A 845 -4.86 9.51 56.08
N TRP A 846 -4.44 10.76 56.20
CA TRP A 846 -5.18 11.76 56.96
C TRP A 846 -6.27 12.42 56.11
N SER A 847 -7.11 11.59 55.49
CA SER A 847 -8.15 12.06 54.60
C SER A 847 -9.41 11.22 54.80
N GLU A 848 -10.52 11.71 54.25
CA GLU A 848 -11.78 11.01 54.41
C GLU A 848 -11.81 9.71 53.61
N HIS A 849 -11.26 9.73 52.40
CA HIS A 849 -11.24 8.56 51.52
C HIS A 849 -9.78 8.14 51.35
N LYS A 850 -9.31 7.27 52.25
CA LYS A 850 -7.91 6.87 52.26
C LYS A 850 -7.62 5.86 51.16
N TYR A 851 -6.41 5.94 50.59
CA TYR A 851 -5.92 4.98 49.61
C TYR A 851 -6.86 4.85 48.41
N ASP A 852 -7.37 5.98 47.94
CA ASP A 852 -8.25 6.02 46.79
C ASP A 852 -7.57 6.72 45.62
N ILE A 853 -7.96 6.36 44.41
CA ILE A 853 -7.39 6.97 43.22
C ILE A 853 -7.77 8.44 43.18
N SER A 854 -6.78 9.31 43.00
CA SER A 854 -6.96 10.74 43.08
C SER A 854 -7.21 11.35 41.70
N LYS A 855 -7.28 12.68 41.67
CA LYS A 855 -7.54 13.38 40.41
C LYS A 855 -6.32 13.39 39.50
N ASP A 856 -5.11 13.32 40.07
CA ASP A 856 -3.89 13.34 39.28
C ASP A 856 -3.64 12.04 38.54
N PHE A 857 -4.19 10.95 38.93
CA PHE A 857 -4.14 9.70 38.17
C PHE A 857 -4.78 9.87 36.80
N TRP A 858 -5.93 10.55 36.66
CA TRP A 858 -6.65 10.67 35.39
C TRP A 858 -6.05 11.73 34.48
N ALA A 859 -5.33 12.72 35.03
CA ALA A 859 -4.77 13.78 34.20
C ALA A 859 -3.56 13.30 33.42
N VAL A 860 -2.78 12.37 33.97
CA VAL A 860 -1.59 11.88 33.26
C VAL A 860 -1.96 10.82 32.23
N LEU A 861 -2.87 9.97 32.56
CA LEU A 861 -3.39 8.97 31.63
C LEU A 861 -3.92 9.53 30.32
N ALA A 862 -4.60 10.69 30.20
CA ALA A 862 -5.00 11.34 28.95
C ALA A 862 -3.81 11.90 28.19
N ALA A 863 -2.84 12.46 28.92
CA ALA A 863 -1.63 12.95 28.29
C ALA A 863 -0.83 11.82 27.66
N ARG A 864 -0.80 10.64 28.25
CA ARG A 864 -0.14 9.44 27.68
C ARG A 864 -0.92 8.95 26.49
N LEU A 865 -2.24 9.11 26.51
CA LEU A 865 -3.03 8.59 25.39
C LEU A 865 -2.96 9.50 24.16
N ALA A 866 -2.83 10.81 24.35
CA ALA A 866 -2.81 11.73 23.20
C ALA A 866 -1.50 11.64 22.42
N PHE A 867 -0.39 11.32 23.09
CA PHE A 867 0.91 11.27 22.44
C PHE A 867 0.94 10.21 21.35
N VAL A 868 0.35 9.03 21.62
CA VAL A 868 0.31 7.96 20.63
C VAL A 868 -0.48 8.41 19.41
N ILE A 869 -1.63 9.06 19.63
CA ILE A 869 -2.48 9.51 18.52
C ILE A 869 -1.73 10.48 17.63
N VAL A 870 -1.02 11.44 18.23
CA VAL A 870 -0.27 12.40 17.42
C VAL A 870 0.88 11.71 16.68
N PHE A 871 1.68 10.93 17.42
CA PHE A 871 2.91 10.35 16.89
C PHE A 871 2.64 9.42 15.73
N GLN A 872 1.70 8.49 15.90
CA GLN A 872 1.45 7.47 14.88
C GLN A 872 1.08 8.12 13.55
N ASN A 873 0.11 9.04 13.58
CA ASN A 873 -0.36 9.66 12.35
C ASN A 873 0.74 10.50 11.70
N LEU A 874 1.46 11.30 12.49
CA LEU A 874 2.48 12.16 11.89
C LEU A 874 3.58 11.33 11.24
N VAL A 875 4.03 10.27 11.93
CA VAL A 875 5.11 9.46 11.38
C VAL A 875 4.64 8.68 10.16
N MET A 876 3.38 8.21 10.16
CA MET A 876 2.88 7.52 8.98
C MET A 876 2.84 8.44 7.76
N PHE A 877 2.34 9.67 7.93
CA PHE A 877 2.30 10.60 6.81
C PHE A 877 3.70 10.92 6.31
N MET A 878 4.63 11.17 7.23
CA MET A 878 6.01 11.46 6.83
C MET A 878 6.65 10.29 6.10
N SER A 879 6.34 9.06 6.53
CA SER A 879 6.90 7.89 5.86
C SER A 879 6.32 7.71 4.46
N ASP A 880 5.03 8.02 4.28
CA ASP A 880 4.44 7.92 2.94
C ASP A 880 4.97 8.99 2.00
N PHE A 881 5.25 10.19 2.51
CA PHE A 881 5.73 11.26 1.64
C PHE A 881 7.05 10.91 0.96
N VAL A 882 7.96 10.24 1.69
CA VAL A 882 9.27 9.90 1.14
C VAL A 882 9.11 8.94 -0.05
N ASP A 883 8.25 7.94 0.10
CA ASP A 883 7.99 7.04 -1.02
C ASP A 883 7.36 7.80 -2.18
N TRP A 884 6.45 8.72 -1.89
CA TRP A 884 5.79 9.47 -2.96
C TRP A 884 6.80 10.29 -3.77
N VAL A 885 7.75 10.94 -3.11
CA VAL A 885 8.62 11.88 -3.80
C VAL A 885 9.58 11.17 -4.75
N ILE A 886 10.24 10.12 -4.27
CA ILE A 886 11.36 9.54 -5.01
C ILE A 886 10.84 8.62 -6.11
N PRO A 887 11.29 8.79 -7.34
CA PRO A 887 10.90 7.87 -8.41
C PRO A 887 11.57 6.51 -8.25
N ASP A 888 10.96 5.50 -8.85
CA ASP A 888 11.42 4.12 -8.68
C ASP A 888 12.36 3.64 -9.77
N ILE A 889 12.58 4.42 -10.83
CA ILE A 889 13.44 4.01 -11.93
C ILE A 889 14.46 5.10 -12.22
N PRO A 890 15.74 4.77 -12.32
CA PRO A 890 16.75 5.80 -12.66
C PRO A 890 16.53 6.34 -14.07
N LYS A 891 16.90 7.61 -14.25
CA LYS A 891 16.66 8.28 -15.52
C LYS A 891 17.61 7.77 -16.61
N ASP A 892 18.90 7.65 -16.28
CA ASP A 892 19.88 7.24 -17.29
C ASP A 892 19.63 5.82 -17.78
N ILE A 893 19.23 4.92 -16.87
CA ILE A 893 18.98 3.54 -17.25
C ILE A 893 17.82 3.45 -18.24
N SER A 894 16.74 4.19 -17.97
CA SER A 894 15.60 4.19 -18.89
C SER A 894 15.96 4.88 -20.20
N GLN A 895 16.81 5.90 -20.14
CA GLN A 895 17.21 6.62 -21.35
C GLN A 895 18.03 5.73 -22.28
N GLN A 896 18.91 4.90 -21.70
CA GLN A 896 19.82 4.09 -22.49
C GLN A 896 19.09 3.05 -23.33
N ILE A 897 17.93 2.59 -22.87
CA ILE A 897 17.22 1.52 -23.57
C ILE A 897 16.63 2.02 -24.88
N HIS A 898 16.19 3.28 -24.92
CA HIS A 898 15.51 3.77 -26.12
C HIS A 898 16.47 3.88 -27.30
N LYS A 899 17.69 4.37 -27.07
CA LYS A 899 18.65 4.44 -28.17
C LYS A 899 19.08 3.05 -28.61
N GLU A 900 19.20 2.12 -27.65
CA GLU A 900 19.53 0.74 -28.02
C GLU A 900 18.43 0.12 -28.87
N LYS A 901 17.17 0.44 -28.58
CA LYS A 901 16.07 -0.07 -29.41
C LYS A 901 16.06 0.60 -30.77
N VAL A 902 16.39 1.90 -30.83
CA VAL A 902 16.46 2.60 -32.11
C VAL A 902 17.52 1.95 -33.00
N LEU A 903 18.67 1.61 -32.42
CA LEU A 903 19.68 0.90 -33.19
C LEU A 903 19.31 -0.55 -33.44
N MET A 904 18.50 -1.14 -32.56
CA MET A 904 18.02 -2.49 -32.76
C MET A 904 17.04 -2.57 -33.92
N VAL A 905 16.42 -1.45 -34.29
CA VAL A 905 15.65 -1.42 -35.53
C VAL A 905 16.54 -1.73 -36.73
N GLU A 906 17.68 -1.03 -36.83
CA GLU A 906 18.64 -1.34 -37.89
C GLU A 906 19.25 -2.72 -37.70
N LEU A 907 19.31 -3.21 -36.46
CA LEU A 907 19.75 -4.59 -36.23
C LEU A 907 18.76 -5.60 -36.83
N PHE A 908 17.45 -5.35 -36.64
CA PHE A 908 16.44 -6.17 -37.28
C PHE A 908 16.57 -6.12 -38.80
N MET A 909 16.86 -4.92 -39.33
CA MET A 909 17.17 -4.81 -40.75
C MET A 909 18.41 -5.65 -41.11
N ARG A 910 19.37 -5.72 -40.20
CA ARG A 910 20.59 -6.49 -40.43
C ARG A 910 20.30 -7.98 -40.43
N GLU A 911 19.24 -8.40 -39.74
CA GLU A 911 18.90 -9.81 -39.68
C GLU A 911 18.68 -10.39 -41.08
N GLU A 912 17.93 -9.69 -41.93
CA GLU A 912 17.78 -10.13 -43.31
C GLU A 912 18.96 -9.69 -44.16
N GLN A 913 19.78 -8.77 -43.64
CA GLN A 913 20.95 -8.30 -44.37
C GLN A 913 22.18 -9.16 -44.04
N ALA B 47 -30.23 13.17 -53.77
CA ALA B 47 -30.94 12.25 -54.63
C ALA B 47 -30.14 10.96 -54.84
N GLU B 48 -29.26 10.99 -55.85
CA GLU B 48 -28.42 9.83 -56.15
C GLU B 48 -27.18 9.75 -55.28
N CYS B 49 -26.90 10.78 -54.48
CA CYS B 49 -25.76 10.79 -53.59
C CYS B 49 -26.11 10.38 -52.16
N LYS B 50 -27.36 9.98 -51.92
CA LYS B 50 -27.86 9.68 -50.58
C LYS B 50 -27.56 10.83 -49.61
N TYR B 51 -27.77 12.05 -50.10
CA TYR B 51 -27.74 13.27 -49.28
C TYR B 51 -26.36 13.47 -48.63
N GLY B 52 -25.32 13.47 -49.46
CA GLY B 52 -23.99 13.85 -49.03
C GLY B 52 -23.17 12.76 -48.39
N LEU B 53 -23.70 11.55 -48.20
CA LEU B 53 -22.92 10.48 -47.59
C LEU B 53 -21.82 10.00 -48.52
N TYR B 54 -22.09 9.91 -49.81
CA TYR B 54 -21.13 9.48 -50.82
C TYR B 54 -20.73 10.66 -51.69
N PHE B 55 -19.71 10.42 -52.53
CA PHE B 55 -19.25 11.44 -53.45
C PHE B 55 -20.23 11.61 -54.61
N ARG B 56 -19.88 12.48 -55.55
CA ARG B 56 -20.76 12.72 -56.71
C ARG B 56 -20.89 11.46 -57.57
N ASP B 57 -19.80 10.70 -57.72
CA ASP B 57 -19.88 9.47 -58.50
C ASP B 57 -20.70 8.41 -57.80
N GLY B 58 -20.80 8.45 -56.48
CA GLY B 58 -21.60 7.52 -55.73
C GLY B 58 -20.89 6.26 -55.26
N LYS B 59 -19.57 6.24 -55.28
CA LYS B 59 -18.81 5.08 -54.85
C LYS B 59 -17.72 5.37 -53.84
N ARG B 60 -17.57 6.63 -53.41
CA ARG B 60 -16.54 7.02 -52.45
C ARG B 60 -17.21 7.57 -51.20
N LYS B 61 -16.88 6.99 -50.04
CA LYS B 61 -17.51 7.33 -48.78
C LYS B 61 -16.70 8.41 -48.06
N VAL B 62 -17.40 9.43 -47.57
CA VAL B 62 -16.73 10.50 -46.83
C VAL B 62 -16.35 10.00 -45.44
N ASP B 63 -15.06 10.15 -45.11
CA ASP B 63 -14.56 9.72 -43.81
C ASP B 63 -14.24 10.86 -42.86
N TYR B 64 -14.08 12.09 -43.37
CA TYR B 64 -13.82 13.24 -42.53
C TYR B 64 -14.24 14.49 -43.30
N ILE B 65 -14.49 15.56 -42.55
CA ILE B 65 -14.98 16.80 -43.13
C ILE B 65 -14.25 17.97 -42.49
N LEU B 66 -13.67 18.84 -43.32
CA LEU B 66 -12.99 20.04 -42.88
C LEU B 66 -13.73 21.26 -43.41
N VAL B 67 -13.93 22.25 -42.54
CA VAL B 67 -14.66 23.47 -42.89
C VAL B 67 -13.75 24.66 -42.64
N TYR B 68 -13.69 25.57 -43.62
CA TYR B 68 -12.93 26.81 -43.50
C TYR B 68 -13.85 28.00 -43.72
N HIS B 69 -13.43 29.15 -43.19
CA HIS B 69 -14.21 30.39 -43.29
C HIS B 69 -13.73 31.18 -44.50
N HIS B 70 -14.29 30.83 -45.65
CA HIS B 70 -13.95 31.50 -46.92
C HIS B 70 -14.94 32.64 -47.15
N LYS B 71 -14.65 33.78 -46.52
CA LYS B 71 -15.50 34.95 -46.68
C LYS B 71 -15.41 35.51 -48.09
N ARG B 72 -16.55 35.97 -48.59
CA ARG B 72 -16.62 36.52 -49.94
C ARG B 72 -15.91 37.87 -50.03
N ASP B 118 -6.21 42.30 -46.50
CA ASP B 118 -6.56 40.93 -46.86
C ASP B 118 -5.30 40.08 -47.07
N TYR B 119 -4.15 40.63 -46.66
CA TYR B 119 -2.89 39.90 -46.81
C TYR B 119 -2.87 38.65 -45.95
N HIS B 120 -3.38 38.74 -44.73
CA HIS B 120 -3.44 37.56 -43.86
C HIS B 120 -4.37 36.50 -44.43
N GLU B 121 -5.46 36.92 -45.07
CA GLU B 121 -6.35 35.96 -45.72
C GLU B 121 -5.63 35.23 -46.85
N ASP B 122 -4.83 35.96 -47.64
CA ASP B 122 -4.07 35.31 -48.70
C ASP B 122 -3.02 34.36 -48.12
N ASP B 123 -2.40 34.74 -47.01
CA ASP B 123 -1.43 33.85 -46.37
C ASP B 123 -2.11 32.58 -45.88
N LYS B 124 -3.29 32.71 -45.27
CA LYS B 124 -4.02 31.53 -44.81
C LYS B 124 -4.44 30.65 -45.99
N ARG B 125 -4.85 31.27 -47.10
CA ARG B 125 -5.20 30.51 -48.29
C ARG B 125 -4.00 29.74 -48.82
N PHE B 126 -2.83 30.39 -48.85
CA PHE B 126 -1.62 29.71 -49.29
C PHE B 126 -1.26 28.55 -48.37
N ARG B 127 -1.40 28.75 -47.06
CA ARG B 127 -1.11 27.68 -46.11
C ARG B 127 -2.07 26.50 -46.29
N ARG B 128 -3.36 26.80 -46.40
CA ARG B 128 -4.35 25.73 -46.68
C ARG B 128 -3.90 24.99 -47.94
N GLU B 129 -3.68 25.73 -49.03
CA GLU B 129 -3.35 25.08 -50.30
C GLU B 129 -2.14 24.16 -50.15
N GLU B 130 -1.13 24.60 -49.41
CA GLU B 130 0.02 23.75 -49.15
C GLU B 130 -0.37 22.51 -48.35
N TYR B 131 -1.25 22.68 -47.36
CA TYR B 131 -1.73 21.53 -46.58
C TYR B 131 -2.50 20.56 -47.47
N GLU B 132 -3.35 21.07 -48.36
CA GLU B 132 -4.07 20.20 -49.28
C GLU B 132 -3.12 19.48 -50.23
N GLY B 133 -2.07 20.16 -50.68
CA GLY B 133 -1.08 19.50 -51.51
C GLY B 133 -0.35 18.39 -50.78
N ASN B 134 -0.01 18.63 -49.51
CA ASN B 134 0.61 17.58 -48.70
C ASN B 134 -0.34 16.39 -48.51
N LEU B 135 -1.61 16.68 -48.28
CA LEU B 135 -2.60 15.60 -48.13
C LEU B 135 -2.73 14.80 -49.43
N LEU B 136 -2.71 15.49 -50.57
CA LEU B 136 -2.74 14.79 -51.85
C LEU B 136 -1.51 13.92 -52.05
N GLU B 137 -0.33 14.43 -51.64
CA GLU B 137 0.87 13.60 -51.67
C GLU B 137 0.74 12.38 -50.76
N ALA B 138 0.01 12.52 -49.64
CA ALA B 138 -0.19 11.38 -48.75
C ALA B 138 -1.01 10.28 -49.42
N GLY B 139 -1.98 10.65 -50.26
CA GLY B 139 -2.78 9.66 -50.95
C GLY B 139 -4.27 9.75 -50.66
N LEU B 140 -4.76 10.95 -50.37
CA LEU B 140 -6.15 11.18 -50.02
C LEU B 140 -6.86 11.96 -51.12
N GLU B 141 -8.06 11.50 -51.48
CA GLU B 141 -8.87 12.21 -52.46
C GLU B 141 -9.49 13.45 -51.84
N LEU B 142 -9.58 14.52 -52.61
CA LEU B 142 -9.98 15.83 -52.12
C LEU B 142 -11.14 16.37 -52.95
N GLU B 143 -12.02 17.14 -52.31
CA GLU B 143 -13.18 17.70 -52.98
C GLU B 143 -13.64 18.94 -52.20
N ASN B 144 -14.21 19.91 -52.92
CA ASN B 144 -14.66 21.15 -52.31
C ASN B 144 -16.09 21.45 -52.74
N ASP B 145 -16.84 22.08 -51.84
CA ASP B 145 -18.19 22.54 -52.12
C ASP B 145 -18.35 23.95 -51.59
N GLU B 146 -18.86 24.85 -52.46
CA GLU B 146 -18.92 26.27 -52.15
C GLU B 146 -20.31 26.87 -52.28
N ASP B 147 -21.32 26.08 -52.65
CA ASP B 147 -22.67 26.58 -52.86
C ASP B 147 -23.56 26.06 -51.72
N THR B 148 -23.68 26.87 -50.67
CA THR B 148 -24.53 26.54 -49.53
C THR B 148 -25.32 27.78 -49.13
N LYS B 149 -26.43 27.56 -48.43
CA LYS B 149 -27.26 28.67 -47.96
C LYS B 149 -26.51 29.51 -46.93
N ILE B 150 -25.73 28.86 -46.06
CA ILE B 150 -24.96 29.59 -45.06
C ILE B 150 -23.90 30.43 -45.73
N HIS B 151 -23.67 31.63 -45.21
CA HIS B 151 -22.78 32.59 -45.84
C HIS B 151 -21.33 32.37 -45.41
N GLY B 152 -20.42 32.39 -46.39
CA GLY B 152 -18.99 32.36 -46.13
C GLY B 152 -18.49 31.09 -45.46
N VAL B 153 -18.91 29.93 -45.97
CA VAL B 153 -18.47 28.64 -45.43
C VAL B 153 -18.16 27.70 -46.59
N GLY B 154 -17.06 26.97 -46.46
CA GLY B 154 -16.70 25.98 -47.45
C GLY B 154 -16.37 24.66 -46.78
N PHE B 155 -16.81 23.57 -47.42
CA PHE B 155 -16.66 22.23 -46.89
C PHE B 155 -15.69 21.43 -47.75
N VAL B 156 -14.89 20.58 -47.09
CA VAL B 156 -13.89 19.76 -47.75
C VAL B 156 -14.14 18.31 -47.37
N LYS B 157 -14.10 17.42 -48.36
CA LYS B 157 -14.35 16.00 -48.17
C LYS B 157 -13.06 15.20 -48.30
N ILE B 158 -12.90 14.20 -47.45
CA ILE B 158 -11.71 13.36 -47.41
C ILE B 158 -12.13 11.90 -47.61
N HIS B 159 -11.36 11.18 -48.43
CA HIS B 159 -11.62 9.78 -48.70
C HIS B 159 -10.31 9.01 -48.68
N ALA B 160 -10.39 7.72 -48.34
CA ALA B 160 -9.20 6.90 -48.21
C ALA B 160 -9.32 5.63 -49.06
N PRO B 161 -8.29 5.28 -49.80
CA PRO B 161 -8.33 4.07 -50.63
C PRO B 161 -8.04 2.82 -49.81
N TRP B 162 -8.06 1.68 -50.50
CA TRP B 162 -7.90 0.39 -49.82
C TRP B 162 -6.46 0.14 -49.39
N HIS B 163 -5.50 0.44 -50.27
CA HIS B 163 -4.10 0.17 -49.95
C HIS B 163 -3.62 1.03 -48.80
N VAL B 164 -4.07 2.30 -48.74
CA VAL B 164 -3.72 3.16 -47.62
C VAL B 164 -4.24 2.57 -46.31
N LEU B 165 -5.49 2.09 -46.32
CA LEU B 165 -6.05 1.47 -45.13
C LEU B 165 -5.25 0.24 -44.71
N CYS B 166 -4.89 -0.60 -45.68
CA CYS B 166 -4.13 -1.81 -45.36
C CYS B 166 -2.77 -1.46 -44.77
N ARG B 167 -2.07 -0.50 -45.37
CA ARG B 167 -0.76 -0.11 -44.87
C ARG B 167 -0.83 0.48 -43.48
N GLU B 168 -1.80 1.37 -43.24
CA GLU B 168 -1.91 2.01 -41.94
C GLU B 168 -2.40 1.03 -40.87
N ALA B 169 -3.16 0.01 -41.27
CA ALA B 169 -3.58 -1.01 -40.31
C ALA B 169 -2.42 -1.95 -39.98
N GLU B 170 -1.58 -2.26 -40.95
CA GLU B 170 -0.43 -3.11 -40.69
C GLU B 170 0.65 -2.35 -39.91
N PHE B 171 0.67 -1.02 -40.01
CA PHE B 171 1.65 -0.25 -39.24
C PHE B 171 1.36 -0.36 -37.74
N LEU B 172 0.10 -0.27 -37.35
CA LEU B 172 -0.30 -0.40 -35.96
C LEU B 172 -0.56 -1.86 -35.61
N LYS B 173 -0.78 -2.11 -34.32
CA LYS B 173 -1.09 -3.44 -33.81
C LYS B 173 -2.60 -3.59 -33.75
N LEU B 174 -3.19 -4.01 -34.86
CA LEU B 174 -4.64 -4.17 -34.97
C LEU B 174 -4.97 -5.65 -35.13
N LYS B 175 -5.89 -6.13 -34.30
CA LYS B 175 -6.29 -7.53 -34.29
C LYS B 175 -7.63 -7.69 -34.99
N MET B 176 -7.74 -8.74 -35.81
CA MET B 176 -8.94 -9.01 -36.58
C MET B 176 -9.37 -10.46 -36.38
N PRO B 177 -10.67 -10.74 -36.54
CA PRO B 177 -11.14 -12.13 -36.37
C PRO B 177 -10.56 -13.06 -37.42
N THR B 178 -10.46 -14.33 -37.06
CA THR B 178 -9.88 -15.36 -37.92
C THR B 178 -10.86 -16.52 -38.03
N LYS B 179 -10.73 -17.30 -39.11
CA LYS B 179 -11.65 -18.40 -39.37
C LYS B 179 -11.53 -19.52 -38.34
N LYS B 180 -10.45 -19.56 -37.57
CA LYS B 180 -10.29 -20.62 -36.58
C LYS B 180 -11.36 -20.50 -35.49
N VAL B 181 -12.01 -21.62 -35.18
CA VAL B 181 -13.11 -21.66 -34.23
C VAL B 181 -12.86 -22.79 -33.24
N TYR B 182 -13.05 -22.50 -31.95
CA TYR B 182 -12.91 -23.49 -30.90
C TYR B 182 -14.15 -23.46 -30.02
N HIS B 183 -14.38 -24.56 -29.31
CA HIS B 183 -15.47 -24.63 -28.35
C HIS B 183 -15.02 -24.07 -27.01
N ILE B 184 -15.95 -23.41 -26.30
CA ILE B 184 -15.63 -22.80 -25.02
C ILE B 184 -15.35 -23.89 -23.99
N SER B 185 -14.18 -23.81 -23.36
CA SER B 185 -13.78 -24.79 -22.36
C SER B 185 -12.77 -24.19 -21.38
N LEU B 190 -25.12 -28.30 -9.41
CA LEU B 190 -24.53 -27.73 -8.20
C LEU B 190 -24.35 -26.22 -8.34
N LEU B 191 -23.14 -25.80 -8.70
CA LEU B 191 -22.90 -24.38 -8.92
C LEU B 191 -23.45 -23.90 -10.25
N LYS B 192 -23.49 -24.77 -11.26
CA LYS B 192 -23.97 -24.37 -12.58
C LYS B 192 -25.49 -24.27 -12.62
N THR B 193 -26.19 -25.09 -11.83
CA THR B 193 -27.65 -25.03 -11.84
C THR B 193 -28.17 -23.72 -11.24
N ILE B 194 -27.42 -23.13 -10.31
CA ILE B 194 -27.80 -21.82 -9.78
C ILE B 194 -27.73 -20.76 -10.87
N ASN B 195 -26.65 -20.79 -11.67
CA ASN B 195 -26.53 -19.87 -12.79
C ASN B 195 -27.62 -20.11 -13.82
N SER B 196 -27.96 -21.38 -14.07
CA SER B 196 -29.04 -21.68 -15.00
C SER B 196 -30.37 -21.12 -14.50
N VAL B 197 -30.65 -21.29 -13.20
CA VAL B 197 -31.91 -20.78 -12.64
C VAL B 197 -31.95 -19.26 -12.72
N LEU B 198 -30.85 -18.59 -12.37
CA LEU B 198 -30.85 -17.12 -12.44
C LEU B 198 -30.94 -16.63 -13.87
N GLN B 199 -30.40 -17.39 -14.84
CA GLN B 199 -30.58 -17.04 -16.24
C GLN B 199 -32.03 -17.20 -16.67
N LYS B 200 -32.70 -18.24 -16.17
CA LYS B 200 -34.12 -18.41 -16.45
C LYS B 200 -34.94 -17.26 -15.87
N ILE B 201 -34.60 -16.82 -14.66
CA ILE B 201 -35.38 -15.77 -14.01
C ILE B 201 -35.13 -14.43 -14.66
N THR B 202 -33.87 -14.12 -14.97
CA THR B 202 -33.49 -12.80 -15.48
C THR B 202 -33.74 -12.64 -16.98
N ASP B 203 -34.56 -13.49 -17.59
CA ASP B 203 -34.84 -13.38 -19.02
C ASP B 203 -35.57 -12.10 -19.40
N PRO B 204 -36.68 -11.71 -18.76
CA PRO B 204 -37.44 -10.55 -19.27
C PRO B 204 -36.70 -9.23 -19.19
N ILE B 205 -35.64 -9.12 -18.38
CA ILE B 205 -34.96 -7.84 -18.20
C ILE B 205 -33.80 -7.63 -19.17
N GLN B 206 -33.46 -8.63 -19.97
CA GLN B 206 -32.35 -8.47 -20.91
C GLN B 206 -32.80 -7.70 -22.16
N PRO B 207 -31.93 -6.85 -22.71
CA PRO B 207 -32.29 -6.14 -23.94
C PRO B 207 -32.31 -7.07 -25.14
N LYS B 208 -32.99 -6.62 -26.19
CA LYS B 208 -33.19 -7.42 -27.40
C LYS B 208 -32.17 -6.99 -28.44
N VAL B 209 -30.99 -7.62 -28.40
CA VAL B 209 -29.93 -7.38 -29.38
C VAL B 209 -29.35 -8.72 -29.81
N ALA B 210 -28.66 -8.70 -30.95
CA ALA B 210 -28.12 -9.93 -31.52
C ALA B 210 -26.99 -10.50 -30.66
N GLU B 211 -26.13 -9.64 -30.12
CA GLU B 211 -24.97 -10.11 -29.37
C GLU B 211 -25.35 -10.81 -28.08
N HIS B 212 -26.52 -10.48 -27.50
CA HIS B 212 -26.92 -11.10 -26.24
C HIS B 212 -27.29 -12.56 -26.39
N ARG B 213 -27.43 -13.07 -27.61
CA ARG B 213 -27.67 -14.49 -27.80
C ARG B 213 -26.44 -15.28 -27.36
N PRO B 214 -26.59 -16.34 -26.58
CA PRO B 214 -25.42 -17.08 -26.09
C PRO B 214 -24.64 -17.69 -27.24
N GLN B 215 -23.31 -17.69 -27.09
CA GLN B 215 -22.40 -18.21 -28.10
C GLN B 215 -21.43 -19.17 -27.42
N THR B 216 -21.50 -20.45 -27.78
CA THR B 216 -20.62 -21.47 -27.22
C THR B 216 -19.30 -21.59 -27.98
N THR B 217 -19.14 -20.88 -29.09
CA THR B 217 -17.91 -20.91 -29.87
C THR B 217 -17.44 -19.49 -30.13
N LYS B 218 -16.14 -19.28 -30.01
CA LYS B 218 -15.54 -17.97 -30.22
C LYS B 218 -14.37 -18.08 -31.19
N ARG B 219 -14.29 -17.14 -32.13
CA ARG B 219 -13.26 -17.17 -33.15
C ARG B 219 -11.94 -16.62 -32.61
N LEU B 220 -10.87 -16.86 -33.36
CA LEU B 220 -9.54 -16.40 -32.98
C LEU B 220 -9.34 -14.94 -33.38
N SER B 221 -8.13 -14.44 -33.13
CA SER B 221 -7.79 -13.07 -33.47
C SER B 221 -6.27 -12.96 -33.55
N TYR B 222 -5.77 -12.48 -34.68
CA TYR B 222 -4.34 -12.36 -34.92
C TYR B 222 -4.03 -11.00 -35.53
N PRO B 223 -2.86 -10.44 -35.23
CA PRO B 223 -2.44 -9.19 -35.88
C PRO B 223 -2.57 -9.26 -37.40
N PHE B 224 -3.06 -8.17 -37.99
CA PHE B 224 -3.24 -8.09 -39.43
C PHE B 224 -2.00 -7.49 -40.07
N SER B 225 -1.57 -8.09 -41.18
CA SER B 225 -0.39 -7.63 -41.88
C SER B 225 -0.51 -8.00 -43.35
N ARG B 226 0.26 -7.29 -44.19
CA ARG B 226 0.24 -7.56 -45.63
C ARG B 226 1.02 -8.81 -45.97
N GLU B 227 1.94 -9.24 -45.10
CA GLU B 227 2.78 -10.39 -45.41
C GLU B 227 1.98 -11.68 -45.48
N LYS B 228 1.03 -11.86 -44.56
CA LYS B 228 0.22 -13.07 -44.48
C LYS B 228 -1.25 -12.68 -44.54
N GLN B 229 -1.79 -12.61 -45.75
CA GLN B 229 -3.19 -12.27 -45.95
C GLN B 229 -4.10 -13.50 -46.07
N HIS B 230 -3.54 -14.71 -46.04
CA HIS B 230 -4.35 -15.91 -46.17
C HIS B 230 -5.10 -16.24 -44.89
N LEU B 231 -4.58 -15.84 -43.74
CA LEU B 231 -5.23 -16.17 -42.47
C LEU B 231 -6.54 -15.44 -42.30
N PHE B 232 -6.66 -14.23 -42.84
CA PHE B 232 -7.86 -13.42 -42.73
C PHE B 232 -8.61 -13.43 -44.05
N ASP B 233 -9.91 -13.69 -43.98
CA ASP B 233 -10.75 -13.76 -45.18
C ASP B 233 -11.01 -12.35 -45.70
N LEU B 234 -10.60 -12.08 -46.94
CA LEU B 234 -10.80 -10.79 -47.59
C LEU B 234 -11.94 -10.84 -48.59
N THR B 235 -13.02 -11.54 -48.25
CA THR B 235 -14.12 -11.73 -49.18
C THR B 235 -14.80 -10.41 -49.52
N ASP B 236 -15.06 -9.57 -48.51
CA ASP B 236 -15.77 -8.32 -48.70
C ASP B 236 -14.92 -7.17 -48.19
N ARG B 237 -14.65 -6.19 -49.06
CA ARG B 237 -13.86 -5.04 -48.65
C ARG B 237 -14.67 -4.07 -47.79
N ASP B 238 -15.93 -3.85 -48.16
CA ASP B 238 -16.74 -2.85 -47.46
C ASP B 238 -17.02 -3.24 -46.02
N SER B 239 -17.36 -4.50 -45.78
CA SER B 239 -17.74 -4.95 -44.44
C SER B 239 -16.55 -5.31 -43.57
N PHE B 240 -15.33 -5.27 -44.10
CA PHE B 240 -14.17 -5.64 -43.31
C PHE B 240 -13.77 -4.54 -42.32
N PHE B 241 -14.07 -3.29 -42.64
CA PHE B 241 -13.69 -2.15 -41.80
C PHE B 241 -14.94 -1.40 -41.36
N ASP B 242 -15.03 -1.14 -40.06
CA ASP B 242 -16.11 -0.34 -39.51
C ASP B 242 -15.85 1.15 -39.77
N SER B 243 -16.90 1.96 -39.58
CA SER B 243 -16.77 3.39 -39.81
C SER B 243 -15.80 4.03 -38.82
N LYS B 244 -15.85 3.59 -37.56
CA LYS B 244 -14.99 4.17 -36.53
C LYS B 244 -13.52 3.91 -36.82
N THR B 245 -13.17 2.66 -37.13
CA THR B 245 -11.78 2.33 -37.44
C THR B 245 -11.37 2.87 -38.80
N ARG B 246 -12.33 3.23 -39.66
CA ARG B 246 -11.98 3.91 -40.90
C ARG B 246 -11.64 5.37 -40.65
N SER B 247 -12.37 6.02 -39.74
CA SER B 247 -12.09 7.43 -39.44
C SER B 247 -10.84 7.58 -38.58
N THR B 248 -10.53 6.59 -37.76
CA THR B 248 -9.35 6.67 -36.91
C THR B 248 -8.06 6.75 -37.74
N ILE B 249 -7.98 5.95 -38.80
CA ILE B 249 -6.80 5.96 -39.66
C ILE B 249 -6.64 7.31 -40.34
N VAL B 250 -7.75 7.89 -40.81
CA VAL B 250 -7.69 9.19 -41.46
C VAL B 250 -7.26 10.26 -40.45
N TYR B 251 -7.74 10.17 -39.22
CA TYR B 251 -7.30 11.11 -38.19
C TYR B 251 -5.81 10.99 -37.92
N GLU B 252 -5.30 9.76 -37.86
CA GLU B 252 -3.87 9.57 -37.66
C GLU B 252 -3.07 10.14 -38.83
N ILE B 253 -3.55 9.93 -40.05
CA ILE B 253 -2.87 10.48 -41.23
C ILE B 253 -2.85 12.00 -41.16
N LEU B 254 -3.98 12.61 -40.76
CA LEU B 254 -4.02 14.07 -40.63
C LEU B 254 -3.05 14.55 -39.56
N LYS B 255 -2.92 13.81 -38.47
CA LYS B 255 -1.97 14.18 -37.42
C LYS B 255 -0.52 14.06 -37.91
N ARG B 256 -0.24 13.09 -38.79
CA ARG B 256 1.12 12.94 -39.29
C ARG B 256 1.56 14.12 -40.15
N THR B 257 0.64 14.67 -40.93
CA THR B 257 0.99 15.66 -41.95
C THR B 257 1.59 16.91 -41.33
N THR B 258 2.64 17.44 -41.99
CA THR B 258 3.31 18.66 -41.57
C THR B 258 3.38 19.62 -42.74
N CYS B 259 3.40 20.91 -42.43
CA CYS B 259 3.48 21.95 -43.44
C CYS B 259 4.92 22.40 -43.63
N THR B 260 5.30 22.60 -44.90
CA THR B 260 6.68 22.97 -45.22
C THR B 260 7.01 24.35 -44.69
N LYS B 261 6.08 25.31 -44.82
CA LYS B 261 6.36 26.68 -44.39
C LYS B 261 6.58 26.75 -42.88
N ALA B 262 5.78 26.04 -42.10
CA ALA B 262 5.93 25.98 -40.65
C ALA B 262 6.40 24.57 -40.30
N LYS B 263 7.73 24.38 -40.30
CA LYS B 263 8.30 23.06 -40.04
C LYS B 263 7.95 22.57 -38.63
N TYR B 264 7.97 23.47 -37.65
CA TYR B 264 7.64 23.08 -36.28
C TYR B 264 6.17 22.66 -36.17
N SER B 265 5.28 23.38 -36.84
CA SER B 265 3.86 23.07 -36.75
C SER B 265 3.55 21.75 -37.46
N MET B 266 2.90 20.84 -36.74
CA MET B 266 2.55 19.53 -37.27
C MET B 266 1.12 19.19 -36.87
N GLY B 267 0.38 18.56 -37.78
CA GLY B 267 -0.96 18.12 -37.51
C GLY B 267 -2.00 19.20 -37.70
N ILE B 268 -3.27 18.79 -37.54
CA ILE B 268 -4.38 19.73 -37.70
C ILE B 268 -4.62 20.53 -36.42
N THR B 269 -4.06 20.11 -35.29
CA THR B 269 -4.29 20.83 -34.04
C THR B 269 -3.73 22.23 -34.09
N SER B 270 -2.51 22.40 -34.59
CA SER B 270 -1.92 23.73 -34.69
C SER B 270 -2.69 24.62 -35.67
N LEU B 271 -3.12 24.04 -36.79
CA LEU B 271 -3.90 24.81 -37.76
C LEU B 271 -5.22 25.26 -37.17
N LEU B 272 -5.87 24.40 -36.39
CA LEU B 272 -7.11 24.78 -35.73
C LEU B 272 -6.87 25.85 -34.66
N ALA B 273 -5.75 25.74 -33.94
CA ALA B 273 -5.45 26.72 -32.90
C ALA B 273 -5.15 28.09 -33.50
N ASN B 274 -4.45 28.13 -34.64
CA ASN B 274 -4.10 29.41 -35.24
C ASN B 274 -5.35 30.17 -35.69
N GLY B 275 -6.29 29.47 -36.32
CA GLY B 275 -7.52 30.12 -36.77
C GLY B 275 -7.75 29.98 -38.26
N VAL B 276 -6.92 29.18 -38.94
CA VAL B 276 -7.08 28.97 -40.36
C VAL B 276 -8.33 28.15 -40.64
N TYR B 277 -8.57 27.11 -39.84
CA TYR B 277 -9.73 26.24 -39.99
C TYR B 277 -10.67 26.41 -38.80
N SER B 278 -11.93 26.05 -39.02
CA SER B 278 -12.96 26.22 -38.00
C SER B 278 -13.15 24.96 -37.15
N ALA B 279 -13.49 23.85 -37.79
CA ALA B 279 -13.78 22.63 -37.04
C ALA B 279 -13.55 21.43 -37.94
N ALA B 280 -13.47 20.25 -37.32
CA ALA B 280 -13.33 18.98 -38.02
C ALA B 280 -14.12 17.92 -37.25
N TYR B 281 -14.88 17.11 -37.96
CA TYR B 281 -15.73 16.12 -37.30
C TYR B 281 -16.08 15.03 -38.30
N PRO B 282 -16.23 13.78 -37.85
CA PRO B 282 -16.78 12.73 -38.71
C PRO B 282 -18.29 12.86 -38.80
N LEU B 283 -18.90 11.97 -39.59
CA LEU B 283 -20.32 12.04 -39.88
C LEU B 283 -21.08 10.96 -39.13
N HIS B 284 -22.35 11.23 -38.86
CA HIS B 284 -23.24 10.25 -38.24
C HIS B 284 -23.76 9.28 -39.30
N ASP B 285 -24.23 8.12 -38.83
CA ASP B 285 -24.70 7.09 -39.75
C ASP B 285 -26.01 7.48 -40.39
N GLY B 286 -26.89 8.17 -39.66
CA GLY B 286 -28.16 8.57 -40.22
C GLY B 286 -29.07 9.14 -39.15
N ASP B 287 -30.37 9.13 -39.45
CA ASP B 287 -31.38 9.66 -38.54
C ASP B 287 -31.72 8.63 -37.46
N TYR B 288 -32.34 9.12 -36.39
CA TYR B 288 -32.81 8.27 -35.30
C TYR B 288 -34.33 8.23 -35.18
N GLU B 289 -35.04 9.10 -35.90
CA GLU B 289 -36.49 9.15 -35.86
C GLU B 289 -37.04 9.23 -37.27
N GLY B 290 -38.24 8.69 -37.47
CA GLY B 290 -38.87 8.70 -38.78
C GLY B 290 -39.50 7.37 -39.15
N ASP B 291 -40.64 7.43 -39.83
CA ASP B 291 -41.35 6.20 -40.21
C ASP B 291 -40.68 5.50 -41.38
N ASN B 292 -40.07 6.25 -42.29
CA ASN B 292 -39.43 5.69 -43.48
C ASN B 292 -37.92 5.54 -43.33
N VAL B 293 -37.38 5.75 -42.14
CA VAL B 293 -35.95 5.67 -41.92
C VAL B 293 -35.52 4.20 -41.88
N GLU B 294 -34.46 3.87 -42.62
CA GLU B 294 -33.95 2.52 -42.65
C GLU B 294 -33.15 2.22 -41.38
N PHE B 295 -32.82 0.94 -41.20
CA PHE B 295 -32.21 0.48 -39.96
C PHE B 295 -30.74 0.88 -39.88
N ASN B 296 -30.34 1.40 -38.72
CA ASN B 296 -28.95 1.68 -38.43
C ASN B 296 -28.75 1.62 -36.92
N ASP B 297 -27.47 1.71 -36.51
CA ASP B 297 -27.16 1.55 -35.09
C ASP B 297 -27.68 2.69 -34.24
N ARG B 298 -27.78 3.89 -34.82
CA ARG B 298 -28.28 5.04 -34.06
C ARG B 298 -29.71 4.83 -33.61
N LYS B 299 -30.58 4.38 -34.52
CA LYS B 299 -31.98 4.14 -34.19
C LYS B 299 -32.11 3.00 -33.18
N LEU B 300 -31.32 1.94 -33.34
CA LEU B 300 -31.37 0.82 -32.41
C LEU B 300 -30.96 1.25 -31.01
N LEU B 301 -29.88 2.03 -30.90
CA LEU B 301 -29.45 2.52 -29.59
C LEU B 301 -30.45 3.51 -29.00
N TYR B 302 -31.14 4.28 -29.85
CA TYR B 302 -32.18 5.17 -29.36
C TYR B 302 -33.34 4.39 -28.78
N GLU B 303 -33.78 3.33 -29.47
CA GLU B 303 -34.96 2.59 -29.02
C GLU B 303 -34.66 1.68 -27.84
N GLU B 304 -33.47 1.07 -27.79
CA GLU B 304 -33.18 0.06 -26.78
C GLU B 304 -32.37 0.58 -25.60
N TRP B 305 -31.62 1.66 -25.75
CA TRP B 305 -30.67 2.09 -24.73
C TRP B 305 -30.99 3.45 -24.15
N ALA B 306 -31.26 4.45 -24.99
CA ALA B 306 -31.44 5.83 -24.54
C ALA B 306 -32.93 6.16 -24.52
N SER B 307 -33.59 5.72 -23.45
CA SER B 307 -35.01 5.99 -23.27
C SER B 307 -35.35 5.91 -21.79
N TYR B 308 -36.48 6.53 -21.43
CA TYR B 308 -36.93 6.56 -20.03
C TYR B 308 -37.86 5.41 -19.69
N GLY B 309 -38.41 4.72 -20.68
CA GLY B 309 -39.31 3.61 -20.43
C GLY B 309 -38.65 2.26 -20.29
N VAL B 310 -37.32 2.19 -20.35
CA VAL B 310 -36.59 0.93 -20.24
C VAL B 310 -35.57 1.04 -19.12
N PHE B 311 -35.93 1.77 -18.05
CA PHE B 311 -34.99 2.05 -16.97
C PHE B 311 -34.62 0.82 -16.15
N TYR B 312 -35.31 -0.30 -16.31
CA TYR B 312 -35.09 -1.47 -15.49
C TYR B 312 -34.30 -2.57 -16.20
N LYS B 313 -33.77 -2.30 -17.38
CA LYS B 313 -33.09 -3.30 -18.17
C LYS B 313 -31.57 -3.15 -18.05
N TYR B 314 -30.86 -4.09 -18.68
CA TYR B 314 -29.41 -4.04 -18.75
C TYR B 314 -28.98 -3.10 -19.88
N GLN B 315 -27.66 -2.91 -20.02
CA GLN B 315 -27.18 -2.08 -21.11
C GLN B 315 -26.40 -2.92 -22.13
N PRO B 316 -26.65 -2.73 -23.42
CA PRO B 316 -25.85 -3.42 -24.46
C PRO B 316 -24.50 -2.74 -24.68
N ILE B 317 -23.54 -3.12 -23.84
CA ILE B 317 -22.25 -2.44 -23.81
C ILE B 317 -21.46 -2.68 -25.09
N ASP B 318 -21.61 -3.87 -25.69
CA ASP B 318 -20.85 -4.19 -26.88
C ASP B 318 -21.20 -3.27 -28.05
N LEU B 319 -22.50 -3.01 -28.24
CA LEU B 319 -22.92 -2.10 -29.31
C LEU B 319 -22.45 -0.68 -29.04
N VAL B 320 -22.48 -0.26 -27.76
CA VAL B 320 -22.00 1.07 -27.40
C VAL B 320 -20.53 1.22 -27.74
N ARG B 321 -19.72 0.21 -27.42
CA ARG B 321 -18.30 0.27 -27.75
C ARG B 321 -18.08 0.23 -29.27
N LYS B 322 -18.87 -0.57 -29.97
CA LYS B 322 -18.73 -0.65 -31.43
C LYS B 322 -19.04 0.68 -32.09
N TYR B 323 -20.05 1.40 -31.60
CA TYR B 323 -20.46 2.64 -32.24
C TYR B 323 -19.59 3.82 -31.80
N PHE B 324 -19.32 3.95 -30.50
CA PHE B 324 -18.66 5.13 -29.97
C PHE B 324 -17.18 4.92 -29.70
N GLY B 325 -16.81 3.86 -28.99
CA GLY B 325 -15.41 3.60 -28.69
C GLY B 325 -15.17 2.97 -27.34
N GLU B 326 -13.91 2.75 -27.00
CA GLU B 326 -13.55 2.08 -25.75
C GLU B 326 -13.37 3.03 -24.58
N LYS B 327 -13.25 4.33 -24.83
CA LYS B 327 -13.17 5.29 -23.74
C LYS B 327 -14.55 5.61 -23.17
N VAL B 328 -15.56 5.67 -24.04
CA VAL B 328 -16.92 5.96 -23.58
C VAL B 328 -17.51 4.76 -22.84
N GLY B 329 -17.23 3.54 -23.30
CA GLY B 329 -17.80 2.35 -22.70
C GLY B 329 -17.37 2.08 -21.28
N LEU B 330 -16.12 2.39 -20.94
CA LEU B 330 -15.65 2.16 -19.57
C LEU B 330 -16.37 3.04 -18.56
N TYR B 331 -16.71 4.27 -18.95
CA TYR B 331 -17.45 5.15 -18.05
C TYR B 331 -18.83 4.57 -17.72
N PHE B 332 -19.53 4.09 -18.74
CA PHE B 332 -20.86 3.52 -18.51
C PHE B 332 -20.78 2.21 -17.76
N ALA B 333 -19.76 1.39 -18.03
CA ALA B 333 -19.58 0.16 -17.28
C ALA B 333 -19.32 0.43 -15.81
N TRP B 334 -18.45 1.41 -15.51
CA TRP B 334 -18.20 1.78 -14.13
C TRP B 334 -19.45 2.34 -13.46
N LEU B 335 -20.22 3.14 -14.19
CA LEU B 335 -21.46 3.69 -13.62
C LEU B 335 -22.45 2.58 -13.27
N GLY B 336 -22.61 1.61 -14.18
CA GLY B 336 -23.53 0.51 -13.90
C GLY B 336 -23.05 -0.37 -12.75
N ALA B 337 -21.75 -0.66 -12.70
CA ALA B 337 -21.21 -1.45 -11.61
C ALA B 337 -21.37 -0.73 -10.27
N TYR B 338 -21.16 0.59 -10.26
CA TYR B 338 -21.36 1.36 -9.04
C TYR B 338 -22.82 1.37 -8.62
N THR B 339 -23.74 1.47 -9.60
CA THR B 339 -25.16 1.47 -9.27
C THR B 339 -25.63 0.12 -8.77
N GLN B 340 -24.99 -0.97 -9.21
CA GLN B 340 -25.42 -2.30 -8.78
C GLN B 340 -25.20 -2.53 -7.29
N MET B 341 -24.10 -2.01 -6.74
CA MET B 341 -23.70 -2.33 -5.37
C MET B 341 -24.46 -1.53 -4.32
N LEU B 342 -25.29 -0.57 -4.71
CA LEU B 342 -26.02 0.24 -3.73
C LEU B 342 -27.30 -0.44 -3.25
N ILE B 343 -27.81 -1.41 -3.99
CA ILE B 343 -29.06 -2.07 -3.60
C ILE B 343 -28.93 -2.83 -2.30
N PRO B 344 -27.92 -3.69 -2.09
CA PRO B 344 -27.80 -4.34 -0.77
C PRO B 344 -27.56 -3.37 0.37
N ALA B 345 -26.84 -2.27 0.11
CA ALA B 345 -26.56 -1.29 1.17
C ALA B 345 -27.75 -0.41 1.49
N SER B 346 -28.73 -0.30 0.58
CA SER B 346 -29.88 0.56 0.81
C SER B 346 -30.98 -0.09 1.64
N ILE B 347 -30.83 -1.37 2.01
CA ILE B 347 -31.83 -2.08 2.79
C ILE B 347 -31.45 -2.14 4.27
N VAL B 348 -30.18 -2.41 4.55
CA VAL B 348 -29.70 -2.44 5.94
C VAL B 348 -29.88 -1.08 6.58
N GLY B 349 -29.66 -0.01 5.81
CA GLY B 349 -29.88 1.33 6.34
C GLY B 349 -31.32 1.59 6.71
N VAL B 350 -32.25 1.12 5.87
CA VAL B 350 -33.67 1.27 6.16
C VAL B 350 -34.05 0.48 7.41
N ILE B 351 -33.52 -0.74 7.54
CA ILE B 351 -33.80 -1.55 8.72
C ILE B 351 -33.26 -0.88 9.98
N VAL B 352 -32.04 -0.32 9.90
CA VAL B 352 -31.45 0.35 11.04
C VAL B 352 -32.27 1.59 11.41
N PHE B 353 -32.73 2.35 10.43
CA PHE B 353 -33.56 3.51 10.71
C PHE B 353 -34.88 3.11 11.34
N LEU B 354 -35.48 2.01 10.88
CA LEU B 354 -36.75 1.56 11.43
C LEU B 354 -36.61 0.97 12.83
N TYR B 355 -35.42 0.47 13.17
CA TYR B 355 -35.22 -0.07 14.52
C TYR B 355 -35.38 1.02 15.57
N GLY B 356 -34.92 2.24 15.28
CA GLY B 356 -34.99 3.32 16.26
C GLY B 356 -36.38 3.89 16.46
N CYS B 357 -37.28 3.73 15.49
CA CYS B 357 -38.63 4.27 15.63
C CYS B 357 -39.48 3.43 16.58
N ALA B 358 -39.20 2.14 16.70
CA ALA B 358 -40.00 1.27 17.56
C ALA B 358 -39.61 1.40 19.03
N THR B 359 -38.37 1.80 19.32
CA THR B 359 -37.88 1.85 20.69
C THR B 359 -37.69 3.28 21.20
N VAL B 360 -38.44 4.23 20.64
CA VAL B 360 -38.32 5.62 21.07
C VAL B 360 -39.23 5.96 22.24
N ASP B 361 -40.23 5.13 22.53
CA ASP B 361 -41.15 5.38 23.63
C ASP B 361 -40.71 4.74 24.94
N GLU B 362 -39.57 4.05 24.96
CA GLU B 362 -39.03 3.46 26.17
C GLU B 362 -37.66 4.02 26.53
N ASN B 363 -37.32 5.21 26.01
CA ASN B 363 -36.00 5.80 26.19
C ASN B 363 -36.03 6.66 27.45
N ILE B 364 -35.27 6.24 28.47
CA ILE B 364 -35.26 6.98 29.73
C ILE B 364 -34.68 8.38 29.60
N PRO B 365 -33.52 8.59 28.95
CA PRO B 365 -32.98 9.96 28.86
C PRO B 365 -33.93 10.95 28.18
N SER B 366 -34.64 10.52 27.13
CA SER B 366 -35.59 11.40 26.48
C SER B 366 -36.89 11.53 27.26
N MET B 367 -37.22 10.56 28.09
CA MET B 367 -38.42 10.66 28.93
C MET B 367 -38.20 11.59 30.12
N GLU B 368 -36.98 11.65 30.64
CA GLU B 368 -36.70 12.54 31.77
C GLU B 368 -36.77 14.00 31.35
N MET B 369 -36.34 14.31 30.12
CA MET B 369 -36.34 15.69 29.66
C MET B 369 -37.75 16.20 29.42
N CYS B 370 -38.65 15.34 28.95
CA CYS B 370 -40.02 15.75 28.61
C CYS B 370 -40.93 15.80 29.82
N ASP B 371 -40.48 15.37 31.00
CA ASP B 371 -41.31 15.37 32.19
C ASP B 371 -41.48 16.80 32.71
N GLN B 372 -42.71 17.15 33.05
CA GLN B 372 -43.03 18.49 33.54
C GLN B 372 -43.12 18.56 35.05
N ARG B 373 -42.81 17.47 35.76
CA ARG B 373 -42.87 17.51 37.22
C ARG B 373 -41.73 18.33 37.81
N TYR B 374 -40.55 18.27 37.21
CA TYR B 374 -39.44 19.09 37.68
C TYR B 374 -39.62 20.54 37.21
N ASN B 375 -38.84 21.43 37.82
CA ASN B 375 -38.77 22.84 37.42
C ASN B 375 -37.30 23.18 37.26
N ILE B 376 -36.75 22.90 36.07
CA ILE B 376 -35.35 23.14 35.77
C ILE B 376 -35.24 24.41 34.94
N THR B 377 -34.60 25.43 35.51
CA THR B 377 -34.40 26.70 34.83
C THR B 377 -32.95 26.78 34.34
N MET B 378 -32.78 27.15 33.08
CA MET B 378 -31.47 27.24 32.46
C MET B 378 -31.07 28.70 32.27
N CYS B 379 -29.76 28.92 32.11
CA CYS B 379 -29.21 30.25 31.98
C CYS B 379 -29.37 30.76 30.54
N PRO B 380 -29.40 32.07 30.34
CA PRO B 380 -29.59 32.59 28.98
C PRO B 380 -28.43 32.27 28.05
N LEU B 381 -28.73 32.25 26.75
CA LEU B 381 -27.78 31.85 25.73
C LEU B 381 -27.22 33.04 24.94
N CYS B 382 -27.51 34.27 25.35
CA CYS B 382 -27.00 35.44 24.64
C CYS B 382 -26.94 36.62 25.61
N ASP B 383 -26.31 37.70 25.14
CA ASP B 383 -25.98 38.84 25.98
C ASP B 383 -27.06 39.91 25.87
N LYS B 384 -27.71 40.21 27.00
CA LYS B 384 -28.60 41.34 27.22
C LYS B 384 -29.91 41.27 26.45
N THR B 385 -30.11 40.27 25.60
CA THR B 385 -31.35 40.15 24.83
C THR B 385 -32.19 38.95 25.22
N CYS B 386 -31.56 37.77 25.35
CA CYS B 386 -32.29 36.57 25.73
C CYS B 386 -32.53 36.57 27.24
N SER B 387 -33.25 35.55 27.71
CA SER B 387 -33.57 35.42 29.12
C SER B 387 -33.63 33.93 29.48
N TYR B 388 -34.05 33.64 30.70
CA TYR B 388 -34.10 32.28 31.17
C TYR B 388 -35.17 31.48 30.46
N TRP B 389 -34.90 30.19 30.23
CA TRP B 389 -35.86 29.31 29.59
C TRP B 389 -36.03 28.03 30.40
N LYS B 390 -36.75 27.05 29.85
CA LYS B 390 -37.04 25.81 30.55
C LYS B 390 -36.59 24.62 29.71
N MET B 391 -36.25 23.52 30.40
CA MET B 391 -35.77 22.33 29.72
C MET B 391 -36.87 21.59 28.97
N SER B 392 -38.13 21.74 29.39
CA SER B 392 -39.22 21.02 28.74
C SER B 392 -39.53 21.55 27.34
N SER B 393 -38.87 22.63 26.91
CA SER B 393 -39.12 23.21 25.60
C SER B 393 -38.32 22.57 24.48
N ALA B 394 -37.53 21.53 24.78
CA ALA B 394 -36.74 20.84 23.76
C ALA B 394 -37.09 19.36 23.70
N CYS B 395 -38.32 19.01 24.08
CA CYS B 395 -38.73 17.61 24.11
C CYS B 395 -38.75 17.01 22.70
N ALA B 396 -39.26 17.76 21.73
CA ALA B 396 -39.32 17.25 20.36
C ALA B 396 -37.92 17.01 19.80
N THR B 397 -37.00 17.94 20.05
CA THR B 397 -35.63 17.77 19.58
C THR B 397 -34.95 16.60 20.27
N ALA B 398 -35.20 16.44 21.57
CA ALA B 398 -34.62 15.31 22.30
C ALA B 398 -35.14 13.98 21.76
N ARG B 399 -36.44 13.91 21.45
CA ARG B 399 -36.99 12.68 20.87
C ARG B 399 -36.44 12.42 19.48
N ALA B 400 -36.28 13.48 18.67
CA ALA B 400 -35.78 13.31 17.32
C ALA B 400 -34.31 12.91 17.30
N SER B 401 -33.53 13.34 18.29
CA SER B 401 -32.11 13.00 18.32
C SER B 401 -31.87 11.52 18.58
N HIS B 402 -32.87 10.79 19.07
CA HIS B 402 -32.66 9.37 19.39
C HIS B 402 -32.54 8.52 18.13
N LEU B 403 -33.22 8.89 17.05
CA LEU B 403 -33.20 8.10 15.84
C LEU B 403 -31.85 8.14 15.13
N PHE B 404 -30.94 9.02 15.53
CA PHE B 404 -29.67 9.19 14.84
C PHE B 404 -28.46 8.75 15.65
N ASP B 405 -28.66 8.21 16.86
CA ASP B 405 -27.55 7.58 17.57
C ASP B 405 -28.06 6.48 18.51
N ASN B 406 -27.46 5.30 18.34
CA ASN B 406 -27.73 4.07 19.08
C ASN B 406 -26.71 3.03 18.60
N PRO B 407 -26.58 1.87 19.25
CA PRO B 407 -25.56 0.90 18.80
C PRO B 407 -25.72 0.45 17.36
N ALA B 408 -26.94 0.46 16.82
CA ALA B 408 -27.13 0.11 15.41
C ALA B 408 -26.37 1.07 14.49
N THR B 409 -26.26 2.34 14.88
CA THR B 409 -25.52 3.30 14.07
C THR B 409 -24.01 3.10 14.15
N VAL B 410 -23.52 2.35 15.14
CA VAL B 410 -22.11 1.98 15.18
C VAL B 410 -21.88 0.71 14.37
N PHE B 411 -22.80 -0.26 14.48
CA PHE B 411 -22.72 -1.45 13.65
C PHE B 411 -22.78 -1.09 12.16
N PHE B 412 -23.61 -0.11 11.80
CA PHE B 412 -23.71 0.30 10.41
C PHE B 412 -22.41 0.94 9.93
N SER B 413 -21.74 1.70 10.80
CA SER B 413 -20.44 2.25 10.44
C SER B 413 -19.42 1.15 10.19
N VAL B 414 -19.40 0.14 11.07
CA VAL B 414 -18.48 -0.98 10.88
C VAL B 414 -18.78 -1.71 9.58
N PHE B 415 -20.06 -1.83 9.22
CA PHE B 415 -20.45 -2.48 7.97
C PHE B 415 -20.00 -1.67 6.74
N MET B 416 -20.29 -0.37 6.75
CA MET B 416 -19.90 0.49 5.63
C MET B 416 -18.40 0.63 5.51
N ALA B 417 -17.65 0.32 6.58
CA ALA B 417 -16.20 0.27 6.46
C ALA B 417 -15.73 -0.82 5.51
N LEU B 418 -16.40 -1.98 5.48
CA LEU B 418 -15.97 -3.09 4.63
C LEU B 418 -16.67 -3.07 3.28
N TRP B 419 -17.82 -2.40 3.18
CA TRP B 419 -18.55 -2.35 1.91
C TRP B 419 -17.66 -1.81 0.78
N ALA B 420 -16.97 -0.70 1.03
CA ALA B 420 -16.16 -0.08 -0.03
C ALA B 420 -14.94 -0.93 -0.39
N ALA B 421 -14.36 -1.59 0.62
CA ALA B 421 -13.24 -2.49 0.35
C ALA B 421 -13.67 -3.65 -0.54
N THR B 422 -14.90 -4.14 -0.35
CA THR B 422 -15.41 -5.16 -1.27
C THR B 422 -15.66 -4.58 -2.66
N PHE B 423 -16.18 -3.36 -2.74
CA PHE B 423 -16.48 -2.75 -4.04
C PHE B 423 -15.22 -2.57 -4.87
N MET B 424 -14.12 -2.15 -4.24
CA MET B 424 -12.87 -1.97 -4.99
C MET B 424 -12.40 -3.27 -5.64
N GLU B 425 -12.43 -4.37 -4.88
CA GLU B 425 -12.05 -5.66 -5.42
C GLU B 425 -12.99 -6.09 -6.54
N HIS B 426 -14.29 -5.83 -6.37
CA HIS B 426 -15.24 -6.18 -7.42
C HIS B 426 -14.91 -5.48 -8.73
N TRP B 427 -14.66 -4.17 -8.68
CA TRP B 427 -14.33 -3.44 -9.90
C TRP B 427 -13.00 -3.91 -10.49
N LYS B 428 -12.01 -4.18 -9.65
CA LYS B 428 -10.72 -4.63 -10.14
C LYS B 428 -10.86 -5.95 -10.88
N ARG B 429 -11.67 -6.87 -10.35
CA ARG B 429 -11.86 -8.14 -11.05
C ARG B 429 -12.74 -8.01 -12.28
N LYS B 430 -13.65 -7.03 -12.30
CA LYS B 430 -14.52 -6.87 -13.46
C LYS B 430 -13.79 -6.25 -14.65
N GLN B 431 -12.79 -5.40 -14.38
CA GLN B 431 -12.10 -4.74 -15.49
C GLN B 431 -11.36 -5.73 -16.39
N MET B 432 -10.82 -6.81 -15.82
CA MET B 432 -9.99 -7.73 -16.59
C MET B 432 -10.78 -8.48 -17.64
N ARG B 433 -12.02 -8.85 -17.34
CA ARG B 433 -12.86 -9.53 -18.34
C ARG B 433 -13.13 -8.63 -19.52
N LEU B 434 -13.41 -7.35 -19.28
CA LEU B 434 -13.63 -6.42 -20.37
C LEU B 434 -12.34 -6.20 -21.18
N ASN B 435 -11.20 -6.19 -20.49
CA ASN B 435 -9.92 -6.09 -21.20
C ASN B 435 -9.71 -7.30 -22.12
N TYR B 436 -10.03 -8.49 -21.63
CA TYR B 436 -9.82 -9.70 -22.43
C TYR B 436 -10.79 -9.77 -23.60
N ARG B 437 -12.06 -9.38 -23.37
CA ARG B 437 -13.08 -9.54 -24.40
C ARG B 437 -12.91 -8.54 -25.54
N TRP B 438 -12.38 -7.35 -25.26
CA TRP B 438 -12.25 -6.30 -26.26
C TRP B 438 -10.91 -6.32 -26.96
N ASP B 439 -10.11 -7.37 -26.77
CA ASP B 439 -8.80 -7.52 -27.42
C ASP B 439 -7.87 -6.38 -27.06
N LEU B 440 -7.65 -6.20 -25.76
CA LEU B 440 -6.72 -5.19 -25.25
C LEU B 440 -5.66 -5.79 -24.33
N THR B 441 -5.53 -7.12 -24.34
CA THR B 441 -4.53 -7.79 -23.50
C THR B 441 -3.12 -7.54 -24.02
N ALA B 489 11.21 24.72 -14.37
CA ALA B 489 11.85 24.53 -13.07
C ALA B 489 11.35 25.55 -12.06
N TYR B 490 11.79 26.79 -12.21
CA TYR B 490 11.39 27.85 -11.29
C TYR B 490 9.93 28.28 -11.52
N PHE B 491 9.47 28.21 -12.77
CA PHE B 491 8.04 28.42 -13.01
C PHE B 491 7.20 27.36 -12.29
N THR B 492 7.67 26.11 -12.30
CA THR B 492 6.94 25.04 -11.61
C THR B 492 6.83 25.30 -10.12
N ASN B 493 7.96 25.66 -9.48
CA ASN B 493 7.94 25.92 -8.05
C ASN B 493 7.08 27.13 -7.71
N LEU B 494 7.17 28.18 -8.52
CA LEU B 494 6.36 29.37 -8.27
C LEU B 494 4.88 29.06 -8.39
N VAL B 495 4.50 28.29 -9.42
CA VAL B 495 3.09 27.91 -9.59
C VAL B 495 2.63 27.06 -8.42
N SER B 496 3.47 26.14 -7.94
CA SER B 496 3.09 25.32 -6.80
C SER B 496 2.86 26.19 -5.56
N ILE B 497 3.75 27.14 -5.30
CA ILE B 497 3.58 28.01 -4.13
C ILE B 497 2.31 28.84 -4.24
N ILE B 498 2.05 29.40 -5.44
CA ILE B 498 0.83 30.17 -5.64
C ILE B 498 -0.40 29.29 -5.44
N PHE B 499 -0.32 28.02 -5.85
CA PHE B 499 -1.45 27.11 -5.68
C PHE B 499 -1.72 26.84 -4.20
N MET B 500 -0.65 26.63 -3.41
CA MET B 500 -0.85 26.47 -1.97
C MET B 500 -1.47 27.71 -1.33
N ILE B 501 -1.00 28.90 -1.75
CA ILE B 501 -1.58 30.13 -1.21
C ILE B 501 -3.06 30.23 -1.55
N ALA B 502 -3.42 29.91 -2.80
CA ALA B 502 -4.82 29.97 -3.21
C ALA B 502 -5.66 28.97 -2.44
N VAL B 503 -5.12 27.77 -2.19
CA VAL B 503 -5.86 26.77 -1.41
C VAL B 503 -6.11 27.27 0.00
N THR B 504 -5.09 27.88 0.62
CA THR B 504 -5.28 28.43 1.96
C THR B 504 -6.34 29.52 1.98
N PHE B 505 -6.32 30.42 1.00
CA PHE B 505 -7.32 31.48 0.94
C PHE B 505 -8.73 30.92 0.73
N ALA B 506 -8.85 29.90 -0.12
CA ALA B 506 -10.15 29.28 -0.36
C ALA B 506 -10.67 28.61 0.91
N ILE B 507 -9.78 27.98 1.67
CA ILE B 507 -10.19 27.42 2.97
C ILE B 507 -10.67 28.53 3.89
N VAL B 508 -9.98 29.68 3.87
CA VAL B 508 -10.30 30.75 4.81
C VAL B 508 -11.67 31.36 4.51
N LEU B 509 -11.99 31.57 3.23
CA LEU B 509 -13.17 32.37 2.89
C LEU B 509 -14.49 31.70 3.28
N GLY B 510 -14.52 30.36 3.35
CA GLY B 510 -15.78 29.66 3.54
C GLY B 510 -16.42 29.92 4.89
N VAL B 511 -15.61 29.98 5.95
CA VAL B 511 -16.15 30.23 7.28
C VAL B 511 -16.77 31.62 7.35
N ILE B 512 -16.12 32.61 6.74
CA ILE B 512 -16.68 33.96 6.68
C ILE B 512 -18.01 33.95 5.94
N ILE B 513 -18.08 33.24 4.82
CA ILE B 513 -19.33 33.19 4.06
C ILE B 513 -20.44 32.55 4.90
N TYR B 514 -20.12 31.45 5.60
CA TYR B 514 -21.11 30.78 6.44
C TYR B 514 -21.60 31.69 7.56
N ARG B 515 -20.69 32.37 8.24
CA ARG B 515 -21.07 33.27 9.33
C ARG B 515 -21.94 34.41 8.82
N ILE B 516 -21.59 34.99 7.66
CA ILE B 516 -22.37 36.07 7.10
C ILE B 516 -23.77 35.60 6.73
N SER B 517 -23.86 34.40 6.13
CA SER B 517 -25.17 33.86 5.77
C SER B 517 -26.03 33.62 7.00
N THR B 518 -25.43 33.07 8.07
CA THR B 518 -26.18 32.84 9.30
C THR B 518 -26.67 34.15 9.90
N ALA B 519 -25.81 35.17 9.94
CA ALA B 519 -26.21 36.46 10.49
C ALA B 519 -27.33 37.10 9.66
N ALA B 520 -27.23 37.02 8.34
CA ALA B 520 -28.26 37.59 7.48
C ALA B 520 -29.58 36.85 7.66
N ALA B 521 -29.54 35.52 7.76
CA ALA B 521 -30.76 34.76 7.95
C ALA B 521 -31.40 35.08 9.29
N LEU B 522 -30.60 35.26 10.34
CA LEU B 522 -31.15 35.64 11.64
C LEU B 522 -31.76 37.03 11.59
N ALA B 523 -31.11 37.97 10.91
CA ALA B 523 -31.62 39.34 10.86
C ALA B 523 -32.87 39.46 10.00
N MET B 524 -33.01 38.60 8.99
CA MET B 524 -34.15 38.72 8.09
C MET B 524 -35.47 38.45 8.81
N ASN B 525 -35.51 37.42 9.66
CA ASN B 525 -36.74 37.07 10.35
C ASN B 525 -37.17 38.17 11.32
N SER B 526 -36.21 38.71 12.08
CA SER B 526 -36.50 39.77 13.04
C SER B 526 -35.25 40.56 13.38
N ASN B 533 -41.69 26.60 13.33
CA ASN B 533 -40.83 27.11 14.40
C ASN B 533 -39.78 28.07 13.85
N ILE B 534 -39.25 28.92 14.71
CA ILE B 534 -38.30 29.94 14.28
C ILE B 534 -36.96 29.31 13.93
N ARG B 535 -36.47 28.40 14.78
CA ARG B 535 -35.12 27.87 14.62
C ARG B 535 -34.98 27.09 13.31
N VAL B 536 -35.94 26.20 13.03
CA VAL B 536 -35.85 25.37 11.83
C VAL B 536 -35.89 26.24 10.57
N THR B 537 -36.78 27.22 10.54
CA THR B 537 -36.88 28.11 9.39
C THR B 537 -35.60 28.92 9.21
N VAL B 538 -35.01 29.40 10.31
CA VAL B 538 -33.79 30.18 10.22
C VAL B 538 -32.65 29.32 9.67
N THR B 539 -32.52 28.09 10.17
CA THR B 539 -31.46 27.20 9.70
C THR B 539 -31.64 26.87 8.22
N ALA B 540 -32.88 26.57 7.80
CA ALA B 540 -33.13 26.26 6.39
C ALA B 540 -32.80 27.45 5.51
N THR B 541 -33.18 28.66 5.95
CA THR B 541 -32.89 29.86 5.18
C THR B 541 -31.38 30.06 5.05
N ALA B 542 -30.64 29.87 6.13
CA ALA B 542 -29.19 30.04 6.08
C ALA B 542 -28.55 29.05 5.11
N VAL B 543 -28.98 27.78 5.16
CA VAL B 543 -28.42 26.78 4.25
C VAL B 543 -28.72 27.13 2.79
N ILE B 544 -29.97 27.52 2.53
CA ILE B 544 -30.37 27.85 1.16
C ILE B 544 -29.59 29.06 0.65
N ILE B 545 -29.32 30.03 1.53
CA ILE B 545 -28.56 31.21 1.13
C ILE B 545 -27.11 30.84 0.82
N ASN B 546 -26.52 29.97 1.63
CA ASN B 546 -25.12 29.59 1.42
C ASN B 546 -24.92 28.79 0.13
N LEU B 547 -25.90 27.95 -0.21
CA LEU B 547 -25.74 27.08 -1.38
C LEU B 547 -25.53 27.89 -2.67
N VAL B 548 -26.24 29.00 -2.81
CA VAL B 548 -26.13 29.80 -4.03
C VAL B 548 -24.73 30.39 -4.18
N VAL B 549 -24.16 30.89 -3.08
CA VAL B 549 -22.82 31.44 -3.14
C VAL B 549 -21.80 30.36 -3.46
N ILE B 550 -21.99 29.15 -2.93
CA ILE B 550 -21.10 28.05 -3.29
C ILE B 550 -21.17 27.78 -4.78
N ILE B 551 -22.39 27.72 -5.32
CA ILE B 551 -22.59 27.49 -6.75
C ILE B 551 -21.88 28.55 -7.57
N LEU B 552 -21.97 29.82 -7.13
CA LEU B 552 -21.34 30.91 -7.88
C LEU B 552 -19.82 30.81 -7.83
N LEU B 553 -19.26 30.42 -6.68
CA LEU B 553 -17.80 30.40 -6.54
C LEU B 553 -17.16 29.23 -7.28
N ASP B 554 -17.91 28.15 -7.53
CA ASP B 554 -17.34 26.99 -8.22
C ASP B 554 -16.71 27.37 -9.57
N GLU B 555 -17.42 28.16 -10.38
CA GLU B 555 -16.93 28.49 -11.72
C GLU B 555 -15.67 29.34 -11.66
N VAL B 556 -15.61 30.30 -10.73
CA VAL B 556 -14.41 31.11 -10.59
C VAL B 556 -13.23 30.25 -10.20
N TYR B 557 -13.43 29.29 -9.29
CA TYR B 557 -12.34 28.39 -8.93
C TYR B 557 -11.88 27.57 -10.14
N GLY B 558 -12.82 27.09 -10.94
CA GLY B 558 -12.44 26.34 -12.13
C GLY B 558 -11.63 27.17 -13.12
N CYS B 559 -12.06 28.41 -13.36
CA CYS B 559 -11.32 29.29 -14.27
C CYS B 559 -9.92 29.60 -13.74
N ILE B 560 -9.80 29.81 -12.43
CA ILE B 560 -8.49 30.05 -11.84
C ILE B 560 -7.59 28.85 -12.05
N ALA B 561 -8.12 27.64 -11.84
CA ALA B 561 -7.31 26.43 -12.05
C ALA B 561 -6.88 26.32 -13.51
N ARG B 562 -7.78 26.61 -14.45
CA ARG B 562 -7.43 26.52 -15.86
C ARG B 562 -6.31 27.51 -16.21
N TRP B 563 -6.42 28.76 -15.75
CA TRP B 563 -5.39 29.74 -16.05
C TRP B 563 -4.05 29.35 -15.42
N LEU B 564 -4.09 28.84 -14.19
CA LEU B 564 -2.86 28.43 -13.51
C LEU B 564 -2.19 27.28 -14.25
N THR B 565 -2.98 26.36 -14.80
CA THR B 565 -2.39 25.29 -15.60
C THR B 565 -1.83 25.83 -16.91
N LYS B 566 -2.51 26.82 -17.51
CA LYS B 566 -2.06 27.36 -18.79
C LYS B 566 -0.75 28.13 -18.66
N ILE B 567 -0.58 28.90 -17.58
CA ILE B 567 0.59 29.78 -17.49
C ILE B 567 1.88 28.96 -17.44
N GLU B 568 1.81 27.75 -16.88
CA GLU B 568 2.97 26.87 -16.89
C GLU B 568 3.00 26.06 -18.17
N VAL B 569 4.17 25.95 -18.78
CA VAL B 569 4.33 25.26 -20.05
C VAL B 569 4.20 23.76 -19.83
N PRO B 570 3.25 23.09 -20.46
CA PRO B 570 3.13 21.63 -20.31
C PRO B 570 4.06 20.90 -21.27
N LYS B 571 4.59 19.77 -20.79
CA LYS B 571 5.53 19.01 -21.59
C LYS B 571 4.83 18.24 -22.72
N THR B 572 3.68 17.65 -22.43
CA THR B 572 2.94 16.84 -23.39
C THR B 572 1.46 17.08 -23.20
N GLU B 573 0.64 16.22 -23.83
CA GLU B 573 -0.81 16.37 -23.76
C GLU B 573 -1.43 15.60 -22.61
N LYS B 574 -0.84 14.46 -22.22
CA LYS B 574 -1.37 13.68 -21.10
C LYS B 574 -1.12 14.37 -19.76
N SER B 575 0.08 14.95 -19.59
CA SER B 575 0.39 15.64 -18.34
C SER B 575 -0.50 16.85 -18.13
N PHE B 576 -0.88 17.53 -19.21
CA PHE B 576 -1.81 18.66 -19.11
C PHE B 576 -3.11 18.24 -18.41
N GLU B 577 -3.73 17.18 -18.91
CA GLU B 577 -4.98 16.70 -18.32
C GLU B 577 -4.74 16.17 -16.90
N GLU B 578 -3.65 15.44 -16.69
CA GLU B 578 -3.39 14.84 -15.39
C GLU B 578 -3.15 15.91 -14.32
N ARG B 579 -2.65 17.08 -14.71
CA ARG B 579 -2.44 18.15 -13.76
C ARG B 579 -3.70 18.98 -13.56
N LEU B 580 -4.43 19.23 -14.66
CA LEU B 580 -5.67 19.99 -14.55
C LEU B 580 -6.70 19.28 -13.69
N THR B 581 -6.81 17.96 -13.83
CA THR B 581 -7.77 17.21 -13.03
C THR B 581 -7.48 17.34 -11.54
N PHE B 582 -6.22 17.18 -11.15
CA PHE B 582 -5.83 17.31 -9.75
C PHE B 582 -6.09 18.72 -9.23
N LYS B 583 -5.69 19.74 -10.01
CA LYS B 583 -5.88 21.12 -9.57
C LYS B 583 -7.35 21.46 -9.39
N ALA B 584 -8.21 20.97 -10.28
CA ALA B 584 -9.64 21.25 -10.14
C ALA B 584 -10.24 20.46 -8.98
N PHE B 585 -9.82 19.20 -8.81
CA PHE B 585 -10.42 18.37 -7.78
C PHE B 585 -10.12 18.89 -6.38
N LEU B 586 -8.88 19.34 -6.15
CA LEU B 586 -8.57 19.84 -4.80
C LEU B 586 -9.42 21.06 -4.45
N LEU B 587 -9.56 22.00 -5.39
CA LEU B 587 -10.36 23.19 -5.13
C LEU B 587 -11.84 22.85 -4.96
N LYS B 588 -12.36 21.92 -5.76
CA LYS B 588 -13.76 21.53 -5.58
C LYS B 588 -13.99 20.84 -4.25
N PHE B 589 -13.05 19.99 -3.80
CA PHE B 589 -13.14 19.37 -2.49
C PHE B 589 -13.21 20.43 -1.39
N VAL B 590 -12.25 21.36 -1.40
CA VAL B 590 -12.21 22.35 -0.32
C VAL B 590 -13.39 23.30 -0.39
N ASN B 591 -13.95 23.51 -1.58
CA ASN B 591 -15.14 24.36 -1.70
C ASN B 591 -16.37 23.65 -1.17
N SER B 592 -16.48 22.34 -1.40
CA SER B 592 -17.70 21.61 -1.07
C SER B 592 -17.76 21.23 0.40
N TYR B 593 -16.66 20.75 0.99
CA TYR B 593 -16.73 20.12 2.30
C TYR B 593 -16.35 21.05 3.46
N THR B 594 -16.12 22.35 3.20
CA THR B 594 -15.70 23.23 4.29
C THR B 594 -16.80 23.45 5.33
N PRO B 595 -18.03 23.84 4.98
CA PRO B 595 -19.00 24.16 6.04
C PRO B 595 -19.39 22.98 6.91
N ILE B 596 -19.22 21.74 6.43
CA ILE B 596 -19.63 20.58 7.22
C ILE B 596 -18.66 20.36 8.37
N PHE B 597 -17.36 20.53 8.13
CA PHE B 597 -16.36 20.29 9.17
C PHE B 597 -16.50 21.30 10.32
N TYR B 598 -16.99 22.50 10.03
CA TYR B 598 -17.05 23.55 11.05
C TYR B 598 -18.14 23.27 12.08
N VAL B 599 -19.33 22.87 11.63
CA VAL B 599 -20.43 22.63 12.56
C VAL B 599 -20.18 21.36 13.38
N ALA B 600 -19.50 20.38 12.79
CA ALA B 600 -19.35 19.09 13.45
C ALA B 600 -18.32 19.15 14.58
N PHE B 601 -17.24 19.91 14.41
CA PHE B 601 -16.11 19.84 15.32
C PHE B 601 -15.77 21.14 16.03
N PHE B 602 -16.20 22.30 15.52
CA PHE B 602 -15.69 23.58 16.02
C PHE B 602 -16.74 24.52 16.59
N LYS B 603 -18.02 24.32 16.29
CA LYS B 603 -19.04 25.28 16.70
C LYS B 603 -19.44 25.08 18.15
N GLY B 604 -19.40 26.09 19.03
CA GLY B 604 -19.88 26.02 20.44
C GLY B 604 -18.99 25.37 21.46
N ARG B 605 -17.69 25.19 21.21
CA ARG B 605 -16.79 24.39 22.07
C ARG B 605 -15.78 25.25 22.84
N PHE B 606 -15.48 26.47 22.40
CA PHE B 606 -14.45 27.34 23.01
C PHE B 606 -15.14 28.65 23.36
N VAL B 607 -16.06 28.62 24.32
CA VAL B 607 -16.94 29.74 24.66
C VAL B 607 -16.78 30.28 26.10
N GLY B 608 -16.12 29.62 27.06
CA GLY B 608 -16.06 30.13 28.44
C GLY B 608 -17.00 29.51 29.44
N ARG B 609 -17.41 30.20 30.50
CA ARG B 609 -18.32 29.71 31.56
C ARG B 609 -19.18 30.88 31.99
N PRO B 610 -20.41 30.73 32.49
CA PRO B 610 -21.14 31.87 33.00
C PRO B 610 -20.33 32.75 33.97
N GLY B 611 -20.12 34.03 33.76
CA GLY B 611 -19.26 34.83 34.61
C GLY B 611 -17.86 35.03 34.08
N ASP B 612 -17.43 34.23 33.11
CA ASP B 612 -16.12 34.40 32.46
C ASP B 612 -16.28 33.94 31.02
N TYR B 613 -16.67 34.84 30.14
CA TYR B 613 -16.95 34.51 28.73
C TYR B 613 -15.75 34.92 27.91
N VAL B 614 -15.63 34.49 26.66
CA VAL B 614 -14.54 34.73 25.72
C VAL B 614 -15.05 35.70 24.65
N TYR B 615 -14.33 36.80 24.48
CA TYR B 615 -14.67 37.82 23.50
C TYR B 615 -13.57 37.92 22.44
N ILE B 616 -13.98 38.18 21.21
CA ILE B 616 -13.06 38.43 20.10
C ILE B 616 -13.14 39.92 19.76
N PHE B 617 -11.97 40.55 19.61
CA PHE B 617 -11.86 41.98 19.37
C PHE B 617 -12.49 42.82 20.48
N ARG B 618 -12.62 42.25 21.68
CA ARG B 618 -13.10 42.91 22.88
C ARG B 618 -14.55 43.39 22.77
N SER B 619 -15.26 43.02 21.70
CA SER B 619 -16.63 43.48 21.53
C SER B 619 -17.60 42.43 21.03
N PHE B 620 -17.15 41.26 20.57
CA PHE B 620 -18.02 40.25 20.00
C PHE B 620 -17.92 38.96 20.81
N ARG B 621 -19.07 38.38 21.15
CA ARG B 621 -19.12 37.14 21.92
C ARG B 621 -19.30 35.95 20.98
N MET B 622 -18.65 34.84 21.34
CA MET B 622 -18.73 33.63 20.51
C MET B 622 -20.12 33.02 20.58
N GLU B 623 -20.54 32.42 19.46
CA GLU B 623 -21.86 31.82 19.37
C GLU B 623 -21.89 30.45 20.04
N GLU B 624 -23.09 30.02 20.41
CA GLU B 624 -23.27 28.74 21.09
C GLU B 624 -24.05 27.82 20.15
N CYS B 625 -24.32 26.58 20.54
CA CYS B 625 -25.08 25.61 19.78
C CYS B 625 -26.58 25.83 19.97
N ALA B 626 -27.38 24.98 19.32
CA ALA B 626 -28.83 25.04 19.49
C ALA B 626 -29.19 24.56 20.90
N PRO B 627 -30.37 24.97 21.40
CA PRO B 627 -30.78 24.52 22.74
C PRO B 627 -30.79 23.01 22.91
N GLY B 628 -31.19 22.27 21.87
CA GLY B 628 -31.21 20.82 21.98
C GLY B 628 -29.87 20.16 21.68
N GLY B 629 -29.00 20.85 20.97
CA GLY B 629 -27.71 20.30 20.60
C GLY B 629 -27.37 20.65 19.17
N CYS B 630 -26.13 20.31 18.80
CA CYS B 630 -25.62 20.60 17.47
C CYS B 630 -25.64 19.38 16.55
N LEU B 631 -26.31 18.30 16.95
CA LEU B 631 -26.46 17.14 16.08
C LEU B 631 -27.65 17.26 15.13
N MET B 632 -28.55 18.22 15.37
CA MET B 632 -29.73 18.38 14.53
C MET B 632 -29.47 19.24 13.31
N GLU B 633 -28.54 20.20 13.40
CA GLU B 633 -28.23 21.06 12.26
C GLU B 633 -27.51 20.29 11.16
N LEU B 634 -26.63 19.35 11.56
CA LEU B 634 -25.90 18.56 10.58
C LEU B 634 -26.84 17.72 9.73
N CYS B 635 -27.84 17.12 10.35
CA CYS B 635 -28.80 16.30 9.59
C CYS B 635 -29.59 17.15 8.61
N ILE B 636 -30.02 18.34 9.03
CA ILE B 636 -30.75 19.23 8.13
C ILE B 636 -29.87 19.65 6.97
N GLN B 637 -28.62 20.02 7.25
CA GLN B 637 -27.69 20.40 6.19
C GLN B 637 -27.52 19.27 5.17
N LEU B 638 -27.22 18.07 5.67
CA LEU B 638 -26.99 16.93 4.77
C LEU B 638 -28.23 16.60 3.95
N SER B 639 -29.39 16.57 4.60
CA SER B 639 -30.62 16.22 3.90
C SER B 639 -30.94 17.26 2.82
N ILE B 640 -30.87 18.55 3.17
CA ILE B 640 -31.18 19.59 2.20
C ILE B 640 -30.22 19.51 1.01
N ILE B 641 -28.92 19.39 1.30
CA ILE B 641 -27.92 19.30 0.23
C ILE B 641 -28.24 18.12 -0.69
N MET B 642 -28.28 16.92 -0.12
CA MET B 642 -28.41 15.71 -0.92
C MET B 642 -29.71 15.68 -1.71
N LEU B 643 -30.80 16.16 -1.11
CA LEU B 643 -32.10 16.06 -1.79
C LEU B 643 -32.26 17.14 -2.86
N GLY B 644 -31.88 18.38 -2.55
CA GLY B 644 -32.08 19.44 -3.52
C GLY B 644 -30.95 19.64 -4.50
N LYS B 645 -29.76 19.95 -3.99
CA LYS B 645 -28.71 20.50 -4.85
C LYS B 645 -28.23 19.49 -5.89
N GLN B 646 -28.10 18.22 -5.50
CA GLN B 646 -27.57 17.20 -6.39
C GLN B 646 -28.62 16.52 -7.24
N LEU B 647 -29.91 16.75 -6.98
CA LEU B 647 -30.97 16.00 -7.63
C LEU B 647 -31.89 16.86 -8.48
N ILE B 648 -32.22 18.07 -8.04
CA ILE B 648 -33.22 18.88 -8.74
C ILE B 648 -32.53 19.89 -9.65
N GLN B 649 -31.78 20.82 -9.04
CA GLN B 649 -31.19 21.93 -9.79
C GLN B 649 -30.17 21.45 -10.80
N ASN B 650 -29.34 20.47 -10.43
CA ASN B 650 -28.30 19.98 -11.33
C ASN B 650 -28.92 19.39 -12.60
N ASN B 651 -29.89 18.50 -12.43
CA ASN B 651 -30.51 17.87 -13.60
C ASN B 651 -31.32 18.87 -14.41
N LEU B 652 -32.01 19.80 -13.74
CA LEU B 652 -32.77 20.80 -14.49
C LEU B 652 -31.86 21.67 -15.33
N PHE B 653 -30.73 22.10 -14.77
CA PHE B 653 -29.77 22.90 -15.54
C PHE B 653 -29.19 22.08 -16.69
N GLU B 654 -28.85 20.81 -16.43
CA GLU B 654 -28.30 19.95 -17.48
C GLU B 654 -29.26 19.83 -18.65
N ILE B 655 -30.55 19.67 -18.36
CA ILE B 655 -31.54 19.54 -19.43
C ILE B 655 -31.76 20.87 -20.13
N GLY B 656 -31.81 21.97 -19.37
CA GLY B 656 -32.26 23.24 -19.92
C GLY B 656 -31.20 24.09 -20.57
N ILE B 657 -29.92 23.82 -20.34
CA ILE B 657 -28.87 24.67 -20.90
C ILE B 657 -28.86 24.66 -22.43
N PRO B 658 -28.90 23.51 -23.12
CA PRO B 658 -28.86 23.57 -24.60
C PRO B 658 -30.01 24.32 -25.23
N LYS B 659 -31.17 24.41 -24.55
CA LYS B 659 -32.32 25.08 -25.14
C LYS B 659 -32.05 26.57 -25.33
N MET B 660 -31.35 27.19 -24.37
CA MET B 660 -31.03 28.61 -24.52
C MET B 660 -30.07 28.85 -25.68
N LYS B 661 -29.12 27.94 -25.88
CA LYS B 661 -28.22 28.06 -27.03
C LYS B 661 -28.98 27.90 -28.34
N LYS B 662 -29.91 26.95 -28.39
CA LYS B 662 -30.71 26.76 -29.59
C LYS B 662 -31.55 28.00 -29.88
N PHE B 663 -32.17 28.58 -28.85
CA PHE B 663 -32.98 29.77 -29.04
C PHE B 663 -32.13 30.97 -29.48
N ILE B 664 -30.94 31.11 -28.91
CA ILE B 664 -30.06 32.19 -29.32
C ILE B 664 -29.63 32.03 -30.77
N ARG B 665 -29.31 30.81 -31.18
CA ARG B 665 -28.95 30.56 -32.57
C ARG B 665 -30.13 30.85 -33.50
N TYR B 666 -31.33 30.47 -33.09
CA TYR B 666 -32.52 30.75 -33.92
C TYR B 666 -32.74 32.25 -34.04
N LEU B 667 -32.57 33.00 -32.95
CA LEU B 667 -32.77 34.44 -33.00
C LEU B 667 -31.72 35.12 -33.87
N LYS B 668 -30.46 34.68 -33.78
CA LYS B 668 -29.39 35.31 -34.55
C LYS B 668 -29.44 34.94 -36.03
N LEU B 669 -29.88 33.72 -36.35
CA LEU B 669 -29.93 33.31 -37.76
C LEU B 669 -30.96 34.13 -38.53
N ARG B 670 -32.11 34.38 -37.92
CA ARG B 670 -33.17 35.16 -38.57
C ARG B 670 -32.91 36.66 -38.43
N GLU B 679 -39.96 27.12 -43.81
CA GLU B 679 -38.83 27.87 -44.36
C GLU B 679 -37.95 26.99 -45.23
N TYR B 680 -37.74 25.76 -44.80
CA TYR B 680 -36.90 24.79 -45.52
C TYR B 680 -37.78 23.69 -46.08
N VAL B 681 -37.75 23.52 -47.40
CA VAL B 681 -38.48 22.46 -48.06
C VAL B 681 -37.54 21.40 -48.63
N LYS B 682 -36.47 21.83 -49.30
CA LYS B 682 -35.48 20.91 -49.81
C LYS B 682 -34.72 20.24 -48.66
N ARG B 683 -34.26 19.02 -48.91
CA ARG B 683 -33.53 18.27 -47.89
C ARG B 683 -32.08 18.75 -47.83
N LYS B 684 -31.64 19.13 -46.63
CA LYS B 684 -30.26 19.56 -46.45
C LYS B 684 -29.32 18.36 -46.50
N GLN B 685 -28.06 18.63 -46.84
CA GLN B 685 -27.05 17.59 -46.89
C GLN B 685 -26.64 17.19 -45.47
N ARG B 686 -25.82 16.14 -45.41
CA ARG B 686 -25.43 15.59 -44.11
C ARG B 686 -24.54 16.55 -43.33
N TYR B 687 -23.59 17.20 -44.01
CA TYR B 687 -22.68 18.11 -43.31
C TYR B 687 -23.42 19.34 -42.80
N GLU B 688 -24.38 19.85 -43.58
CA GLU B 688 -25.16 20.99 -43.11
C GLU B 688 -26.03 20.63 -41.93
N VAL B 689 -26.52 19.39 -41.87
CA VAL B 689 -27.30 18.95 -40.71
C VAL B 689 -26.40 18.80 -39.49
N ASP B 690 -25.23 18.18 -39.67
CA ASP B 690 -24.32 17.96 -38.55
C ASP B 690 -23.63 19.24 -38.09
N PHE B 691 -23.65 20.30 -38.91
CA PHE B 691 -23.00 21.55 -38.52
C PHE B 691 -23.74 22.29 -37.41
N ASN B 692 -25.02 21.98 -37.20
CA ASN B 692 -25.83 22.69 -36.22
C ASN B 692 -25.86 22.01 -34.85
N LEU B 693 -25.07 20.96 -34.65
CA LEU B 693 -25.03 20.28 -33.36
C LEU B 693 -23.96 20.89 -32.47
N GLU B 694 -23.98 20.51 -31.19
CA GLU B 694 -23.04 21.04 -30.21
C GLU B 694 -21.80 20.15 -30.15
N PRO B 695 -20.61 20.73 -30.14
CA PRO B 695 -19.39 19.91 -30.11
C PRO B 695 -19.21 19.22 -28.77
N PHE B 696 -18.46 18.12 -28.80
CA PHE B 696 -18.19 17.34 -27.61
C PHE B 696 -17.12 18.00 -26.76
N ALA B 697 -17.32 17.99 -25.44
CA ALA B 697 -16.41 18.62 -24.50
C ALA B 697 -15.40 17.65 -23.91
N GLY B 698 -15.86 16.62 -23.21
CA GLY B 698 -14.96 15.68 -22.58
C GLY B 698 -15.68 14.89 -21.50
N LEU B 699 -14.89 14.12 -20.76
CA LEU B 699 -15.41 13.24 -19.72
C LEU B 699 -15.00 13.62 -18.31
N THR B 700 -14.28 14.73 -18.12
CA THR B 700 -13.84 15.12 -16.79
C THR B 700 -15.00 15.52 -15.87
N PRO B 701 -15.93 16.39 -16.27
CA PRO B 701 -17.05 16.72 -15.36
C PRO B 701 -17.91 15.53 -15.00
N GLU B 702 -18.12 14.59 -15.93
CA GLU B 702 -18.95 13.42 -15.65
C GLU B 702 -18.33 12.59 -14.53
N TYR B 703 -17.02 12.39 -14.56
CA TYR B 703 -16.34 11.67 -13.50
C TYR B 703 -16.32 12.48 -12.21
N MET B 704 -16.12 13.80 -12.33
CA MET B 704 -15.98 14.64 -11.14
C MET B 704 -17.27 14.68 -10.34
N GLU B 705 -18.41 14.74 -11.02
CA GLU B 705 -19.69 14.75 -10.32
C GLU B 705 -19.87 13.51 -9.47
N MET B 706 -19.66 12.33 -10.05
CA MET B 706 -19.84 11.08 -9.31
C MET B 706 -18.79 10.91 -8.23
N ILE B 707 -17.55 11.38 -8.47
CA ILE B 707 -16.52 11.29 -7.45
C ILE B 707 -16.86 12.17 -6.26
N ILE B 708 -17.40 13.36 -6.51
CA ILE B 708 -17.84 14.23 -5.43
C ILE B 708 -19.01 13.60 -4.68
N GLN B 709 -19.94 12.98 -5.41
CA GLN B 709 -21.06 12.30 -4.75
C GLN B 709 -20.58 11.13 -3.89
N PHE B 710 -19.49 10.46 -4.28
CA PHE B 710 -19.03 9.30 -3.54
C PHE B 710 -18.59 9.64 -2.12
N GLY B 711 -18.14 10.88 -1.89
CA GLY B 711 -17.62 11.23 -0.58
C GLY B 711 -18.68 11.45 0.49
N PHE B 712 -19.89 11.84 0.08
CA PHE B 712 -20.94 12.07 1.07
C PHE B 712 -21.43 10.77 1.69
N VAL B 713 -21.40 9.67 0.94
CA VAL B 713 -21.92 8.40 1.43
C VAL B 713 -21.01 7.82 2.51
N THR B 714 -19.70 7.93 2.33
CA THR B 714 -18.74 7.24 3.18
C THR B 714 -18.21 8.08 4.34
N LEU B 715 -18.00 9.38 4.12
CA LEU B 715 -17.34 10.19 5.15
C LEU B 715 -18.28 10.51 6.31
N PHE B 716 -19.56 10.74 6.03
CA PHE B 716 -20.50 11.20 7.03
C PHE B 716 -21.67 10.23 7.18
N VAL B 717 -21.36 8.94 7.30
CA VAL B 717 -22.39 7.91 7.44
C VAL B 717 -22.63 7.49 8.87
N ALA B 718 -21.77 7.89 9.81
CA ALA B 718 -21.93 7.50 11.21
C ALA B 718 -23.12 8.16 11.87
N SER B 719 -23.73 9.17 11.25
CA SER B 719 -24.88 9.85 11.84
C SER B 719 -25.99 10.11 10.81
N PHE B 720 -26.01 9.37 9.71
CA PHE B 720 -27.04 9.55 8.68
C PHE B 720 -27.23 8.24 7.95
N PRO B 721 -28.08 7.35 8.47
CA PRO B 721 -28.23 6.02 7.86
C PRO B 721 -28.91 6.05 6.49
N LEU B 722 -29.58 7.14 6.13
CA LEU B 722 -30.35 7.20 4.89
C LEU B 722 -29.55 7.74 3.72
N ALA B 723 -28.25 7.90 3.87
CA ALA B 723 -27.43 8.42 2.77
C ALA B 723 -27.39 7.51 1.56
N PRO B 724 -27.15 6.19 1.68
CA PRO B 724 -27.09 5.35 0.47
C PRO B 724 -28.39 5.29 -0.31
N LEU B 725 -29.54 5.53 0.33
CA LEU B 725 -30.81 5.46 -0.37
C LEU B 725 -31.03 6.65 -1.28
N PHE B 726 -30.46 7.82 -0.94
CA PHE B 726 -30.69 9.01 -1.74
C PHE B 726 -29.87 8.98 -3.03
N ALA B 727 -28.75 8.26 -3.04
CA ALA B 727 -27.90 8.21 -4.23
C ALA B 727 -28.43 7.24 -5.28
N LEU B 728 -29.12 6.18 -4.86
CA LEU B 728 -29.65 5.21 -5.81
C LEU B 728 -30.71 5.83 -6.71
N LEU B 729 -31.58 6.66 -6.13
CA LEU B 729 -32.64 7.29 -6.93
C LEU B 729 -32.06 8.24 -7.96
N ASN B 730 -30.94 8.89 -7.63
CA ASN B 730 -30.29 9.78 -8.59
C ASN B 730 -29.56 9.00 -9.66
N ASN B 731 -28.87 7.91 -9.28
CA ASN B 731 -28.14 7.11 -10.25
C ASN B 731 -29.08 6.37 -11.19
N ILE B 732 -30.31 6.11 -10.76
CA ILE B 732 -31.30 5.49 -11.65
C ILE B 732 -31.59 6.42 -12.83
N ILE B 733 -31.75 7.71 -12.56
CA ILE B 733 -32.09 8.66 -13.62
C ILE B 733 -30.86 9.09 -14.41
N GLU B 734 -29.69 9.12 -13.78
CA GLU B 734 -28.50 9.68 -14.42
C GLU B 734 -28.11 8.89 -15.67
N ILE B 735 -28.26 7.56 -15.65
CA ILE B 735 -27.84 6.75 -16.78
C ILE B 735 -28.62 7.12 -18.04
N ARG B 736 -29.96 7.14 -17.93
CA ARG B 736 -30.79 7.48 -19.08
C ARG B 736 -30.79 8.96 -19.38
N LEU B 737 -30.36 9.80 -18.43
CA LEU B 737 -30.19 11.22 -18.73
C LEU B 737 -28.96 11.46 -19.57
N ASP B 738 -27.85 10.76 -19.25
CA ASP B 738 -26.63 10.92 -20.01
C ASP B 738 -26.65 10.17 -21.34
N ALA B 739 -27.45 9.10 -21.44
CA ALA B 739 -27.50 8.33 -22.68
C ALA B 739 -28.09 9.15 -23.82
N LYS B 740 -29.10 9.98 -23.54
CA LYS B 740 -29.76 10.74 -24.59
C LYS B 740 -28.84 11.79 -25.20
N LYS B 741 -27.96 12.39 -24.39
CA LYS B 741 -27.11 13.46 -24.87
C LYS B 741 -26.19 13.01 -25.99
N PHE B 742 -25.57 11.83 -25.84
CA PHE B 742 -24.65 11.33 -26.86
C PHE B 742 -25.37 11.05 -28.16
N VAL B 743 -26.60 10.51 -28.08
CA VAL B 743 -27.30 10.07 -29.28
C VAL B 743 -27.89 11.26 -30.03
N THR B 744 -28.57 12.16 -29.31
CA THR B 744 -29.42 13.15 -29.94
C THR B 744 -28.87 14.56 -29.99
N GLU B 745 -27.86 14.89 -29.18
CA GLU B 745 -27.43 16.28 -29.03
C GLU B 745 -26.02 16.54 -29.56
N LEU B 746 -25.03 15.81 -29.05
CA LEU B 746 -23.64 16.15 -29.34
C LEU B 746 -23.23 15.66 -30.73
N ARG B 747 -22.08 16.14 -31.18
CA ARG B 747 -21.46 15.64 -32.40
C ARG B 747 -20.77 14.30 -32.11
N ARG B 748 -20.41 13.60 -33.18
CA ARG B 748 -19.78 12.29 -33.04
C ARG B 748 -18.32 12.45 -32.66
N PRO B 749 -17.87 11.90 -31.53
CA PRO B 749 -16.46 11.96 -31.17
C PRO B 749 -15.64 10.93 -31.96
N VAL B 750 -14.32 11.06 -31.84
CA VAL B 750 -13.40 10.11 -32.44
C VAL B 750 -13.01 9.09 -31.38
N ALA B 751 -12.61 7.90 -31.83
CA ALA B 751 -12.34 6.80 -30.92
C ALA B 751 -10.93 6.88 -30.36
N ILE B 752 -10.79 6.49 -29.10
CA ILE B 752 -9.50 6.43 -28.41
C ILE B 752 -9.42 5.12 -27.65
N ARG B 753 -8.28 4.44 -27.76
CA ARG B 753 -8.08 3.17 -27.07
C ARG B 753 -7.55 3.42 -25.66
N ALA B 754 -8.20 2.78 -24.67
CA ALA B 754 -7.78 2.88 -23.28
C ALA B 754 -7.95 1.53 -22.62
N LYS B 755 -7.16 1.29 -21.58
CA LYS B 755 -7.22 0.03 -20.84
C LYS B 755 -7.59 0.20 -19.37
N ASP B 756 -7.79 1.43 -18.89
CA ASP B 756 -8.21 1.67 -17.52
C ASP B 756 -8.85 3.04 -17.44
N ILE B 757 -9.54 3.28 -16.32
CA ILE B 757 -10.19 4.57 -16.10
C ILE B 757 -9.14 5.66 -15.90
N GLY B 758 -8.05 5.34 -15.22
CA GLY B 758 -6.94 6.26 -15.10
C GLY B 758 -6.61 6.73 -13.69
N ILE B 759 -6.70 8.04 -13.47
CA ILE B 759 -6.23 8.65 -12.23
C ILE B 759 -7.27 8.64 -11.13
N TRP B 760 -8.51 8.26 -11.42
CA TRP B 760 -9.58 8.32 -10.42
C TRP B 760 -9.48 7.20 -9.40
N TYR B 761 -8.78 6.11 -9.73
CA TYR B 761 -8.62 5.00 -8.79
C TYR B 761 -7.87 5.43 -7.54
N ASN B 762 -6.80 6.22 -7.72
CA ASN B 762 -6.03 6.69 -6.58
C ASN B 762 -6.85 7.63 -5.70
N ILE B 763 -7.68 8.48 -6.32
CA ILE B 763 -8.53 9.39 -5.57
C ILE B 763 -9.56 8.61 -4.76
N LEU B 764 -10.17 7.59 -5.37
CA LEU B 764 -11.13 6.76 -4.66
C LEU B 764 -10.47 6.05 -3.47
N ARG B 765 -9.33 5.42 -3.67
CA ARG B 765 -8.56 4.77 -2.59
C ARG B 765 -8.03 5.75 -1.54
N GLY B 766 -7.79 7.03 -1.84
CA GLY B 766 -7.47 8.02 -0.81
C GLY B 766 -8.66 8.41 0.02
N VAL B 767 -9.82 8.62 -0.63
CA VAL B 767 -11.02 8.95 0.12
C VAL B 767 -11.44 7.79 1.03
N GLY B 768 -11.35 6.57 0.52
CA GLY B 768 -11.69 5.41 1.34
C GLY B 768 -10.78 5.28 2.54
N LYS B 769 -9.49 5.59 2.38
CA LYS B 769 -8.57 5.56 3.52
C LYS B 769 -8.87 6.70 4.50
N LEU B 770 -9.28 7.86 3.98
CA LEU B 770 -9.49 9.02 4.85
C LEU B 770 -10.75 8.88 5.69
N ALA B 771 -11.75 8.14 5.22
CA ALA B 771 -13.05 8.12 5.89
C ALA B 771 -12.97 7.62 7.33
N VAL B 772 -12.01 6.74 7.65
CA VAL B 772 -12.05 6.00 8.92
C VAL B 772 -11.79 6.92 10.11
N ILE B 773 -10.77 7.78 10.00
CA ILE B 773 -10.43 8.66 11.11
C ILE B 773 -11.57 9.62 11.41
N ILE B 774 -12.19 10.16 10.36
CA ILE B 774 -13.33 11.06 10.55
C ILE B 774 -14.50 10.33 11.19
N ASN B 775 -14.76 9.09 10.78
CA ASN B 775 -15.83 8.32 11.40
C ASN B 775 -15.56 8.10 12.89
N ALA B 776 -14.31 7.74 13.24
CA ALA B 776 -13.97 7.50 14.63
C ALA B 776 -14.13 8.76 15.46
N PHE B 777 -13.65 9.91 14.95
CA PHE B 777 -13.75 11.15 15.71
C PHE B 777 -15.19 11.60 15.84
N VAL B 778 -16.01 11.39 14.80
CA VAL B 778 -17.42 11.75 14.87
C VAL B 778 -18.14 10.91 15.92
N ILE B 779 -17.84 9.62 15.98
CA ILE B 779 -18.46 8.77 16.99
C ILE B 779 -18.00 9.17 18.39
N SER B 780 -16.71 9.52 18.53
CA SER B 780 -16.17 9.79 19.85
C SER B 780 -16.63 11.13 20.42
N PHE B 781 -16.49 12.26 19.76
CA PHE B 781 -16.71 13.63 20.28
C PHE B 781 -18.05 14.28 19.91
N THR B 782 -18.87 13.70 19.03
CA THR B 782 -20.10 14.39 18.67
C THR B 782 -21.34 13.81 19.35
N SER B 783 -21.35 12.52 19.67
CA SER B 783 -22.50 11.87 20.26
C SER B 783 -22.36 11.82 21.79
N ASP B 784 -23.32 11.15 22.43
CA ASP B 784 -23.34 10.97 23.88
C ASP B 784 -23.18 9.51 24.26
N PHE B 785 -22.53 8.72 23.41
CA PHE B 785 -22.35 7.30 23.66
C PHE B 785 -21.38 7.06 24.82
N ILE B 786 -20.21 7.68 24.77
CA ILE B 786 -19.17 7.51 25.78
C ILE B 786 -19.62 8.03 27.14
N PRO B 787 -20.23 9.21 27.25
CA PRO B 787 -20.74 9.63 28.58
C PRO B 787 -21.73 8.65 29.18
N ARG B 788 -22.63 8.09 28.37
CA ARG B 788 -23.58 7.11 28.89
C ARG B 788 -22.87 5.85 29.35
N LEU B 789 -21.91 5.36 28.57
CA LEU B 789 -21.16 4.18 28.97
C LEU B 789 -20.39 4.43 30.27
N VAL B 790 -19.83 5.63 30.42
CA VAL B 790 -19.08 5.95 31.64
C VAL B 790 -20.01 6.02 32.84
N TYR B 791 -21.19 6.65 32.67
CA TYR B 791 -22.13 6.76 33.78
C TYR B 791 -22.63 5.38 34.22
N LEU B 792 -22.94 4.49 33.27
CA LEU B 792 -23.56 3.23 33.62
C LEU B 792 -22.65 2.37 34.50
N TYR B 793 -21.35 2.35 34.20
CA TYR B 793 -20.43 1.43 34.85
C TYR B 793 -19.63 2.04 36.00
N MET B 794 -19.87 3.30 36.35
CA MET B 794 -19.05 3.93 37.39
C MET B 794 -19.87 4.65 38.45
N TYR B 795 -21.03 5.21 38.09
CA TYR B 795 -21.74 6.13 38.97
C TYR B 795 -23.15 5.69 39.31
N SER B 796 -23.65 4.60 38.75
CA SER B 796 -25.01 4.17 38.98
C SER B 796 -25.06 3.18 40.14
N GLN B 797 -26.05 3.35 41.01
CA GLN B 797 -26.27 2.39 42.09
C GLN B 797 -27.15 1.24 41.64
N ASN B 798 -28.19 1.55 40.86
CA ASN B 798 -29.10 0.55 40.33
C ASN B 798 -28.39 -0.40 39.38
N GLY B 799 -27.58 0.14 38.49
CA GLY B 799 -27.16 -0.53 37.29
C GLY B 799 -27.99 -0.18 36.07
N THR B 800 -28.81 0.86 36.14
CA THR B 800 -29.68 1.29 35.05
C THR B 800 -29.37 2.74 34.70
N MET B 801 -30.22 3.36 33.89
CA MET B 801 -30.00 4.72 33.37
C MET B 801 -30.86 5.75 34.09
N HIS B 802 -31.06 5.62 35.39
CA HIS B 802 -31.86 6.58 36.14
C HIS B 802 -30.95 7.64 36.76
N GLY B 803 -31.24 8.91 36.47
CA GLY B 803 -30.45 10.00 37.00
C GLY B 803 -29.35 10.51 36.11
N PHE B 804 -29.41 10.24 34.81
CA PHE B 804 -28.31 10.64 33.93
C PHE B 804 -28.34 12.13 33.63
N VAL B 805 -29.53 12.70 33.39
CA VAL B 805 -29.63 14.14 33.16
C VAL B 805 -29.27 14.91 34.42
N ASN B 806 -29.63 14.35 35.59
CA ASN B 806 -29.19 14.89 36.87
C ASN B 806 -27.67 15.01 36.94
N HIS B 807 -26.96 14.10 36.28
CA HIS B 807 -25.51 14.02 36.41
C HIS B 807 -24.79 15.10 35.60
N THR B 808 -25.34 15.52 34.47
CA THR B 808 -24.61 16.31 33.49
C THR B 808 -24.85 17.81 33.60
N LEU B 809 -25.55 18.28 34.63
CA LEU B 809 -25.87 19.69 34.78
C LEU B 809 -25.16 20.28 35.99
N SER B 810 -24.64 21.49 35.82
CA SER B 810 -23.96 22.24 36.87
C SER B 810 -24.86 23.38 37.36
N SER B 811 -24.36 24.12 38.35
CA SER B 811 -25.12 25.20 38.98
C SER B 811 -24.30 26.48 38.98
N PHE B 812 -25.00 27.61 39.08
CA PHE B 812 -24.37 28.92 39.03
C PHE B 812 -25.20 29.91 39.84
N ASN B 813 -24.50 30.84 40.50
CA ASN B 813 -25.15 31.88 41.29
C ASN B 813 -25.41 33.08 40.38
N VAL B 814 -26.68 33.49 40.26
CA VAL B 814 -27.07 34.54 39.33
C VAL B 814 -26.62 35.89 39.83
N SER B 815 -26.11 35.94 41.07
CA SER B 815 -25.64 37.18 41.66
C SER B 815 -24.18 37.46 41.35
N ASP B 816 -23.49 36.57 40.64
CA ASP B 816 -22.10 36.75 40.26
C ASP B 816 -21.93 37.18 38.81
N PHE B 817 -23.01 37.62 38.16
CA PHE B 817 -22.95 37.99 36.75
C PHE B 817 -22.08 39.24 36.57
N GLN B 818 -21.32 39.26 35.48
CA GLN B 818 -20.49 40.41 35.16
C GLN B 818 -21.35 41.61 34.81
N ASN B 819 -20.77 42.80 34.96
CA ASN B 819 -21.47 44.03 34.63
C ASN B 819 -21.77 44.07 33.14
N GLY B 820 -23.03 44.37 32.80
CA GLY B 820 -23.44 44.41 31.41
C GLY B 820 -23.69 43.06 30.78
N THR B 821 -24.04 42.05 31.58
CA THR B 821 -24.34 40.72 31.05
C THR B 821 -25.64 40.13 31.57
N ALA B 822 -26.23 40.70 32.61
CA ALA B 822 -27.47 40.16 33.15
C ALA B 822 -28.63 40.44 32.19
N PRO B 823 -29.67 39.60 32.20
CA PRO B 823 -30.83 39.85 31.34
C PRO B 823 -31.55 41.14 31.73
N ASN B 824 -32.21 41.74 30.74
CA ASN B 824 -32.90 43.00 30.98
C ASN B 824 -34.07 42.83 31.95
N ASP B 825 -34.87 41.79 31.77
CA ASP B 825 -36.04 41.54 32.61
C ASP B 825 -36.01 40.09 33.08
N PRO B 826 -35.88 39.83 34.38
CA PRO B 826 -35.85 38.45 34.89
C PRO B 826 -37.20 37.90 35.36
N LEU B 827 -38.31 38.61 35.14
CA LEU B 827 -39.61 38.20 35.66
C LEU B 827 -40.54 37.70 34.56
N ASP B 828 -40.01 37.34 33.40
CA ASP B 828 -40.86 36.84 32.32
C ASP B 828 -41.42 35.46 32.63
N LEU B 829 -40.64 34.60 33.30
CA LEU B 829 -41.12 33.26 33.64
C LEU B 829 -42.23 33.29 34.68
N GLY B 830 -42.38 34.39 35.41
CA GLY B 830 -43.44 34.53 36.39
C GLY B 830 -43.01 34.35 37.84
N TYR B 831 -41.76 33.96 38.08
CA TYR B 831 -41.26 33.76 39.43
C TYR B 831 -39.80 34.18 39.50
N GLU B 832 -39.35 34.47 40.72
CA GLU B 832 -37.98 34.89 40.94
C GLU B 832 -37.01 33.73 40.72
N VAL B 833 -35.83 34.05 40.19
CA VAL B 833 -34.81 33.07 39.88
C VAL B 833 -33.56 33.40 40.69
N GLN B 834 -33.02 32.40 41.37
CA GLN B 834 -31.79 32.55 42.16
C GLN B 834 -30.66 31.65 41.70
N ILE B 835 -30.96 30.51 41.08
CA ILE B 835 -29.93 29.58 40.61
C ILE B 835 -30.36 29.05 39.25
N CYS B 836 -29.48 29.18 38.26
CA CYS B 836 -29.69 28.61 36.93
C CYS B 836 -28.69 27.49 36.70
N ARG B 837 -29.01 26.62 35.73
CA ARG B 837 -28.22 25.43 35.46
C ARG B 837 -27.71 25.45 34.03
N TYR B 838 -26.54 24.89 33.79
CA TYR B 838 -25.81 24.86 32.51
C TYR B 838 -25.22 23.49 32.33
N LYS B 839 -24.78 23.10 31.17
CA LYS B 839 -24.15 21.81 30.92
C LYS B 839 -22.64 21.94 30.94
N ASP B 840 -21.96 21.35 31.91
CA ASP B 840 -20.48 21.31 32.04
C ASP B 840 -20.13 20.43 33.23
N TYR B 841 -18.84 20.18 33.47
CA TYR B 841 -18.31 19.43 34.61
C TYR B 841 -17.48 20.39 35.45
N ARG B 842 -18.04 21.07 36.42
CA ARG B 842 -17.36 22.10 37.21
C ARG B 842 -17.88 21.94 38.61
N GLU B 843 -17.35 22.63 39.60
CA GLU B 843 -17.61 22.51 41.01
C GLU B 843 -18.82 23.35 41.44
N PRO B 844 -19.51 22.93 42.49
CA PRO B 844 -20.71 23.65 42.92
C PRO B 844 -20.37 24.98 43.57
N PRO B 845 -21.33 25.91 43.64
CA PRO B 845 -21.08 27.18 44.34
C PRO B 845 -20.79 27.00 45.83
N TRP B 846 -21.41 26.02 46.48
CA TRP B 846 -21.21 25.81 47.91
C TRP B 846 -19.98 24.95 48.20
N SER B 847 -18.85 25.36 47.62
CA SER B 847 -17.60 24.61 47.74
C SER B 847 -16.45 25.58 47.91
N GLU B 848 -15.29 25.03 48.29
CA GLU B 848 -14.12 25.87 48.52
C GLU B 848 -13.57 26.42 47.20
N HIS B 849 -13.55 25.60 46.16
CA HIS B 849 -13.02 25.98 44.85
C HIS B 849 -14.20 25.99 43.87
N LYS B 850 -14.86 27.13 43.77
CA LYS B 850 -16.06 27.24 42.94
C LYS B 850 -15.70 27.33 41.46
N TYR B 851 -16.54 26.74 40.61
CA TYR B 851 -16.43 26.82 39.16
C TYR B 851 -15.07 26.35 38.66
N ASP B 852 -14.57 25.26 39.25
CA ASP B 852 -13.30 24.67 38.86
C ASP B 852 -13.54 23.32 38.19
N ILE B 853 -12.61 22.94 37.32
CA ILE B 853 -12.72 21.65 36.64
C ILE B 853 -12.57 20.53 37.67
N SER B 854 -13.51 19.59 37.63
CA SER B 854 -13.61 18.54 38.64
C SER B 854 -12.89 17.28 38.17
N LYS B 855 -13.00 16.22 38.96
CA LYS B 855 -12.35 14.96 38.66
C LYS B 855 -13.05 14.21 37.53
N ASP B 856 -14.36 14.43 37.37
CA ASP B 856 -15.12 13.75 36.33
C ASP B 856 -14.85 14.30 34.93
N PHE B 857 -14.35 15.47 34.77
CA PHE B 857 -13.89 15.98 33.48
C PHE B 857 -12.75 15.13 32.94
N TRP B 858 -11.78 14.68 33.74
CA TRP B 858 -10.62 13.93 33.25
C TRP B 858 -10.92 12.46 33.01
N ALA B 859 -11.95 11.91 33.67
CA ALA B 859 -12.25 10.49 33.51
C ALA B 859 -12.95 10.20 32.18
N VAL B 860 -13.72 11.15 31.66
CA VAL B 860 -14.41 10.93 30.40
C VAL B 860 -13.50 11.20 29.21
N LEU B 861 -12.68 12.20 29.31
CA LEU B 861 -11.68 12.51 28.29
C LEU B 861 -10.73 11.36 27.97
N ALA B 862 -10.26 10.48 28.88
CA ALA B 862 -9.46 9.30 28.58
C ALA B 862 -10.29 8.21 27.90
N ALA B 863 -11.55 8.06 28.33
CA ALA B 863 -12.45 7.10 27.68
C ALA B 863 -12.72 7.50 26.23
N ARG B 864 -12.81 8.78 25.91
CA ARG B 864 -12.99 9.28 24.52
C ARG B 864 -11.71 9.06 23.76
N LEU B 865 -10.56 9.15 24.42
CA LEU B 865 -9.31 9.00 23.68
C LEU B 865 -8.98 7.54 23.36
N ALA B 866 -9.38 6.61 24.23
CA ALA B 866 -9.04 5.19 23.99
C ALA B 866 -9.87 4.59 22.85
N PHE B 867 -11.10 5.09 22.66
CA PHE B 867 -11.97 4.54 21.63
C PHE B 867 -11.39 4.71 20.23
N VAL B 868 -10.80 5.88 19.96
CA VAL B 868 -10.18 6.12 18.66
C VAL B 868 -9.02 5.16 18.44
N ILE B 869 -8.19 4.96 19.46
CA ILE B 869 -7.03 4.08 19.34
C ILE B 869 -7.47 2.66 19.00
N VAL B 870 -8.50 2.16 19.69
CA VAL B 870 -8.97 0.80 19.40
C VAL B 870 -9.58 0.73 18.00
N PHE B 871 -10.49 1.67 17.69
CA PHE B 871 -11.28 1.61 16.48
C PHE B 871 -10.41 1.69 15.23
N GLN B 872 -9.50 2.67 15.19
CA GLN B 872 -8.70 2.89 13.98
C GLN B 872 -7.90 1.64 13.63
N ASN B 873 -7.18 1.09 14.61
CA ASN B 873 -6.34 -0.08 14.35
C ASN B 873 -7.16 -1.29 13.96
N LEU B 874 -8.26 -1.56 14.67
CA LEU B 874 -9.05 -2.74 14.34
C LEU B 874 -9.64 -2.65 12.93
N VAL B 875 -10.18 -1.48 12.58
CA VAL B 875 -10.78 -1.32 11.26
C VAL B 875 -9.73 -1.38 10.17
N MET B 876 -8.54 -0.83 10.41
CA MET B 876 -7.48 -0.91 9.41
C MET B 876 -7.06 -2.36 9.15
N PHE B 877 -6.88 -3.14 10.21
CA PHE B 877 -6.50 -4.54 10.02
C PHE B 877 -7.60 -5.32 9.29
N MET B 878 -8.87 -5.09 9.68
CA MET B 878 -9.96 -5.78 9.00
C MET B 878 -10.05 -5.38 7.53
N SER B 879 -9.76 -4.12 7.21
CA SER B 879 -9.81 -3.69 5.82
C SER B 879 -8.68 -4.30 5.00
N ASP B 880 -7.49 -4.46 5.61
CA ASP B 880 -6.39 -5.09 4.90
C ASP B 880 -6.62 -6.58 4.66
N PHE B 881 -7.27 -7.26 5.62
CA PHE B 881 -7.49 -8.69 5.47
C PHE B 881 -8.33 -9.02 4.25
N VAL B 882 -9.34 -8.20 3.96
CA VAL B 882 -10.22 -8.47 2.82
C VAL B 882 -9.45 -8.40 1.52
N ASP B 883 -8.58 -7.40 1.37
CA ASP B 883 -7.75 -7.33 0.17
C ASP B 883 -6.81 -8.52 0.11
N TRP B 884 -6.25 -8.93 1.26
CA TRP B 884 -5.33 -10.07 1.25
C TRP B 884 -6.00 -11.34 0.77
N VAL B 885 -7.24 -11.60 1.21
CA VAL B 885 -7.86 -12.89 0.94
C VAL B 885 -8.21 -13.05 -0.54
N ILE B 886 -8.84 -12.03 -1.13
CA ILE B 886 -9.46 -12.19 -2.45
C ILE B 886 -8.38 -12.06 -3.52
N PRO B 887 -8.28 -13.01 -4.45
CA PRO B 887 -7.34 -12.85 -5.56
C PRO B 887 -7.81 -11.79 -6.55
N ASP B 888 -6.86 -11.27 -7.32
CA ASP B 888 -7.13 -10.15 -8.22
C ASP B 888 -7.44 -10.59 -9.65
N ILE B 889 -7.31 -11.86 -9.98
CA ILE B 889 -7.55 -12.33 -11.35
C ILE B 889 -8.50 -13.52 -11.31
N PRO B 890 -9.57 -13.52 -12.12
CA PRO B 890 -10.46 -14.68 -12.16
C PRO B 890 -9.75 -15.92 -12.68
N LYS B 891 -10.20 -17.08 -12.21
CA LYS B 891 -9.55 -18.33 -12.57
C LYS B 891 -9.86 -18.73 -14.02
N ASP B 892 -11.13 -18.63 -14.42
CA ASP B 892 -11.52 -19.07 -15.75
C ASP B 892 -10.87 -18.20 -16.83
N ILE B 893 -10.76 -16.89 -16.58
CA ILE B 893 -10.17 -16.00 -17.57
C ILE B 893 -8.71 -16.36 -17.81
N SER B 894 -7.97 -16.60 -16.73
CA SER B 894 -6.56 -16.98 -16.87
C SER B 894 -6.43 -18.37 -17.50
N GLN B 895 -7.37 -19.27 -17.19
CA GLN B 895 -7.33 -20.62 -17.75
C GLN B 895 -7.53 -20.59 -19.27
N GLN B 896 -8.44 -19.74 -19.74
CA GLN B 896 -8.79 -19.71 -21.16
C GLN B 896 -7.63 -19.28 -22.05
N ILE B 897 -6.72 -18.47 -21.52
CA ILE B 897 -5.63 -17.94 -22.34
C ILE B 897 -4.62 -19.03 -22.67
N HIS B 898 -4.39 -19.97 -21.76
CA HIS B 898 -3.36 -20.99 -21.97
C HIS B 898 -3.73 -21.92 -23.13
N LYS B 899 -4.99 -22.37 -23.19
CA LYS B 899 -5.40 -23.21 -24.30
C LYS B 899 -5.39 -22.46 -25.62
N GLU B 900 -5.76 -21.17 -25.58
CA GLU B 900 -5.69 -20.36 -26.79
C GLU B 900 -4.26 -20.22 -27.28
N LYS B 901 -3.30 -20.09 -26.36
CA LYS B 901 -1.90 -20.03 -26.76
C LYS B 901 -1.40 -21.38 -27.28
N VAL B 902 -1.87 -22.47 -26.67
CA VAL B 902 -1.50 -23.81 -27.16
C VAL B 902 -1.97 -23.99 -28.59
N LEU B 903 -3.19 -23.54 -28.90
CA LEU B 903 -3.67 -23.62 -30.27
C LEU B 903 -3.00 -22.57 -31.15
N MET B 904 -2.57 -21.45 -30.57
CA MET B 904 -1.85 -20.44 -31.33
C MET B 904 -0.47 -20.92 -31.74
N VAL B 905 0.07 -21.93 -31.06
CA VAL B 905 1.29 -22.59 -31.55
C VAL B 905 1.03 -23.20 -32.92
N GLU B 906 -0.05 -23.98 -33.06
CA GLU B 906 -0.41 -24.52 -34.37
C GLU B 906 -0.82 -23.41 -35.33
N LEU B 907 -1.34 -22.29 -34.81
CA LEU B 907 -1.61 -21.14 -35.67
C LEU B 907 -0.32 -20.56 -36.25
N PHE B 908 0.72 -20.44 -35.43
CA PHE B 908 2.03 -20.02 -35.93
C PHE B 908 2.53 -21.00 -36.98
N MET B 909 2.33 -22.30 -36.75
CA MET B 909 2.64 -23.29 -37.78
C MET B 909 1.81 -23.04 -39.04
N ARG B 910 0.56 -22.59 -38.87
CA ARG B 910 -0.30 -22.31 -40.01
C ARG B 910 0.18 -21.10 -40.79
N GLU B 911 0.91 -20.18 -40.11
CA GLU B 911 1.39 -18.98 -40.79
C GLU B 911 2.26 -19.33 -41.99
N GLU B 912 3.19 -20.28 -41.83
CA GLU B 912 3.97 -20.75 -42.97
C GLU B 912 3.20 -21.78 -43.78
N GLN B 913 2.13 -22.32 -43.22
CA GLN B 913 1.30 -23.30 -43.92
C GLN B 913 0.20 -22.61 -44.73
C1 NAG C . -2.29 5.69 61.60
C2 NAG C . -2.86 4.90 62.78
C3 NAG C . -3.14 5.83 63.95
C4 NAG C . -1.90 6.65 64.30
C5 NAG C . -1.37 7.36 63.04
C6 NAG C . -0.07 8.08 63.29
C7 NAG C . -4.52 3.12 63.07
C8 NAG C . -5.78 2.49 62.54
N2 NAG C . -4.06 4.18 62.40
O3 NAG C . -3.55 5.08 65.09
O4 NAG C . -2.21 7.62 65.29
O5 NAG C . -1.12 6.39 62.01
O6 NAG C . 0.41 8.70 62.11
O7 NAG C . -3.95 2.67 64.06
C1 NAG D . 6.95 16.05 50.20
C2 NAG D . 7.77 17.03 51.05
C3 NAG D . 7.01 17.42 52.31
C4 NAG D . 5.63 17.95 51.96
C5 NAG D . 4.89 16.89 51.15
C6 NAG D . 3.52 17.36 50.69
C7 NAG D . 10.23 17.09 51.23
C8 NAG D . 11.45 16.33 51.65
N2 NAG D . 9.06 16.45 51.40
O3 NAG D . 7.75 18.43 53.01
O4 NAG D . 4.88 18.23 53.15
O5 NAG D . 5.64 16.59 49.96
O6 NAG D . 3.49 18.76 50.51
O7 NAG D . 10.28 18.21 50.77
C1 NAG E . 12.71 27.55 43.17
C2 NAG E . 13.41 28.90 43.11
C3 NAG E . 14.32 29.06 44.32
C4 NAG E . 13.55 28.84 45.61
C5 NAG E . 12.81 27.50 45.56
C6 NAG E . 11.90 27.29 46.75
C7 NAG E . 13.82 29.86 40.88
C8 NAG E . 14.72 29.88 39.69
N2 NAG E . 14.17 29.03 41.88
O3 NAG E . 14.89 30.38 44.31
O4 NAG E . 14.44 28.84 46.72
O5 NAG E . 11.97 27.45 44.40
O6 NAG E . 10.55 27.60 46.42
O7 NAG E . 12.81 30.55 40.95
C1 NAG F . 18.17 9.87 59.55
C2 NAG F . 17.97 9.60 61.04
C3 NAG F . 19.31 9.45 61.73
C4 NAG F . 20.16 8.38 61.04
C5 NAG F . 20.27 8.70 59.55
C6 NAG F . 20.99 7.63 58.77
C7 NAG F . 15.86 10.57 61.84
C8 NAG F . 15.21 11.75 62.49
N2 NAG F . 17.18 10.65 61.66
O3 NAG F . 19.11 9.09 63.10
O4 NAG F . 21.46 8.34 61.61
O5 NAG F . 18.96 8.83 58.97
O6 NAG F . 22.02 7.02 59.55
O7 NAG F . 15.22 9.59 61.48
C01 C14 G . -4.04 -1.62 22.50
C02 C14 G . -5.02 -0.59 23.05
C03 C14 G . -4.69 -0.17 24.48
C04 C14 G . -5.67 0.86 25.05
C05 C14 G . -5.34 1.27 26.48
C06 C14 G . -6.43 0.94 27.48
C07 C14 G . -6.21 1.59 28.84
C08 C14 G . -7.31 1.27 29.85
C09 C14 G . -7.23 2.15 31.10
C10 C14 G . -7.98 1.58 32.30
C11 C14 G . -7.71 2.35 33.58
C12 C14 G . -8.35 1.72 34.82
C13 C14 G . -7.99 2.44 36.11
C14 C14 G . -8.61 1.77 37.34
C01 C14 H . -1.43 -0.76 30.76
C02 C14 H . -0.31 -1.00 29.81
C03 C14 H . -0.79 -0.82 28.42
C04 C14 H . 0.28 -0.87 27.38
C05 C14 H . 0.24 -2.11 26.58
C06 C14 H . 0.87 -1.95 25.26
C07 C14 H . 0.39 -2.88 24.22
C08 C14 H . 1.20 -2.79 22.98
C09 C14 H . 1.51 -4.12 22.35
C10 C14 H . 0.53 -4.55 21.29
C11 C14 H . 1.13 -5.04 19.99
C12 C14 H . 1.62 -6.47 20.03
C13 C14 H . 1.67 -7.16 18.68
C14 C14 H . 2.89 -7.97 18.36
C01 C14 I . 3.44 -13.13 1.61
C02 C14 I . 3.87 -13.24 3.07
C03 C14 I . 3.90 -11.90 3.78
C04 C14 I . 4.23 -12.02 5.26
C05 C14 I . 4.39 -10.68 5.97
C06 C14 I . 5.12 -10.80 7.30
C07 C14 I . 4.86 -9.65 8.25
C08 C14 I . 5.60 -9.79 9.58
C09 C14 I . 5.06 -8.89 10.68
C10 C14 I . 4.16 -9.62 11.67
C11 C14 I . 4.89 -10.71 12.44
C12 C14 I . 3.96 -11.57 13.29
C13 C14 I . 3.13 -10.76 14.27
C14 C14 I . 2.28 -11.65 15.18
C01 C14 J . -3.14 -7.79 22.95
C02 C14 J . -3.31 -6.42 23.59
C03 C14 J . -3.93 -6.50 24.98
C04 C14 J . -3.97 -5.16 25.71
C05 C14 J . -4.56 -5.25 27.11
C06 C14 J . -4.39 -3.96 27.91
C07 C14 J . -5.21 -3.94 29.19
C08 C14 J . -5.09 -2.62 29.95
C09 C14 J . -6.21 -2.38 30.95
C10 C14 J . -6.22 -3.37 32.11
C11 C14 J . -7.23 -3.01 33.20
C12 C14 J . -7.21 -3.98 34.38
C13 C14 J . -8.02 -3.48 35.57
C14 C14 J . -7.49 -2.17 36.14
C01 C14 K . 6.17 -12.38 19.97
C02 C14 K . 5.30 -12.47 21.21
C03 C14 K . 4.38 -11.26 21.37
C04 C14 K . 3.45 -11.35 22.56
C05 C14 K . 4.17 -11.31 23.91
C06 C14 K . 3.25 -11.59 25.09
C07 C14 K . 3.93 -11.41 26.44
C08 C14 K . 3.09 -11.96 27.59
C09 C14 K . 1.62 -11.58 27.51
C10 C14 K . 0.73 -12.35 28.47
C11 C14 K . 0.94 -11.97 29.93
C12 C14 K . -0.01 -12.69 30.88
C13 C14 K . 0.03 -12.14 32.31
C14 C14 K . -0.35 -10.67 32.37
C01 C14 L . -0.06 -17.92 32.61
C02 C14 L . 1.24 -18.29 33.31
C03 C14 L . 1.02 -18.78 34.74
C04 C14 L . 2.27 -19.36 35.38
C05 C14 L . 1.99 -20.03 36.72
C06 C14 L . 3.15 -20.86 37.25
C07 C14 L . 4.35 -20.02 37.65
C08 C14 L . 5.28 -20.74 38.63
C09 C14 L . 6.58 -19.98 38.89
C10 C14 L . 7.38 -20.54 40.07
C11 C14 L . 6.65 -20.44 41.40
C12 C14 L . 7.39 -21.10 42.54
C13 C14 L . 8.77 -20.50 42.80
C14 C14 L . 9.49 -21.14 43.98
C01 C14 M . 25.32 -0.86 39.16
C02 C14 M . 24.65 -0.96 37.80
C03 C14 M . 25.58 -0.57 36.66
C04 C14 M . 25.04 -0.94 35.28
C05 C14 M . 26.02 -0.65 34.15
C06 C14 M . 25.65 -1.35 32.84
C07 C14 M . 26.74 -1.22 31.78
C08 C14 M . 26.55 -2.18 30.61
C09 C14 M . 25.61 -1.67 29.54
C10 C14 M . 26.10 -0.39 28.86
C11 C14 M . 27.48 -0.54 28.24
C12 C14 M . 27.55 -1.58 27.12
C13 C14 M . 28.94 -1.73 26.53
C14 C14 M . 29.43 -0.48 25.82
C01 C14 N . 31.05 -4.91 39.86
C02 C14 N . 29.90 -4.70 38.90
C03 C14 N . 29.95 -5.65 37.71
C04 C14 N . 28.82 -5.42 36.70
C05 C14 N . 28.86 -6.40 35.53
C06 C14 N . 27.79 -6.15 34.48
C07 C14 N . 27.90 -7.08 33.28
C08 C14 N . 27.09 -6.61 32.08
C09 C14 N . 27.67 -7.09 30.75
C10 C14 N . 26.93 -6.57 29.54
C11 C14 N . 27.62 -6.88 28.22
C12 C14 N . 28.06 -8.34 28.11
C13 C14 N . 28.62 -8.70 26.73
C14 C14 N . 29.14 -10.13 26.68
C01 C14 O . 22.84 15.56 14.58
C02 C14 O . 23.14 15.78 16.05
C03 C14 O . 22.50 14.71 16.94
C04 C14 O . 22.74 14.94 18.44
C05 C14 O . 22.12 16.22 18.96
C06 C14 O . 20.61 16.29 18.78
C07 C14 O . 19.99 17.53 19.41
C08 C14 O . 18.47 17.52 19.41
C09 C14 O . 17.88 18.45 20.45
C10 C14 O . 18.42 18.21 21.85
C11 C14 O . 18.48 19.46 22.71
C12 C14 O . 17.12 19.93 23.20
C13 C14 O . 17.20 21.02 24.26
C14 C14 O . 15.85 21.31 24.92
C01 C14 P . 14.89 13.87 10.98
C02 C14 P . 13.71 14.59 11.63
C03 C14 P . 13.92 14.84 13.12
C04 C14 P . 12.77 15.59 13.77
C05 C14 P . 12.82 15.56 15.30
C06 C14 P . 11.51 16.02 15.94
C07 C14 P . 11.39 15.64 17.41
C08 C14 P . 11.77 16.76 18.37
C09 C14 P . 11.49 16.42 19.83
C10 C14 P . 11.70 17.60 20.77
C11 C14 P . 11.37 17.28 22.22
C12 C14 P . 11.44 18.50 23.14
C13 C14 P . 11.10 18.20 24.59
C14 C14 P . 11.13 19.43 25.47
C01 C14 Q . 5.69 13.84 16.08
C02 C14 Q . 6.63 13.44 17.21
C03 C14 Q . 7.09 14.63 18.04
C04 C14 Q . 5.95 15.35 18.76
C05 C14 Q . 6.39 16.08 20.02
C06 C14 Q . 5.23 16.58 20.86
C07 C14 Q . 5.64 17.10 22.23
C08 C14 Q . 6.54 18.33 22.18
C09 C14 Q . 6.74 18.98 23.54
C10 C14 Q . 5.44 19.41 24.20
C11 C14 Q . 4.96 20.79 23.77
C12 C14 Q . 5.86 21.92 24.24
C13 C14 Q . 5.32 23.30 23.92
C14 C14 Q . 6.28 24.42 24.31
C01 C14 R . -3.46 -9.06 29.84
C02 C14 R . -4.32 -8.21 30.73
C03 C14 R . -4.50 -8.81 32.09
C04 C14 R . -5.42 -8.06 33.01
C05 C14 R . -5.39 -8.52 34.44
C06 C14 R . -6.26 -7.73 35.38
C07 C14 R . -5.86 -7.86 36.84
C08 C14 R . -6.62 -6.96 37.78
C09 C14 R . -5.95 -6.77 39.11
C10 C14 R . -5.03 -5.58 39.21
C11 C14 R . -5.74 -4.25 39.33
C12 C14 R . -4.94 -3.20 40.07
C13 C14 R . -3.59 -2.87 39.46
C14 C14 R . -2.64 -2.10 40.36
C01 C14 S . -2.76 21.98 25.46
C02 C14 S . -2.09 22.16 24.10
C03 C14 S . -1.13 21.02 23.77
C04 C14 S . -0.45 21.17 22.41
C05 C14 S . -1.45 21.31 21.26
C06 C14 S . -0.81 21.08 19.89
C07 C14 S . -0.18 19.71 19.75
C08 C14 S . 0.08 19.29 18.31
C09 C14 S . -1.20 19.19 17.48
C10 C14 S . -0.97 18.57 16.10
C11 C14 S . 0.12 19.28 15.30
C12 C14 S . 0.19 18.82 13.84
C13 C14 S . 1.26 19.56 13.03
C14 C14 S . 1.20 19.23 11.55
C01 C14 T . 0.38 16.33 22.50
C02 C14 T . 1.39 16.03 23.60
C03 C14 T . 0.72 15.52 24.88
C04 C14 T . -0.09 16.58 25.62
C05 C14 T . 0.78 17.57 26.39
C06 C14 T . 0.05 18.25 27.54
C07 C14 T . 0.98 19.06 28.44
C08 C14 T . 0.26 19.68 29.64
C09 C14 T . -0.96 20.51 29.28
C10 C14 T . -1.50 21.32 30.45
C11 C14 T . -2.92 21.84 30.23
C12 C14 T . -3.49 22.54 31.45
C13 C14 T . -2.61 23.69 31.96
C14 C14 T . -3.06 24.22 33.32
C01 C14 U . 10.35 14.81 4.95
C02 C14 U . 11.77 14.69 4.39
C03 C14 U . 11.83 13.83 3.13
C04 C14 U . 13.24 13.67 2.58
C05 C14 U . 13.29 12.89 1.27
C06 C14 U . 14.70 12.71 0.71
C07 C14 U . 15.56 11.79 1.55
C08 C14 U . 16.98 11.65 1.04
C09 C14 U . 17.06 10.99 -0.34
C10 C14 U . 18.48 10.94 -0.90
C11 C14 U . 18.60 10.12 -2.18
C12 C14 U . 18.18 8.68 -2.00
C13 C14 U . 18.42 7.81 -3.23
C14 C14 U . 17.77 6.44 -3.12
C01 C14 V . 24.82 6.27 -2.34
C02 C14 V . 23.60 7.01 -1.80
C03 C14 V . 22.46 6.07 -1.43
C04 C14 V . 21.25 6.79 -0.82
C05 C14 V . 21.63 7.65 0.38
C06 C14 V . 20.41 8.29 1.06
C07 C14 V . 20.77 9.16 2.25
C08 C14 V . 21.69 8.47 3.26
C09 C14 V . 21.71 9.14 4.63
C10 C14 V . 20.53 8.73 5.52
C11 C14 V . 19.44 9.80 5.60
C12 C14 V . 18.42 9.50 6.69
C13 C14 V . 17.42 10.65 6.90
C14 C14 V . 16.52 10.43 8.10
C01 C14 W . 16.73 12.14 -8.01
C02 C14 W . 16.22 11.41 -6.78
C03 C14 W . 16.27 12.27 -5.52
C04 C14 W . 15.24 13.39 -5.50
C05 C14 W . 15.33 14.27 -4.27
C06 C14 W . 14.11 15.16 -4.06
C07 C14 W . 13.89 16.15 -5.21
C08 C14 W . 12.54 16.86 -5.16
C09 C14 W . 12.46 17.97 -4.11
C10 C14 W . 11.77 17.54 -2.82
C11 C14 W . 11.59 18.68 -1.82
C12 C14 W . 11.21 18.19 -0.43
C13 C14 W . 10.73 19.31 0.49
C14 C14 W . 9.43 19.93 0.03
C01 C14 X . 4.20 11.19 -8.91
C02 C14 X . 4.06 12.61 -8.35
C03 C14 X . 5.42 13.29 -8.17
C04 C14 X . 5.29 14.74 -7.74
C05 C14 X . 6.64 15.43 -7.53
C06 C14 X . 6.52 16.93 -7.26
C07 C14 X . 7.86 17.58 -6.93
C08 C14 X . 8.44 17.14 -5.60
C09 C14 X . 8.41 18.22 -4.52
C10 C14 X . 7.01 18.58 -4.05
C11 C14 X . 6.98 19.62 -2.95
C12 C14 X . 5.58 19.88 -2.40
C13 C14 X . 5.56 20.86 -1.24
C14 C14 X . 4.16 21.05 -0.66
C01 C14 Y . -1.68 -16.57 13.92
C02 C14 Y . -1.24 -16.83 12.49
C03 C14 Y . -1.83 -18.12 11.92
C04 C14 Y . -1.56 -18.31 10.43
C05 C14 Y . -2.30 -19.50 9.85
C06 C14 Y . -1.94 -19.79 8.39
C07 C14 Y . -2.41 -18.72 7.42
C08 C14 Y . -2.42 -19.18 5.96
C09 C14 Y . -1.04 -19.50 5.42
C10 C14 Y . -0.58 -18.52 4.34
C11 C14 Y . 0.59 -19.04 3.50
C12 C14 Y . 1.00 -18.08 2.40
C13 C14 Y . 2.19 -18.56 1.58
C14 C14 Y . 2.76 -17.49 0.67
C01 C14 Z . 32.04 4.43 12.70
C02 C14 Z . 33.20 3.66 12.11
C03 C14 Z . 33.09 3.47 10.59
C04 C14 Z . 34.07 2.44 10.04
C05 C14 Z . 33.74 2.02 8.62
C06 C14 Z . 34.41 0.71 8.20
C07 C14 Z . 33.89 0.16 6.87
C08 C14 Z . 34.66 -1.06 6.39
C09 C14 Z . 34.25 -1.52 4.99
C10 C14 Z . 32.96 -2.33 4.96
C11 C14 Z . 32.82 -3.22 3.73
C12 C14 Z . 32.02 -2.58 2.60
C13 C14 Z . 31.85 -3.49 1.39
C14 C14 Z . 30.98 -2.88 0.30
C01 C14 AA . 34.82 -13.01 17.45
C02 C14 AA . 34.12 -14.34 17.26
C03 C14 AA . 34.22 -14.86 15.82
C04 C14 AA . 35.67 -15.08 15.37
C05 C14 AA . 35.76 -15.49 13.90
C06 C14 AA . 37.14 -16.00 13.50
C07 C14 AA . 38.16 -14.89 13.26
C08 C14 AA . 39.50 -15.42 12.76
C09 C14 AA . 40.49 -14.32 12.39
C10 C14 AA . 41.78 -14.88 11.77
C11 C14 AA . 42.73 -13.78 11.30
C12 C14 AA . 43.92 -14.32 10.51
C13 C14 AA . 44.84 -13.23 9.99
C14 C14 AA . 45.98 -13.78 9.14
C01 C14 BA . 28.16 6.48 42.09
C02 C14 BA . 27.94 6.99 40.68
C03 C14 BA . 28.09 5.88 39.63
C04 C14 BA . 27.89 6.38 38.20
C05 C14 BA . 28.01 5.26 37.16
C06 C14 BA . 28.08 5.76 35.73
C07 C14 BA . 28.40 4.65 34.74
C08 C14 BA . 29.04 5.15 33.45
C09 C14 BA . 29.61 4.02 32.60
C10 C14 BA . 30.13 4.49 31.24
C11 C14 BA . 30.64 3.35 30.37
C12 C14 BA . 30.99 3.78 28.94
C13 C14 BA . 31.54 2.65 28.09
C14 C14 BA . 31.69 3.05 26.62
C01 C14 CA . 36.14 -5.33 13.99
C02 C14 CA . 36.82 -4.56 12.87
C03 C14 CA . 37.45 -5.48 11.82
C04 C14 CA . 38.67 -6.23 12.33
C05 C14 CA . 39.07 -7.39 11.43
C06 C14 CA . 40.41 -8.01 11.79
C07 C14 CA . 40.72 -9.29 11.01
C08 C14 CA . 42.21 -9.59 10.91
C09 C14 CA . 43.01 -8.44 10.30
C10 C14 CA . 44.43 -8.83 9.93
C11 C14 CA . 45.18 -7.73 9.19
C12 C14 CA . 46.53 -8.18 8.66
C13 C14 CA . 46.45 -9.39 7.74
C14 C14 CA . 47.80 -9.78 7.16
C01 C14 DA . 23.56 -30.85 14.75
C02 C14 DA . 23.65 -29.59 15.59
C03 C14 DA . 23.03 -29.75 16.97
C04 C14 DA . 23.11 -28.49 17.83
C05 C14 DA . 22.46 -28.66 19.20
C06 C14 DA . 22.40 -27.37 20.01
C07 C14 DA . 23.70 -27.06 20.74
C08 C14 DA . 23.58 -25.85 21.68
C09 C14 DA . 24.88 -25.52 22.41
C10 C14 DA . 24.81 -24.20 23.18
C11 C14 DA . 26.11 -23.84 23.88
C12 C14 DA . 26.06 -22.49 24.58
C13 C14 DA . 27.31 -22.21 25.40
C14 C14 DA . 27.24 -20.88 26.17
CA CA EA . 25.76 -16.77 7.66
CA CA FA . 26.67 -15.83 11.87
C1 JGX GA . 3.03 3.10 34.90
C2 JGX GA . 1.71 3.01 34.19
C4 JGX GA . -0.36 2.41 35.10
C5 JGX GA . -1.14 2.22 33.95
C6 JGX GA . -2.21 1.33 33.99
C7 JGX GA . -2.49 0.66 35.17
C8 JGX GA . -1.71 0.86 36.30
C9 JGX GA . -0.62 1.73 36.25
C11 JGX GA . 1.13 0.94 37.56
C12 JGX GA . 0.96 0.46 39.04
C14 JGX GA . 2.41 1.07 40.90
C15 JGX GA . 3.88 0.97 41.39
C16 JGX GA . 4.21 0.54 42.79
C17 JGX GA . 5.43 0.82 43.36
C18 JGX GA . 5.75 0.42 44.64
C19 JGX GA . 4.86 -0.31 45.38
C20 JGX GA . 3.63 -0.63 44.85
C21 JGX GA . 3.37 -0.16 43.56
C27 JGX GA . 5.98 -1.86 46.91
C28 JGX GA . 2.14 2.50 40.50
N13 JGX GA . 2.21 0.23 39.71
N25 JGX GA . 2.38 -2.96 45.12
O3 JGX GA . 0.72 3.23 35.16
O10 JGX GA . 0.17 1.94 37.29
O23 JGX GA . 2.73 -1.67 46.93
O24 JGX GA . 1.31 -0.84 45.10
O26 JGX GA . 5.18 -0.70 46.68
S22 JGX GA . 2.46 -1.46 45.59
C1 HEX HA . -2.05 17.20 -0.05
C2 HEX HA . -2.24 15.70 -0.29
C3 HEX HA . -1.21 15.12 -1.24
C4 HEX HA . -1.40 13.64 -1.52
C5 HEX HA . -0.39 13.08 -2.52
C6 HEX HA . -0.64 11.60 -2.83
C01 C14 IA . 2.51 -7.59 3.91
C02 C14 IA . 3.01 -6.18 4.19
C03 C14 IA . 2.18 -5.45 5.22
C04 C14 IA . 2.01 -6.21 6.53
C05 C14 IA . 1.61 -5.32 7.70
C06 C14 IA . 1.31 -6.09 8.98
C07 C14 IA . 1.17 -5.19 10.20
C08 C14 IA . 0.24 -5.77 11.27
C09 C14 IA . -0.01 -4.79 12.41
C10 C14 IA . -1.35 -5.01 13.12
C11 C14 IA . -1.71 -3.88 14.07
C12 C14 IA . -3.16 -3.93 14.52
C13 C14 IA . -3.52 -5.17 15.34
C14 C14 IA . -4.96 -5.16 15.83
C1 HEX JA . -0.75 -13.20 11.14
C2 HEX JA . -0.26 -12.14 10.17
C3 HEX JA . -0.68 -12.42 8.73
C4 HEX JA . -0.16 -11.39 7.73
C5 HEX JA . -0.55 -11.70 6.29
C6 HEX JA . 0.01 -10.69 5.30
C1 NAG KA . -24.85 32.92 46.18
C2 NAG KA . -24.73 34.34 46.76
C3 NAG KA . -25.11 34.34 48.23
C4 NAG KA . -26.49 33.73 48.43
C5 NAG KA . -26.54 32.34 47.78
C6 NAG KA . -27.92 31.71 47.83
C7 NAG KA . -23.09 36.16 46.58
C8 NAG KA . -21.65 36.52 46.37
N2 NAG KA . -23.38 34.86 46.57
O3 NAG KA . -25.11 35.68 48.72
O4 NAG KA . -26.77 33.60 49.81
O5 NAG KA . -26.18 32.44 46.40
O6 NAG KA . -27.93 30.45 47.20
O7 NAG KA . -23.96 37.02 46.74
C1 NAG LA . -29.84 16.53 40.78
C2 NAG LA . -31.09 16.15 41.60
C3 NAG LA . -31.00 16.72 43.02
C4 NAG LA . -29.68 16.30 43.68
C5 NAG LA . -28.52 16.75 42.80
C6 NAG LA . -27.18 16.32 43.35
C7 NAG LA . -33.36 15.84 40.72
C8 NAG LA . -34.52 16.50 40.03
N2 NAG LA . -32.30 16.62 40.95
O3 NAG LA . -32.09 16.23 43.78
O4 NAG LA . -29.57 16.90 44.96
O5 NAG LA . -28.65 16.16 41.50
O6 NAG LA . -27.27 15.12 44.09
O7 NAG LA . -33.38 14.66 41.06
C1 NAG MA . -33.73 2.40 40.50
C2 NAG MA . -34.55 1.21 40.97
C3 NAG MA . -35.90 1.66 41.51
C4 NAG MA . -35.71 2.73 42.58
C5 NAG MA . -34.83 3.86 42.06
C6 NAG MA . -34.49 4.88 43.11
C7 NAG MA . -34.10 -0.94 39.87
C8 NAG MA . -34.40 -1.82 38.68
N2 NAG MA . -34.72 0.24 39.90
O3 NAG MA . -36.59 0.54 42.05
O4 NAG MA . -36.98 3.25 42.96
O5 NAG MA . -33.58 3.33 41.58
O6 NAG MA . -33.19 4.64 43.64
O7 NAG MA . -33.34 -1.30 40.75
C1 NAG NA . -42.90 25.28 38.67
C2 NAG NA . -43.30 26.42 39.60
C3 NAG NA . -44.78 26.75 39.42
C4 NAG NA . -45.08 27.04 37.95
C5 NAG NA . -44.60 25.88 37.08
C6 NAG NA . -44.75 26.15 35.60
C7 NAG NA . -41.91 26.46 41.62
C8 NAG NA . -41.79 26.03 43.05
N2 NAG NA . -43.03 26.08 41.00
O3 NAG NA . -45.11 27.88 40.22
O4 NAG NA . -46.48 27.22 37.77
O5 NAG NA . -43.21 25.63 37.32
O6 NAG NA . -45.90 26.93 35.34
O7 NAG NA . -41.04 27.11 41.06
C01 C14 OA . -5.65 15.43 16.01
C02 C14 OA . -5.16 15.10 17.42
C03 C14 OA . -6.12 15.58 18.50
C04 C14 OA . -5.65 15.27 19.91
C05 C14 OA . -6.60 15.76 20.99
C06 C14 OA . -6.00 16.78 21.93
C07 C14 OA . -6.86 17.06 23.15
C08 C14 OA . -6.27 18.08 24.12
C09 C14 OA . -7.00 18.13 25.45
C10 C14 OA . -6.76 19.41 26.24
C11 C14 OA . -7.66 19.54 27.46
C12 C14 OA . -7.51 20.87 28.19
C13 C14 OA . -8.49 21.03 29.35
C14 C14 OA . -8.36 22.38 30.04
C01 C14 PA . -11.61 19.33 21.03
C02 C14 PA . -12.17 18.77 19.76
C03 C14 PA . -11.17 17.86 19.14
C04 C14 PA . -11.68 17.13 17.95
C05 C14 PA . -11.14 17.62 16.67
C06 C14 PA . -11.15 16.60 15.61
C07 C14 PA . -10.15 16.78 14.54
C08 C14 PA . -10.36 15.85 13.41
C09 C14 PA . -10.17 16.46 12.06
C10 C14 PA . -8.78 16.31 11.50
C11 C14 PA . -8.69 15.83 10.07
C12 C14 PA . -8.93 16.89 9.02
C13 C14 PA . -8.31 16.62 7.68
C14 C14 PA . -9.13 16.88 6.45
C01 C14 QA . -2.74 7.95 -2.95
C02 C14 QA . -3.52 6.93 -2.14
C03 C14 QA . -3.32 7.11 -0.63
C04 C14 QA . -3.60 8.53 -0.14
C05 C14 QA . -3.88 8.59 1.35
C06 C14 QA . -4.03 10.01 1.88
C07 C14 QA . -4.56 10.06 3.32
C08 C14 QA . -4.11 11.29 4.08
C09 C14 QA . -4.51 11.26 5.55
C10 C14 QA . -3.58 12.05 6.46
C11 C14 QA . -3.82 11.80 7.94
C12 C14 QA . -2.70 12.32 8.83
C13 C14 QA . -2.56 13.84 8.80
C14 C14 QA . -1.47 14.35 9.73
C01 C14 RA . -1.77 10.78 -8.25
C02 C14 RA . -2.75 11.68 -7.49
C03 C14 RA . -3.28 11.05 -6.22
C04 C14 RA . -4.19 11.98 -5.43
C05 C14 RA . -4.82 11.33 -4.21
C06 C14 RA . -6.03 12.11 -3.70
C07 C14 RA . -6.38 11.82 -2.25
C08 C14 RA . -7.57 12.61 -1.74
C09 C14 RA . -7.69 12.65 -0.22
C10 C14 RA . -7.19 13.96 0.38
C11 C14 RA . -8.00 15.17 -0.05
C12 C14 RA . -7.41 16.49 0.40
C13 C14 RA . -7.20 16.58 1.90
C14 C14 RA . -6.70 17.95 2.35
C01 C14 SA . -5.71 20.40 12.22
C02 C14 SA . -6.05 19.75 13.56
C03 C14 SA . -6.07 20.74 14.70
C04 C14 SA . -6.54 20.13 16.03
C05 C14 SA . -6.59 21.13 17.17
C06 C14 SA . -7.28 20.58 18.42
C07 C14 SA . -7.09 21.45 19.65
C08 C14 SA . -7.72 20.86 20.90
C09 C14 SA . -7.16 21.44 22.20
C10 C14 SA . -7.49 22.91 22.39
C11 C14 SA . -7.12 23.43 23.77
C12 C14 SA . -7.49 24.90 23.98
C13 C14 SA . -7.34 25.36 25.42
C14 C14 SA . -8.25 24.59 26.38
C01 C14 TA . -12.09 20.81 3.50
C02 C14 TA . -11.83 21.76 4.67
C03 C14 TA . -11.25 21.03 5.88
C04 C14 TA . -10.91 21.96 7.04
C05 C14 TA . -12.13 22.63 7.67
C06 C14 TA . -11.76 23.70 8.69
C07 C14 TA . -12.97 24.27 9.43
C08 C14 TA . -12.63 25.52 10.23
C09 C14 TA . -11.33 25.40 11.02
C10 C14 TA . -10.83 26.72 11.59
C11 C14 TA . -11.70 27.26 12.72
C12 C14 TA . -11.15 28.54 13.33
C13 C14 TA . -11.86 28.96 14.61
C14 C14 TA . -11.78 27.91 15.71
C01 C14 UA . -11.04 33.69 11.38
C02 C14 UA . -12.44 34.21 11.08
C03 C14 UA . -12.77 35.48 11.85
C04 C14 UA . -14.08 36.14 11.40
C05 C14 UA . -14.29 37.51 12.04
C06 C14 UA . -15.43 38.30 11.40
C07 C14 UA . -16.80 37.69 11.68
C08 C14 UA . -17.94 38.70 11.52
C09 C14 UA . -19.32 38.07 11.61
C10 C14 UA . -20.44 39.09 11.72
C11 C14 UA . -20.37 39.92 13.00
C12 C14 UA . -21.43 41.02 13.07
C13 C14 UA . -22.85 40.49 13.03
C14 C14 UA . -23.89 41.60 13.13
C01 C14 VA . -39.04 20.37 15.37
C02 C14 VA . -37.86 19.72 14.67
C03 C14 VA . -38.26 18.59 13.74
C04 C14 VA . -37.15 18.15 12.81
C05 C14 VA . -37.59 17.09 11.80
C06 C14 VA . -36.60 16.90 10.65
C07 C14 VA . -37.14 16.00 9.55
C08 C14 VA . -36.34 16.08 8.25
C09 C14 VA . -35.11 15.17 8.24
C10 C14 VA . -35.45 13.70 8.33
C11 C14 VA . -36.41 13.22 7.25
C12 C14 VA . -35.84 13.35 5.84
C13 C14 VA . -36.80 12.91 4.75
C14 C14 VA . -37.13 11.43 4.82
C01 C14 WA . -43.86 23.10 11.00
C02 C14 WA . -42.44 22.52 10.95
C03 C14 WA . -41.84 22.54 9.55
C04 C14 WA . -40.46 21.94 9.48
C05 C14 WA . -39.85 21.99 8.08
C06 C14 WA . -38.48 21.33 7.98
C07 C14 WA . -37.93 21.32 6.56
C08 C14 WA . -36.77 20.35 6.37
C09 C14 WA . -36.65 19.85 4.94
C10 C14 WA . -35.55 18.81 4.73
C11 C14 WA . -35.58 18.17 3.35
C12 C14 WA . -35.70 19.18 2.22
C13 C14 WA . -35.57 18.56 0.84
C14 C14 WA . -35.79 19.56 -0.29
C01 C14 XA . -28.89 -6.91 9.62
C02 C14 XA . -29.82 -6.23 10.63
C03 C14 XA . -29.47 -4.77 10.86
C04 C14 XA . -30.34 -4.09 11.90
C05 C14 XA . -30.21 -4.69 13.28
C06 C14 XA . -28.79 -4.62 13.85
C07 C14 XA . -28.69 -5.12 15.28
C08 C14 XA . -27.33 -4.88 15.92
C09 C14 XA . -27.37 -4.90 17.45
C10 C14 XA . -28.42 -3.94 18.01
C11 C14 XA . -29.03 -4.43 19.33
C12 C14 XA . -28.09 -4.29 20.51
C13 C14 XA . -28.77 -4.51 21.86
C14 C14 XA . -27.89 -4.13 23.03
C01 C14 YA . -20.01 -6.53 9.51
C02 C14 YA . -19.34 -6.53 10.88
C03 C14 YA . -20.21 -5.86 11.95
C04 C14 YA . -19.56 -5.88 13.34
C05 C14 YA . -20.24 -4.95 14.34
C06 C14 YA . -19.42 -4.73 15.60
C07 C14 YA . -19.88 -3.51 16.42
C08 C14 YA . -20.79 -3.88 17.58
C09 C14 YA . -21.10 -2.69 18.49
C10 C14 YA . -21.86 -3.09 19.75
C11 C14 YA . -22.14 -1.91 20.68
C12 C14 YA . -22.78 -2.33 22.00
C13 C14 YA . -23.03 -1.17 22.95
C14 C14 YA . -23.61 -1.61 24.28
C01 C14 ZA . -13.94 -2.04 16.85
C02 C14 ZA . -15.20 -1.19 16.97
C03 C14 ZA . -16.14 -1.69 18.06
C04 C14 ZA . -15.54 -1.64 19.45
C05 C14 ZA . -16.58 -1.53 20.57
C06 C14 ZA . -15.96 -1.25 21.93
C07 C14 ZA . -17.00 -0.89 22.99
C08 C14 ZA . -17.95 -2.04 23.33
C09 C14 ZA . -18.81 -1.76 24.55
C10 C14 ZA . -18.00 -1.50 25.81
C11 C14 ZA . -17.59 -2.76 26.55
C12 C14 ZA . -18.77 -3.50 27.16
C13 C14 ZA . -18.35 -4.69 28.02
C14 C14 ZA . -19.55 -5.49 28.55
C01 C14 AB . -8.16 25.60 16.27
C02 C14 AB . -7.89 25.60 17.75
C03 C14 AB . -8.21 26.92 18.39
C04 C14 AB . -7.90 27.01 19.86
C05 C14 AB . -8.46 28.23 20.52
C06 C14 AB . -8.20 28.31 22.01
C07 C14 AB . -9.16 29.22 22.75
C08 C14 AB . -9.00 29.20 24.24
C09 C14 AB . -10.19 29.75 24.98
C10 C14 AB . -11.24 28.73 25.38
C11 C14 AB . -10.86 27.86 26.56
C12 C14 AB . -12.04 27.36 27.35
C13 C14 AB . -13.03 26.53 26.58
C14 C14 AB . -14.38 26.33 27.25
C01 C14 BB . -11.59 -1.50 31.67
C02 C14 BB . -11.64 -2.55 30.57
C03 C14 BB . -12.18 -2.01 29.26
C04 C14 BB . -12.24 -3.06 28.14
C05 C14 BB . -10.88 -3.71 27.86
C06 C14 BB . -10.83 -4.44 26.52
C07 C14 BB . -11.14 -3.54 25.34
C08 C14 BB . -10.70 -4.12 24.00
C09 C14 BB . -9.19 -4.35 23.91
C10 C14 BB . -8.71 -4.73 22.51
C11 C14 BB . -9.46 -5.93 21.94
C12 C14 BB . -8.84 -6.46 20.64
C13 C14 BB . -9.55 -7.68 20.08
C14 C14 BB . -8.82 -8.30 18.90
C01 C14 CB . -12.29 0.68 24.93
C02 C14 CB . -13.61 1.42 25.08
C03 C14 CB . -13.48 2.69 25.92
C04 C14 CB . -13.22 2.41 27.40
C05 C14 CB . -14.48 1.99 28.15
C06 C14 CB . -14.41 2.25 29.65
C07 C14 CB . -15.74 2.01 30.36
C08 C14 CB . -15.71 2.36 31.85
C09 C14 CB . -14.59 1.67 32.61
C10 C14 CB . -14.72 1.82 34.12
C11 C14 CB . -13.45 1.49 34.88
C12 C14 CB . -13.56 1.77 36.38
C13 C14 CB . -14.73 1.05 37.04
C14 C14 CB . -14.98 1.51 38.47
C01 C14 DB . -13.55 -10.20 7.90
C02 C14 DB . -14.56 -10.66 6.85
C03 C14 DB . -13.95 -10.75 5.45
C04 C14 DB . -14.96 -11.17 4.39
C05 C14 DB . -14.33 -11.35 3.01
C06 C14 DB . -15.32 -11.76 1.94
C07 C14 DB . -16.32 -10.66 1.58
C08 C14 DB . -17.35 -11.08 0.55
C09 C14 DB . -16.75 -11.40 -0.81
C10 C14 DB . -17.77 -11.92 -1.82
C11 C14 DB . -17.21 -12.05 -3.23
C12 C14 DB . -16.68 -10.75 -3.80
C13 C14 DB . -16.24 -10.85 -5.26
C14 C14 DB . -15.52 -9.61 -5.74
C01 C14 EB . -22.11 -10.09 -8.28
C02 C14 EB . -21.36 -10.15 -6.95
C03 C14 EB . -20.36 -9.02 -6.79
C04 C14 EB . -19.65 -9.03 -5.44
C05 C14 EB . -20.62 -9.05 -4.25
C06 C14 EB . -19.92 -8.95 -2.90
C07 C14 EB . -20.87 -8.98 -1.72
C08 C14 EB . -22.01 -7.97 -1.84
C09 C14 EB . -22.71 -7.67 -0.51
C10 C14 EB . -21.98 -6.64 0.34
C11 C14 EB . -21.19 -7.25 1.50
C12 C14 EB . -20.70 -6.21 2.49
C13 C14 EB . -20.07 -6.84 3.74
C14 C14 EB . -19.74 -5.80 4.80
C01 C14 FB . -13.36 -16.87 -5.19
C02 C14 FB . -13.31 -15.47 -4.57
C03 C14 FB . -14.02 -15.40 -3.23
C04 C14 FB . -13.28 -16.10 -2.11
C05 C14 FB . -14.01 -16.06 -0.77
C06 C14 FB . -13.14 -16.46 0.41
C07 C14 FB . -12.62 -17.88 0.33
C08 C14 FB . -11.53 -18.20 1.36
C09 C14 FB . -12.07 -18.43 2.76
C10 C14 FB . -11.94 -17.22 3.68
C11 C14 FB . -12.37 -17.49 5.11
C12 C14 FB . -12.54 -16.21 5.93
C13 C14 FB . -12.69 -16.46 7.42
C14 C14 FB . -11.41 -17.03 8.05
C01 C14 GB . -1.64 -14.74 -1.07
C02 C14 GB . -1.98 -15.49 0.21
C03 C14 GB . -3.35 -16.14 0.17
C04 C14 GB . -3.66 -17.00 1.40
C05 C14 GB . -5.05 -17.61 1.38
C06 C14 GB . -5.28 -18.61 2.50
C07 C14 GB . -6.71 -19.13 2.57
C08 C14 GB . -7.73 -18.06 2.96
C09 C14 GB . -8.32 -18.26 4.34
C10 C14 GB . -7.31 -18.05 5.47
C11 C14 GB . -7.92 -18.20 6.87
C12 C14 GB . -6.94 -17.86 7.99
C13 C14 GB . -7.56 -17.93 9.37
C14 C14 GB . -6.59 -17.51 10.47
C01 C14 HB . -1.89 21.66 0.20
C02 C14 HB . -1.64 20.93 -1.11
C03 C14 HB . -0.68 21.69 -2.03
C04 C14 HB . -0.26 20.91 -3.27
C05 C14 HB . 0.83 21.60 -4.06
C06 C14 HB . 1.18 20.90 -5.38
C07 C14 HB . 1.84 19.55 -5.19
C08 C14 HB . 2.53 19.04 -6.46
C09 C14 HB . 1.57 18.74 -7.60
C10 C14 HB . 1.48 17.27 -7.94
C11 C14 HB . 0.86 16.99 -9.31
C12 C14 HB . 0.82 15.51 -9.65
C13 C14 HB . 0.17 15.22 -11.00
C14 C14 HB . -0.10 13.74 -11.22
C01 C14 IB . -34.65 -0.70 -2.23
C02 C14 IB . -35.33 -0.63 -3.59
C03 C14 IB . -34.55 -1.38 -4.68
C04 C14 IB . -35.04 -1.06 -6.08
C05 C14 IB . -34.08 -1.53 -7.18
C06 C14 IB . -34.30 -0.85 -8.53
C07 C14 IB . -33.19 -1.14 -9.53
C08 C14 IB . -33.49 -0.59 -10.93
C09 C14 IB . -32.48 -1.01 -11.97
C10 C14 IB . -31.19 -0.19 -11.94
C11 C14 IB . -30.41 -0.21 -13.25
C12 C14 IB . -29.31 -1.27 -13.30
C13 C14 IB . -28.51 -1.25 -14.60
C14 C14 IB . -27.36 -2.25 -14.61
C01 C14 JB . -36.53 15.41 -10.68
C02 C14 JB . -35.62 16.44 -11.31
C03 C14 JB . -35.03 15.97 -12.63
C04 C14 JB . -36.09 15.65 -13.69
C05 C14 JB . -35.50 15.07 -14.97
C06 C14 JB . -36.49 15.03 -16.12
C07 C14 JB . -37.47 13.86 -16.05
C08 C14 JB . -38.36 13.77 -17.29
C09 C14 JB . -39.26 12.54 -17.29
C10 C14 JB . -40.06 12.40 -18.58
C11 C14 JB . -40.87 11.11 -18.65
C12 C14 JB . -41.53 10.88 -20.00
C13 C14 JB . -42.30 9.58 -20.10
C14 C14 JB . -42.87 9.33 -21.49
C01 C14 KB . -43.93 15.93 20.57
C02 C14 KB . -43.21 14.72 20.01
C03 C14 KB . -42.73 14.93 18.58
C04 C14 KB . -42.02 13.72 17.98
C05 C14 KB . -41.52 13.95 16.57
C06 C14 KB . -41.06 12.68 15.86
C07 C14 KB . -40.75 12.91 14.39
C08 C14 KB . -40.85 11.65 13.54
C09 C14 KB . -40.84 11.93 12.04
C10 C14 KB . -40.79 10.68 11.18
C11 C14 KB . -40.71 10.97 9.69
C12 C14 KB . -40.50 9.72 8.85
C13 C14 KB . -40.44 10.02 7.35
C14 C14 KB . -40.02 8.80 6.53
C01 C14 LB . -37.40 7.10 -8.95
C02 C14 LB . -37.64 5.72 -9.55
C03 C14 LB . -37.63 5.72 -11.07
C04 C14 LB . -38.82 6.43 -11.69
C05 C14 LB . -38.62 6.74 -13.17
C06 C14 LB . -39.88 7.24 -13.86
C07 C14 LB . -39.63 7.71 -15.29
C08 C14 LB . -40.88 7.67 -16.17
C09 C14 LB . -41.51 6.28 -16.23
C10 C14 LB . -42.56 6.15 -17.31
C11 C14 LB . -43.08 4.72 -17.47
C12 C14 LB . -43.99 4.54 -18.67
C13 C14 LB . -43.36 4.96 -19.99
C14 C14 LB . -44.26 4.72 -21.19
C01 C14 MB . -22.64 29.51 -18.48
C02 C14 MB . -23.28 29.00 -17.19
C03 C14 MB . -23.29 30.06 -16.09
C04 C14 MB . -23.91 29.57 -14.78
C05 C14 MB . -23.88 30.63 -13.69
C06 C14 MB . -24.35 30.12 -12.33
C07 C14 MB . -25.87 30.10 -12.19
C08 C14 MB . -26.34 29.74 -10.78
C09 C14 MB . -27.86 29.73 -10.64
C10 C14 MB . -28.33 29.16 -9.29
C11 C14 MB . -29.84 29.10 -9.15
C12 C14 MB . -30.30 28.47 -7.84
C13 C14 MB . -31.81 28.55 -7.63
C14 C14 MB . -32.25 27.98 -6.29
CA CA NB . -23.72 13.86 -15.75
CA CA OB . -26.46 15.52 -12.71
C1 JGX PB . -17.92 18.10 24.27
C2 JGX PB . -16.43 17.95 24.30
C4 JGX PB . -14.87 19.27 25.42
C5 JGX PB . -13.66 18.86 24.87
C6 JGX PB . -12.59 19.74 24.80
C7 JGX PB . -12.73 21.03 25.32
C8 JGX PB . -13.95 21.43 25.87
C9 JGX PB . -15.02 20.55 25.92
C11 JGX PB . -17.02 21.69 25.59
C12 JGX PB . -17.43 22.98 26.37
C14 JGX PB . -19.60 23.39 27.38
C15 JGX PB . -21.10 23.55 27.04
C16 JGX PB . -21.93 24.66 27.59
C17 JGX PB . -23.31 24.61 27.63
C18 JGX PB . -24.08 25.64 28.13
C19 JGX PB . -23.48 26.79 28.56
C20 JGX PB . -22.10 26.91 28.53
C21 JGX PB . -21.40 25.81 28.04
C27 JGX PB . -24.90 28.76 28.19
C28 JGX PB . -19.40 22.07 28.08
N13 JGX PB . -18.79 23.37 26.16
N25 JGX PB . -20.75 29.09 27.83
O3 JGX PB . -15.98 18.51 25.50
O10 JGX PB . -16.20 20.88 26.41
O23 JGX PB . -22.03 29.11 29.68
O24 JGX PB . -20.11 27.58 29.56
O26 JGX PB . -24.25 27.84 29.08
S22 JGX PB . -21.25 28.19 29.03
#